data_7KB6
#
_entry.id   7KB6
#
_cell.length_a   102.909
_cell.length_b   102.909
_cell.length_c   239.827
_cell.angle_alpha   90.000
_cell.angle_beta   90.000
_cell.angle_gamma   120.000
#
_symmetry.space_group_name_H-M   'P 32'
#
loop_
_entity.id
_entity.type
_entity.pdbx_description
1 polymer 'Isoform 2 of Neutral alpha-glucosidase AB'
2 polymer 'Glucosidase 2 subunit beta'
3 non-polymer 'TRIETHYLENE GLYCOL'
4 non-polymer 1,2-ETHANEDIOL
5 non-polymer DI(HYDROXYETHYL)ETHER
6 non-polymer (1S,2S,3R,4S,5S)-1-(hydroxymethyl)-5-[(6-{[2-nitro-4-(pyrimidin-2-yl)phenyl]amino}hexyl)amino]cyclohexane-1,2,3,4-tetrol
7 non-polymer 'SULFATE ION'
8 non-polymer 'CALCIUM ION'
9 non-polymer 'TETRAETHYLENE GLYCOL'
10 water water
#
loop_
_entity_poly.entity_id
_entity_poly.type
_entity_poly.pdbx_seq_one_letter_code
_entity_poly.pdbx_strand_id
1 'polypeptide(L)'
;MGILPSPGMPALLSLVSLLSVLLMGCVAETGVDRSNFKTCDESSFCKRQRSIRPGLSPYRALLDTLQLGPDALTVHLIHE
VTKVLLVLELQGLQKDMTRIRIDELEPRRPRYRVPDVLVADPPTARLSVSGRDDNSVELTVAEGPYKIILTAQPFRLDLL
EDRSLLLSVNARGLMAFEHQRAPRVPFSDKVSLALGSVWDKIKNLFSRQESKDPAEGNGAQPEATPGDGDKPEETQEKAE
KDEPGAWEETFKTHSDSKPYGPTSVGLDFSLPGMEHVYGIPEHADSLRLKVTEGGEPYRLYNLDVFQYELNNPMALYGSV
PVLLAHSFHRDLGIFWLNAAETWVDISSNTAGKTLFGKMLDYLQGSGETPQTDIRWMSESGIIDVFLMLGPSVFDVFRQY
ASLTGTQALPPLFSLGYHQSRWNYRDEADVLEVDQGFDDHNMPCDVIWLDIEHADGKRYFTWDPTRFPQPLNMLEHLASK
RRKLVAIVDPHIKVDSGYRVHEELRNHGLYVKTRDGSDYEGWCWPGSASYPDFTNPRMRAWWSNMFSFDNYEGSAPNLYV
WNDMNEPSVFNGPEVTMLKDAVHYGGWEHRDIHNIYGLYVHMATADGLIQRSGGIERPFVLSRAFFSGSQRFGAVWTGDN
TAEWDHLKISIPMCLSLALVGLSFCGADVGGFFKNPEPELLVRWYQMGAYQPFFRAHAHLDTGRREPWLLASQYQDAIRD
ALFQRYSLLPFWYTLFYQAHKEGFPVMRPLWVQYPEDMSTFSIEDQFMLGDALLIHPVSDAGAHGVQVYLPGQEEVWYDI
QSYQKHHGPQTLYLPVTLSSIPVFQRGGTIVPRWMRVRRSSDCMKDDPITLFVALSPQGTAQGELFLDDGHTFNYQTRHE
FLLRRFSFSGSTLVSSSADPKGHLETPIWIERVVIMGAGKPAAVVLQTKGSPESRLSFQHDPETSVLILRKPGVSVASDW
SIHLRSAWSHPQFEKLE
;
A,C
2 'polypeptide(L)'
;MGILPSPGMPALLSLVSLLSVLLMGCVAETGVEVKRPRGVSLSNHHFYEESKPFTCLDGTATIPFDQVNDDYCDCKDGSD
EPGTAACPNGSFHCTNTGYKPLYILSSRVNDGVCDCCDGTDEYNSGTVCENTCREKGRKEKESLQQLAEVTREGFRLKKI
LIEEWKTAREEKQSKLLELQAGKKSLEDQVETLRAAKEEAERPEKEAKDQHRKLWEEQQAAAKARREQERAASAFQELDD
NMDGMVSLAELQTHPELDTDGDGALSEEEAQALLSGDTQTDTTSFYDRVWAAIRDKYRSEVPPTDIPVPEETEPKEEKPP
VLPPTEEEEEEEEEPEEEEEEEEEEEEAPPPLQPPQPPSPTEDEKMPPYDEETQAIIDAAQEARSKFEEVERSLKEMEES
IRSLEQEISFDFGPSGEFAYLYSQCYELTTNEYVYRLCPFKLVSQKPKHGGSPTSLGTWGSWAGPDHDKFSAMKYEQGTG
CWQGPNRSTTVRLLCGKETVVTSTTEPSRCEYLMELMTPAACPEPPPEAPSDGDSAWSHPQFEKLETKHHHHHH
;
B,D
#
loop_
_chem_comp.id
_chem_comp.type
_chem_comp.name
_chem_comp.formula
CA non-polymer 'CALCIUM ION' 'Ca 2'
EDO non-polymer 1,2-ETHANEDIOL 'C2 H6 O2'
PEG non-polymer DI(HYDROXYETHYL)ETHER 'C4 H10 O3'
PG4 non-polymer 'TETRAETHYLENE GLYCOL' 'C8 H18 O5'
PGE non-polymer 'TRIETHYLENE GLYCOL' 'C6 H14 O4'
SO4 non-polymer 'SULFATE ION' 'O4 S -2'
XOD non-polymer (1S,2S,3R,4S,5S)-1-(hydroxymethyl)-5-[(6-{[2-nitro-4-(pyrimidin-2-yl)phenyl]amino}hexyl)amino]cyclohexane-1,2,3,4-tetrol 'C23 H33 N5 O7'
#
# COMPACT_ATOMS: atom_id res chain seq x y z
N ASP A 33 16.00 -18.10 -18.95
CA ASP A 33 14.70 -18.20 -18.29
C ASP A 33 13.57 -18.07 -19.30
N ARG A 34 13.89 -18.26 -20.57
CA ARG A 34 12.98 -17.99 -21.67
C ARG A 34 12.35 -19.26 -22.25
N SER A 35 12.41 -20.38 -21.52
CA SER A 35 11.69 -21.57 -21.95
C SER A 35 10.19 -21.37 -21.98
N ASN A 36 9.70 -20.30 -21.36
CA ASN A 36 8.28 -19.96 -21.38
C ASN A 36 7.77 -19.70 -22.80
N PHE A 37 8.62 -19.15 -23.67
CA PHE A 37 8.18 -18.62 -24.95
C PHE A 37 8.79 -19.40 -26.10
N LYS A 38 7.97 -19.67 -27.12
CA LYS A 38 8.38 -20.54 -28.21
C LYS A 38 9.34 -19.83 -29.15
N THR A 39 10.41 -20.52 -29.50
CA THR A 39 11.20 -20.14 -30.67
C THR A 39 10.49 -20.60 -31.93
N CYS A 40 11.01 -20.19 -33.09
CA CYS A 40 10.38 -20.58 -34.34
C CYS A 40 10.35 -22.10 -34.48
N ASP A 41 11.40 -22.77 -34.02
CA ASP A 41 11.46 -24.22 -34.11
C ASP A 41 10.42 -24.89 -33.20
N GLU A 42 10.07 -24.24 -32.09
CA GLU A 42 9.03 -24.76 -31.20
C GLU A 42 7.63 -24.37 -31.64
N SER A 43 7.50 -23.44 -32.58
CA SER A 43 6.22 -23.12 -33.20
C SER A 43 6.08 -23.98 -34.45
N SER A 44 5.14 -24.93 -34.43
CA SER A 44 5.10 -25.95 -35.47
C SER A 44 4.87 -25.35 -36.85
N PHE A 45 4.02 -24.31 -36.95
CA PHE A 45 3.79 -23.73 -38.27
C PHE A 45 4.97 -22.87 -38.72
N CYS A 46 5.66 -22.21 -37.78
CA CYS A 46 6.89 -21.52 -38.16
C CYS A 46 7.96 -22.51 -38.59
N LYS A 47 8.08 -23.63 -37.89
CA LYS A 47 9.04 -24.66 -38.26
C LYS A 47 8.77 -25.17 -39.68
N ARG A 48 7.50 -25.45 -39.98
CA ARG A 48 7.14 -25.92 -41.32
C ARG A 48 7.48 -24.89 -42.39
N GLN A 49 6.93 -23.66 -42.24
CA GLN A 49 7.15 -22.61 -43.23
C GLN A 49 8.63 -22.30 -43.41
N ARG A 50 9.37 -22.15 -42.31
CA ARG A 50 10.76 -21.75 -42.41
C ARG A 50 11.64 -22.86 -42.99
N SER A 51 11.17 -24.11 -42.99
CA SER A 51 11.92 -25.18 -43.62
C SER A 51 11.88 -25.08 -45.15
N ILE A 52 10.90 -24.36 -45.68
CA ILE A 52 10.86 -24.08 -47.11
C ILE A 52 11.95 -23.06 -47.43
N ARG A 53 12.92 -23.46 -48.22
CA ARG A 53 14.06 -22.64 -48.56
C ARG A 53 13.91 -22.03 -49.94
N PRO A 54 14.64 -20.93 -50.23
CA PRO A 54 14.50 -20.27 -51.54
C PRO A 54 14.75 -21.23 -52.69
N GLY A 55 13.73 -21.37 -53.54
CA GLY A 55 13.87 -22.24 -54.69
C GLY A 55 12.75 -22.03 -55.67
N LEU A 56 12.55 -23.03 -56.52
CA LEU A 56 11.57 -22.96 -57.59
C LEU A 56 10.17 -23.15 -57.01
N SER A 57 9.33 -22.12 -57.12
CA SER A 57 8.00 -22.20 -56.54
C SER A 57 7.14 -23.20 -57.29
N PRO A 58 6.39 -24.06 -56.59
CA PRO A 58 5.44 -24.95 -57.24
C PRO A 58 4.13 -24.30 -57.62
N TYR A 59 3.94 -23.02 -57.32
CA TYR A 59 2.70 -22.34 -57.65
C TYR A 59 2.79 -21.75 -59.05
N ARG A 60 1.66 -21.77 -59.75
CA ARG A 60 1.61 -21.33 -61.14
C ARG A 60 0.25 -20.72 -61.39
N ALA A 61 0.22 -19.65 -62.19
CA ALA A 61 -1.01 -18.92 -62.47
C ALA A 61 -1.63 -19.43 -63.76
N LEU A 62 -2.93 -19.72 -63.70
CA LEU A 62 -3.68 -20.22 -64.85
C LEU A 62 -4.26 -19.02 -65.59
N LEU A 63 -3.51 -18.53 -66.58
CA LEU A 63 -3.91 -17.32 -67.31
C LEU A 63 -5.24 -17.50 -68.05
N ASP A 64 -5.69 -18.74 -68.23
CA ASP A 64 -7.02 -18.96 -68.81
C ASP A 64 -8.13 -18.46 -67.89
N THR A 65 -7.88 -18.40 -66.59
CA THR A 65 -8.89 -18.02 -65.61
C THR A 65 -8.84 -16.54 -65.29
N LEU A 66 -8.04 -15.77 -66.03
CA LEU A 66 -7.89 -14.35 -65.76
C LEU A 66 -9.19 -13.60 -65.99
N GLN A 67 -9.48 -12.63 -65.13
CA GLN A 67 -10.67 -11.81 -65.29
C GLN A 67 -10.40 -10.42 -64.74
N LEU A 68 -10.65 -9.41 -65.56
CA LEU A 68 -10.52 -8.01 -65.15
C LEU A 68 -11.88 -7.55 -64.65
N GLY A 69 -12.00 -7.38 -63.33
CA GLY A 69 -13.26 -6.98 -62.73
C GLY A 69 -13.34 -5.48 -62.57
N PRO A 70 -14.48 -5.00 -62.09
CA PRO A 70 -14.65 -3.55 -61.88
C PRO A 70 -13.69 -2.99 -60.85
N ASP A 71 -13.26 -3.78 -59.89
CA ASP A 71 -12.35 -3.30 -58.86
C ASP A 71 -11.02 -4.03 -58.80
N ALA A 72 -10.90 -5.18 -59.46
CA ALA A 72 -9.75 -6.04 -59.20
C ALA A 72 -9.49 -6.93 -60.40
N LEU A 73 -8.31 -7.56 -60.38
CA LEU A 73 -7.95 -8.64 -61.29
C LEU A 73 -7.92 -9.93 -60.49
N THR A 74 -8.75 -10.90 -60.88
CA THR A 74 -8.74 -12.22 -60.28
C THR A 74 -8.13 -13.23 -61.25
N VAL A 75 -7.32 -14.12 -60.71
CA VAL A 75 -6.72 -15.20 -61.50
C VAL A 75 -6.49 -16.38 -60.58
N HIS A 76 -6.74 -17.59 -61.10
CA HIS A 76 -6.54 -18.79 -60.32
C HIS A 76 -5.07 -19.16 -60.28
N LEU A 77 -4.61 -19.57 -59.10
CA LEU A 77 -3.30 -20.19 -58.94
C LEU A 77 -3.50 -21.64 -58.55
N ILE A 78 -2.50 -22.46 -58.82
CA ILE A 78 -2.57 -23.89 -58.53
C ILE A 78 -1.22 -24.36 -58.05
N HIS A 79 -1.23 -25.22 -57.04
CA HIS A 79 -0.02 -25.89 -56.59
C HIS A 79 0.24 -27.07 -57.52
N GLU A 80 1.40 -27.08 -58.17
CA GLU A 80 1.65 -28.05 -59.24
C GLU A 80 1.62 -29.49 -58.73
N VAL A 81 2.01 -29.71 -57.48
CA VAL A 81 2.07 -31.07 -56.93
C VAL A 81 0.74 -31.48 -56.31
N THR A 82 0.20 -30.65 -55.42
CA THR A 82 -1.02 -31.01 -54.68
C THR A 82 -2.30 -30.65 -55.43
N LYS A 83 -2.21 -29.92 -56.54
CA LYS A 83 -3.37 -29.49 -57.33
C LYS A 83 -4.35 -28.63 -56.53
N VAL A 84 -3.91 -28.07 -55.39
CA VAL A 84 -4.74 -27.12 -54.66
C VAL A 84 -4.92 -25.85 -55.48
N LEU A 85 -6.14 -25.36 -55.55
CA LEU A 85 -6.47 -24.16 -56.33
C LEU A 85 -6.65 -22.97 -55.40
N LEU A 86 -5.95 -21.88 -55.70
CA LEU A 86 -6.06 -20.62 -54.98
C LEU A 86 -6.59 -19.54 -55.92
N VAL A 87 -7.00 -18.40 -55.34
CA VAL A 87 -7.50 -17.26 -56.11
C VAL A 87 -6.72 -16.03 -55.70
N LEU A 88 -5.99 -15.44 -56.65
CA LEU A 88 -5.30 -14.18 -56.43
C LEU A 88 -6.23 -13.04 -56.81
N GLU A 89 -6.44 -12.10 -55.88
CA GLU A 89 -7.16 -10.86 -56.15
C GLU A 89 -6.13 -9.74 -56.12
N LEU A 90 -5.92 -9.11 -57.27
CA LEU A 90 -4.89 -8.09 -57.45
C LEU A 90 -5.58 -6.76 -57.71
N GLN A 91 -5.14 -5.71 -57.01
CA GLN A 91 -5.76 -4.40 -57.11
C GLN A 91 -4.71 -3.31 -57.15
N GLY A 92 -4.84 -2.41 -58.13
CA GLY A 92 -4.18 -1.13 -58.06
C GLY A 92 -5.10 -0.17 -57.30
N LEU A 93 -4.51 0.62 -56.41
CA LEU A 93 -5.28 1.52 -55.57
C LEU A 93 -4.91 2.96 -55.86
N GLN A 94 -5.87 3.85 -55.61
CA GLN A 94 -5.57 5.28 -55.56
C GLN A 94 -4.48 5.53 -54.54
N LYS A 95 -3.73 6.62 -54.76
CA LYS A 95 -2.57 6.99 -53.95
C LYS A 95 -1.41 6.02 -54.15
N ASP A 96 -1.34 5.38 -55.31
CA ASP A 96 -0.18 4.60 -55.75
C ASP A 96 0.13 3.47 -54.77
N MET A 97 -0.86 2.60 -54.58
CA MET A 97 -0.72 1.41 -53.77
C MET A 97 -1.24 0.21 -54.55
N THR A 98 -0.71 -0.96 -54.20
CA THR A 98 -1.17 -2.24 -54.72
C THR A 98 -1.62 -3.10 -53.55
N ARG A 99 -2.72 -3.81 -53.72
CA ARG A 99 -3.19 -4.79 -52.74
C ARG A 99 -3.21 -6.17 -53.38
N ILE A 100 -2.62 -7.13 -52.68
CA ILE A 100 -2.56 -8.52 -53.11
C ILE A 100 -3.30 -9.36 -52.06
N ARG A 101 -4.34 -10.06 -52.49
CA ARG A 101 -5.05 -10.98 -51.63
C ARG A 101 -5.12 -12.36 -52.27
N ILE A 102 -4.84 -13.39 -51.48
CA ILE A 102 -4.85 -14.78 -51.93
C ILE A 102 -5.67 -15.59 -50.94
N ASP A 103 -6.66 -16.33 -51.45
CA ASP A 103 -7.48 -17.22 -50.65
C ASP A 103 -7.71 -18.50 -51.45
N GLU A 104 -8.29 -19.51 -50.80
CA GLU A 104 -8.63 -20.74 -51.49
C GLU A 104 -9.80 -20.52 -52.44
N LEU A 105 -9.79 -21.28 -53.54
CA LEU A 105 -10.88 -21.18 -54.51
C LEU A 105 -12.19 -21.69 -53.94
N GLU A 106 -12.19 -22.92 -53.41
CA GLU A 106 -13.36 -23.50 -52.76
C GLU A 106 -12.91 -24.10 -51.43
N PRO A 107 -12.91 -23.29 -50.36
CA PRO A 107 -12.45 -23.80 -49.07
C PRO A 107 -13.54 -24.56 -48.34
N ARG A 108 -13.12 -25.48 -47.48
CA ARG A 108 -14.06 -26.19 -46.63
C ARG A 108 -14.74 -25.26 -45.64
N ARG A 109 -13.96 -24.37 -45.02
CA ARG A 109 -14.44 -23.38 -44.08
C ARG A 109 -13.84 -22.01 -44.41
N PRO A 110 -14.56 -20.93 -44.12
CA PRO A 110 -14.05 -19.60 -44.43
C PRO A 110 -12.76 -19.30 -43.66
N ARG A 111 -11.89 -18.52 -44.30
CA ARG A 111 -10.65 -18.06 -43.68
C ARG A 111 -10.84 -16.65 -43.13
N TYR A 112 -10.07 -16.33 -42.11
CA TYR A 112 -10.22 -15.03 -41.44
C TYR A 112 -9.68 -13.90 -42.29
N ARG A 113 -10.42 -12.80 -42.33
CA ARG A 113 -9.99 -11.55 -42.93
C ARG A 113 -10.13 -10.45 -41.89
N VAL A 114 -9.09 -9.66 -41.70
CA VAL A 114 -9.01 -8.75 -40.55
C VAL A 114 -10.01 -7.61 -40.68
N PRO A 115 -10.98 -7.49 -39.76
CA PRO A 115 -11.94 -6.40 -39.81
C PRO A 115 -11.51 -5.23 -38.93
N ASP A 116 -12.23 -4.11 -39.10
CA ASP A 116 -12.15 -2.95 -38.21
C ASP A 116 -10.79 -2.26 -38.19
N VAL A 117 -9.82 -2.76 -38.95
CA VAL A 117 -8.50 -2.12 -38.99
C VAL A 117 -8.43 -1.08 -40.11
N LEU A 118 -8.90 -1.41 -41.30
CA LEU A 118 -9.01 -0.42 -42.36
C LEU A 118 -10.13 0.57 -42.03
N VAL A 119 -9.85 1.86 -42.21
CA VAL A 119 -10.86 2.88 -41.91
C VAL A 119 -11.88 3.00 -43.03
N ALA A 120 -11.54 2.55 -44.24
CA ALA A 120 -12.43 2.67 -45.38
C ALA A 120 -12.13 1.53 -46.35
N ASP A 121 -13.03 1.34 -47.30
CA ASP A 121 -12.75 0.48 -48.45
C ASP A 121 -11.81 1.25 -49.37
N PRO A 122 -10.57 0.80 -49.56
CA PRO A 122 -9.58 1.61 -50.28
C PRO A 122 -10.03 1.89 -51.71
N PRO A 123 -10.05 3.16 -52.11
CA PRO A 123 -10.42 3.51 -53.50
C PRO A 123 -9.49 2.83 -54.50
N THR A 124 -10.09 2.13 -55.46
CA THR A 124 -9.35 1.37 -56.44
C THR A 124 -9.02 2.22 -57.66
N ALA A 125 -7.94 1.87 -58.34
CA ALA A 125 -7.61 2.39 -59.65
C ALA A 125 -7.79 1.29 -60.69
N ARG A 126 -8.13 1.69 -61.91
CA ARG A 126 -8.39 0.73 -62.98
C ARG A 126 -7.10 0.06 -63.46
N LEU A 127 -7.16 -1.25 -63.62
CA LEU A 127 -6.07 -2.02 -64.21
C LEU A 127 -6.36 -2.28 -65.69
N SER A 128 -5.28 -2.34 -66.47
CA SER A 128 -5.36 -2.64 -67.90
C SER A 128 -4.30 -3.65 -68.27
N VAL A 129 -4.65 -4.56 -69.18
CA VAL A 129 -3.65 -5.43 -69.78
C VAL A 129 -2.97 -4.63 -70.89
N SER A 130 -1.69 -4.32 -70.70
CA SER A 130 -0.92 -3.54 -71.66
C SER A 130 0.19 -4.35 -72.33
N GLY A 131 0.25 -5.65 -72.08
CA GLY A 131 1.26 -6.51 -72.65
C GLY A 131 1.03 -7.94 -72.18
N ARG A 132 1.48 -8.89 -73.01
N ARG A 132 1.39 -8.91 -73.02
CA ARG A 132 1.18 -10.29 -72.80
CA ARG A 132 1.28 -10.31 -72.63
C ARG A 132 2.14 -11.16 -73.61
C ARG A 132 2.13 -11.15 -73.57
N ASP A 133 2.34 -12.40 -73.15
CA ASP A 133 3.04 -13.40 -73.94
C ASP A 133 2.58 -14.76 -73.41
N ASP A 134 3.37 -15.81 -73.70
CA ASP A 134 2.96 -17.15 -73.30
C ASP A 134 3.02 -17.35 -71.79
N ASN A 135 3.92 -16.62 -71.11
CA ASN A 135 4.17 -16.83 -69.69
C ASN A 135 4.00 -15.54 -68.87
N SER A 136 3.27 -14.55 -69.38
CA SER A 136 3.26 -13.24 -68.73
C SER A 136 2.01 -12.47 -69.12
N VAL A 137 1.57 -11.61 -68.20
CA VAL A 137 0.57 -10.58 -68.47
C VAL A 137 1.08 -9.31 -67.80
N GLU A 138 1.24 -8.25 -68.58
CA GLU A 138 1.65 -6.95 -68.03
C GLU A 138 0.41 -6.11 -67.78
N LEU A 139 0.35 -5.50 -66.60
CA LEU A 139 -0.79 -4.70 -66.19
C LEU A 139 -0.36 -3.27 -65.97
N THR A 140 -1.23 -2.33 -66.33
CA THR A 140 -0.97 -0.91 -66.12
C THR A 140 -2.01 -0.37 -65.15
N VAL A 141 -1.54 0.34 -64.13
CA VAL A 141 -2.44 0.96 -63.17
C VAL A 141 -2.89 2.31 -63.73
N ALA A 142 -4.20 2.45 -63.93
CA ALA A 142 -4.78 3.63 -64.58
C ALA A 142 -4.09 3.89 -65.90
N GLU A 143 -3.41 5.03 -66.02
CA GLU A 143 -2.68 5.37 -67.24
C GLU A 143 -1.18 5.56 -66.96
N GLY A 144 -0.66 4.86 -65.97
CA GLY A 144 0.75 4.90 -65.66
C GLY A 144 1.07 5.87 -64.55
N PRO A 145 2.33 5.88 -64.08
CA PRO A 145 3.44 5.09 -64.62
C PRO A 145 3.65 3.72 -63.96
N TYR A 146 2.73 3.26 -63.12
CA TYR A 146 2.94 2.04 -62.36
C TYR A 146 2.43 0.82 -63.12
N LYS A 147 3.25 -0.22 -63.18
CA LYS A 147 2.94 -1.45 -63.90
C LYS A 147 3.18 -2.65 -63.01
N ILE A 148 2.36 -3.68 -63.19
CA ILE A 148 2.49 -4.94 -62.47
C ILE A 148 2.62 -6.06 -63.50
N ILE A 149 3.72 -6.80 -63.45
CA ILE A 149 3.96 -7.93 -64.34
C ILE A 149 3.65 -9.22 -63.58
N LEU A 150 2.64 -9.94 -64.03
CA LEU A 150 2.29 -11.25 -63.49
C LEU A 150 2.93 -12.33 -64.35
N THR A 151 3.85 -13.10 -63.77
CA THR A 151 4.43 -14.25 -64.43
C THR A 151 3.62 -15.50 -64.08
N ALA A 152 3.27 -16.28 -65.11
CA ALA A 152 2.41 -17.44 -64.91
C ALA A 152 3.16 -18.61 -64.26
N GLN A 153 4.34 -18.94 -64.79
CA GLN A 153 5.08 -20.11 -64.33
C GLN A 153 6.57 -19.82 -64.26
N PRO A 154 7.16 -19.83 -63.06
CA PRO A 154 6.46 -19.98 -61.78
C PRO A 154 5.73 -18.70 -61.42
N PHE A 155 4.73 -18.78 -60.52
CA PHE A 155 4.00 -17.59 -60.11
C PHE A 155 4.95 -16.54 -59.53
N ARG A 156 4.72 -15.28 -59.90
CA ARG A 156 5.59 -14.18 -59.52
C ARG A 156 4.89 -12.88 -59.85
N LEU A 157 5.21 -11.83 -59.10
CA LEU A 157 4.72 -10.48 -59.37
C LEU A 157 5.88 -9.51 -59.28
N ASP A 158 5.99 -8.65 -60.29
CA ASP A 158 6.96 -7.56 -60.32
C ASP A 158 6.20 -6.24 -60.41
N LEU A 159 6.61 -5.27 -59.60
CA LEU A 159 5.99 -3.95 -59.61
C LEU A 159 7.00 -2.95 -60.12
N LEU A 160 6.60 -2.15 -61.10
CA LEU A 160 7.49 -1.21 -61.76
C LEU A 160 6.84 0.16 -61.83
N GLU A 161 7.68 1.18 -61.71
CA GLU A 161 7.33 2.54 -62.13
C GLU A 161 8.01 2.76 -63.48
N ASP A 162 7.21 2.86 -64.55
CA ASP A 162 7.70 2.86 -65.92
C ASP A 162 8.50 1.59 -66.19
N ARG A 163 9.83 1.71 -66.24
CA ARG A 163 10.69 0.56 -66.50
C ARG A 163 11.65 0.29 -65.36
N SER A 164 11.43 0.88 -64.19
CA SER A 164 12.26 0.64 -63.02
C SER A 164 11.55 -0.34 -62.10
N LEU A 165 12.20 -1.48 -61.83
CA LEU A 165 11.64 -2.48 -60.95
C LEU A 165 11.66 -1.98 -59.50
N LEU A 166 10.49 -1.96 -58.87
CA LEU A 166 10.40 -1.47 -57.48
C LEU A 166 10.52 -2.61 -56.48
N LEU A 167 9.77 -3.70 -56.70
CA LEU A 167 9.85 -4.85 -55.80
C LEU A 167 9.26 -6.06 -56.50
N SER A 168 9.62 -7.23 -55.99
CA SER A 168 9.10 -8.49 -56.50
C SER A 168 8.42 -9.26 -55.39
N VAL A 169 7.45 -10.09 -55.78
CA VAL A 169 6.70 -10.95 -54.88
C VAL A 169 6.92 -12.39 -55.32
N ASN A 170 7.30 -13.25 -54.37
CA ASN A 170 7.58 -14.67 -54.61
C ASN A 170 8.77 -14.87 -55.55
N ALA A 171 9.69 -13.90 -55.57
CA ALA A 171 10.87 -14.04 -56.42
C ALA A 171 11.76 -15.18 -55.95
N ARG A 172 11.68 -15.54 -54.68
CA ARG A 172 12.47 -16.65 -54.14
C ARG A 172 11.61 -17.88 -53.88
N GLY A 173 10.38 -17.90 -54.39
CA GLY A 173 9.54 -19.09 -54.33
C GLY A 173 9.16 -19.52 -52.92
N LEU A 174 9.06 -18.59 -51.99
CA LEU A 174 8.75 -18.93 -50.60
C LEU A 174 7.26 -18.87 -50.30
N MET A 175 6.41 -18.68 -51.30
CA MET A 175 4.96 -18.67 -51.06
C MET A 175 4.50 -20.02 -50.54
N ALA A 176 3.70 -20.01 -49.49
CA ALA A 176 3.21 -21.24 -48.87
C ALA A 176 1.79 -20.99 -48.36
N PHE A 177 0.87 -21.90 -48.70
CA PHE A 177 -0.55 -21.72 -48.37
C PHE A 177 -1.13 -23.09 -48.02
N GLU A 178 -1.11 -23.42 -46.73
CA GLU A 178 -1.66 -24.70 -46.26
C GLU A 178 -3.18 -24.61 -46.29
N HIS A 179 -3.81 -25.41 -47.15
CA HIS A 179 -5.26 -25.34 -47.32
C HIS A 179 -5.97 -26.10 -46.21
N GLN A 180 -7.19 -25.68 -45.92
CA GLN A 180 -8.00 -26.31 -44.87
C GLN A 180 -8.31 -27.76 -45.23
N ARG A 181 -7.76 -28.71 -44.47
CA ARG A 181 -7.91 -30.12 -44.77
C ARG A 181 -9.15 -30.69 -44.09
N ALA A 182 -9.36 -31.99 -44.28
CA ALA A 182 -10.53 -32.68 -43.73
C ALA A 182 -10.49 -32.71 -42.20
N TRP A 247 -1.38 -30.67 -36.47
CA TRP A 247 -2.66 -30.85 -35.81
C TRP A 247 -2.52 -30.65 -34.30
N GLU A 248 -3.00 -31.61 -33.50
CA GLU A 248 -2.90 -31.50 -32.05
C GLU A 248 -1.46 -31.26 -31.61
N GLU A 249 -1.24 -30.12 -30.93
CA GLU A 249 0.09 -29.69 -30.54
C GLU A 249 0.10 -29.28 -29.08
N THR A 250 1.14 -29.70 -28.37
CA THR A 250 1.32 -29.37 -26.96
C THR A 250 2.66 -28.68 -26.77
N PHE A 251 2.66 -27.57 -26.05
CA PHE A 251 3.88 -26.86 -25.68
C PHE A 251 3.86 -26.64 -24.17
N LYS A 252 4.92 -27.08 -23.49
CA LYS A 252 5.00 -27.10 -22.02
C LYS A 252 3.87 -27.99 -21.53
N THR A 253 2.92 -27.49 -20.74
CA THR A 253 1.82 -28.29 -20.23
C THR A 253 0.47 -27.87 -20.82
N HIS A 254 0.47 -27.08 -21.89
CA HIS A 254 -0.75 -26.56 -22.48
C HIS A 254 -1.00 -27.24 -23.83
N SER A 255 -2.24 -27.66 -24.06
CA SER A 255 -2.60 -28.48 -25.21
C SER A 255 -3.48 -27.68 -26.16
N ASP A 256 -3.01 -27.51 -27.39
CA ASP A 256 -3.76 -26.87 -28.47
C ASP A 256 -4.45 -27.97 -29.26
N SER A 257 -5.78 -28.04 -29.16
CA SER A 257 -6.50 -29.07 -29.90
C SER A 257 -6.38 -28.89 -31.40
N LYS A 258 -6.20 -27.64 -31.85
CA LYS A 258 -5.98 -27.27 -33.26
C LYS A 258 -6.94 -28.03 -34.19
N PRO A 259 -8.25 -27.83 -34.03
CA PRO A 259 -9.21 -28.69 -34.74
C PRO A 259 -9.24 -28.48 -36.25
N TYR A 260 -8.59 -27.45 -36.79
CA TYR A 260 -8.60 -27.21 -38.23
C TYR A 260 -7.28 -27.57 -38.91
N GLY A 261 -6.29 -28.03 -38.16
CA GLY A 261 -5.05 -28.49 -38.73
C GLY A 261 -4.17 -27.37 -39.24
N PRO A 262 -3.21 -27.71 -40.10
CA PRO A 262 -2.29 -26.69 -40.65
C PRO A 262 -3.04 -25.75 -41.58
N THR A 263 -2.98 -24.44 -41.29
CA THR A 263 -3.61 -23.45 -42.15
C THR A 263 -2.71 -22.23 -42.39
N SER A 264 -1.40 -22.37 -42.19
CA SER A 264 -0.53 -21.20 -42.23
C SER A 264 -0.33 -20.71 -43.67
N VAL A 265 -0.03 -19.40 -43.78
CA VAL A 265 0.23 -18.75 -45.06
C VAL A 265 1.54 -17.97 -44.95
N GLY A 266 2.16 -17.74 -46.10
CA GLY A 266 3.46 -17.10 -46.14
C GLY A 266 3.81 -16.64 -47.53
N LEU A 267 4.65 -15.62 -47.60
CA LEU A 267 4.97 -14.99 -48.88
C LEU A 267 6.21 -14.12 -48.71
N ASP A 268 7.05 -14.07 -49.75
CA ASP A 268 8.30 -13.33 -49.70
C ASP A 268 8.27 -12.14 -50.65
N PHE A 269 9.09 -11.13 -50.34
CA PHE A 269 9.14 -9.88 -51.09
C PHE A 269 10.60 -9.48 -51.25
N SER A 270 10.97 -9.06 -52.45
CA SER A 270 12.34 -8.67 -52.76
C SER A 270 12.37 -7.17 -53.05
N LEU A 271 13.34 -6.48 -52.45
CA LEU A 271 13.42 -5.02 -52.48
C LEU A 271 14.77 -4.62 -53.08
N PRO A 272 14.87 -4.53 -54.40
CA PRO A 272 16.17 -4.20 -55.01
C PRO A 272 16.58 -2.77 -54.70
N GLY A 273 17.85 -2.61 -54.34
CA GLY A 273 18.39 -1.33 -53.96
C GLY A 273 18.24 -0.97 -52.49
N MET A 274 17.49 -1.75 -51.73
CA MET A 274 17.20 -1.45 -50.34
C MET A 274 18.16 -2.20 -49.42
N GLU A 275 18.84 -1.46 -48.54
CA GLU A 275 19.72 -2.06 -47.55
C GLU A 275 19.28 -1.79 -46.11
N HIS A 276 18.20 -1.02 -45.91
CA HIS A 276 17.77 -0.63 -44.58
C HIS A 276 16.26 -0.79 -44.48
N VAL A 277 15.81 -1.55 -43.49
CA VAL A 277 14.38 -1.73 -43.25
C VAL A 277 14.09 -1.42 -41.79
N TYR A 278 12.84 -1.04 -41.53
CA TYR A 278 12.45 -0.51 -40.23
C TYR A 278 11.02 -0.92 -39.96
N GLY A 279 10.64 -0.84 -38.68
CA GLY A 279 9.25 -1.07 -38.30
C GLY A 279 8.99 -2.36 -37.57
N ILE A 280 7.94 -3.06 -37.98
CA ILE A 280 7.35 -4.21 -37.30
C ILE A 280 7.59 -4.21 -35.79
N PRO A 281 7.15 -3.19 -35.06
CA PRO A 281 7.18 -3.25 -33.59
C PRO A 281 6.18 -4.30 -33.11
N GLU A 282 6.33 -4.73 -31.86
CA GLU A 282 7.24 -4.16 -30.86
C GLU A 282 8.36 -5.13 -30.49
N HIS A 283 9.59 -4.64 -30.56
CA HIS A 283 10.77 -5.41 -30.18
C HIS A 283 11.73 -4.50 -29.46
N ALA A 284 12.39 -5.03 -28.43
CA ALA A 284 13.46 -4.31 -27.73
C ALA A 284 14.75 -4.50 -28.52
N ASP A 285 14.77 -3.86 -29.69
CA ASP A 285 15.85 -4.02 -30.65
C ASP A 285 16.11 -2.69 -31.35
N SER A 286 17.15 -2.66 -32.16
CA SER A 286 17.60 -1.43 -32.79
C SER A 286 16.58 -0.93 -33.82
N LEU A 287 16.68 0.37 -34.12
CA LEU A 287 15.77 0.96 -35.11
C LEU A 287 15.92 0.29 -36.47
N ARG A 288 17.15 0.21 -36.98
CA ARG A 288 17.39 -0.52 -38.21
C ARG A 288 17.32 -2.02 -37.95
N LEU A 289 16.36 -2.69 -38.58
CA LEU A 289 16.14 -4.10 -38.32
C LEU A 289 17.32 -4.93 -38.83
N LYS A 290 17.69 -5.95 -38.06
CA LYS A 290 18.80 -6.82 -38.40
C LYS A 290 18.33 -7.97 -39.29
N VAL A 291 19.27 -8.53 -40.06
CA VAL A 291 18.98 -9.75 -40.81
C VAL A 291 18.72 -10.88 -39.82
N THR A 292 17.81 -11.79 -40.19
CA THR A 292 17.44 -12.91 -39.35
C THR A 292 18.10 -14.23 -39.77
N GLU A 293 19.00 -14.18 -40.76
CA GLU A 293 19.49 -15.39 -41.40
C GLU A 293 20.11 -16.37 -40.40
N GLY A 294 20.98 -15.87 -39.53
CA GLY A 294 21.65 -16.74 -38.58
C GLY A 294 20.96 -16.97 -37.25
N GLY A 295 19.72 -16.53 -37.08
CA GLY A 295 19.04 -16.61 -35.80
C GLY A 295 17.54 -16.71 -35.94
N GLU A 296 16.84 -16.07 -35.03
CA GLU A 296 15.39 -16.14 -35.00
C GLU A 296 14.78 -15.11 -35.94
N PRO A 297 13.62 -15.40 -36.53
CA PRO A 297 12.85 -14.35 -37.19
C PRO A 297 12.30 -13.38 -36.16
N TYR A 298 11.92 -12.20 -36.63
CA TYR A 298 11.18 -11.29 -35.78
C TYR A 298 9.77 -11.83 -35.60
N ARG A 299 9.30 -11.85 -34.35
CA ARG A 299 8.00 -12.42 -34.02
C ARG A 299 7.01 -11.31 -33.71
N LEU A 300 5.80 -11.44 -34.25
CA LEU A 300 4.70 -10.50 -33.99
C LEU A 300 3.57 -11.30 -33.35
N TYR A 301 3.48 -11.20 -32.02
CA TYR A 301 2.46 -11.92 -31.26
C TYR A 301 2.38 -11.23 -29.91
N ASN A 302 1.28 -10.54 -29.64
CA ASN A 302 1.16 -9.73 -28.44
C ASN A 302 1.35 -10.60 -27.20
N LEU A 303 2.44 -10.37 -26.47
CA LEU A 303 2.83 -11.24 -25.36
C LEU A 303 3.36 -10.40 -24.22
N ASP A 304 3.19 -10.93 -23.01
CA ASP A 304 3.61 -10.29 -21.76
C ASP A 304 4.89 -10.98 -21.31
N VAL A 305 6.03 -10.32 -21.52
CA VAL A 305 7.34 -10.89 -21.25
C VAL A 305 7.91 -10.24 -20.00
N PHE A 306 7.98 -11.01 -18.92
CA PHE A 306 8.44 -10.52 -17.62
C PHE A 306 9.92 -10.17 -17.69
N GLN A 307 10.26 -8.94 -17.34
CA GLN A 307 11.63 -8.44 -17.34
C GLN A 307 12.31 -8.69 -18.69
N TYR A 308 11.71 -8.16 -19.75
CA TYR A 308 12.25 -8.39 -21.07
C TYR A 308 13.64 -7.78 -21.20
N GLU A 309 14.46 -8.39 -22.05
CA GLU A 309 15.85 -8.02 -22.24
C GLU A 309 16.03 -7.32 -23.57
N LEU A 310 17.19 -6.68 -23.73
CA LEU A 310 17.44 -5.84 -24.88
C LEU A 310 18.15 -6.61 -26.00
N ASN A 311 18.06 -6.07 -27.21
CA ASN A 311 18.76 -6.58 -28.38
C ASN A 311 18.41 -8.04 -28.66
N ASN A 312 17.11 -8.28 -28.85
CA ASN A 312 16.65 -9.63 -29.19
C ASN A 312 15.30 -9.52 -29.87
N PRO A 313 14.92 -10.51 -30.68
CA PRO A 313 13.74 -10.37 -31.54
C PRO A 313 12.46 -10.95 -30.95
N MET A 314 12.43 -11.18 -29.64
CA MET A 314 11.25 -11.76 -29.03
C MET A 314 10.06 -10.81 -29.17
N ALA A 315 8.89 -11.39 -29.39
CA ALA A 315 7.67 -10.60 -29.47
C ALA A 315 7.36 -9.99 -28.11
N LEU A 316 7.00 -8.71 -28.12
CA LEU A 316 6.59 -7.99 -26.93
C LEU A 316 5.08 -7.73 -26.99
N TYR A 317 4.62 -6.66 -26.35
CA TYR A 317 3.21 -6.48 -26.05
C TYR A 317 2.37 -6.11 -27.28
N GLY A 318 2.95 -5.45 -28.27
CA GLY A 318 2.19 -5.03 -29.44
C GLY A 318 2.76 -5.52 -30.75
N SER A 319 1.94 -5.52 -31.80
CA SER A 319 2.35 -6.04 -33.11
C SER A 319 1.78 -5.12 -34.19
N VAL A 320 2.64 -4.42 -34.91
CA VAL A 320 2.24 -3.64 -36.08
C VAL A 320 2.95 -4.22 -37.31
N PRO A 321 2.25 -4.99 -38.13
CA PRO A 321 2.88 -5.68 -39.27
C PRO A 321 3.12 -4.75 -40.46
N VAL A 322 3.97 -3.75 -40.25
CA VAL A 322 4.29 -2.76 -41.25
C VAL A 322 5.81 -2.62 -41.31
N LEU A 323 6.36 -2.69 -42.52
CA LEU A 323 7.81 -2.61 -42.70
C LEU A 323 8.13 -1.52 -43.73
N LEU A 324 9.02 -0.61 -43.35
CA LEU A 324 9.47 0.46 -44.23
C LEU A 324 10.87 0.17 -44.72
N ALA A 325 11.11 0.45 -46.00
CA ALA A 325 12.42 0.29 -46.62
C ALA A 325 12.86 1.64 -47.17
N HIS A 326 14.11 2.01 -46.89
CA HIS A 326 14.64 3.31 -47.27
C HIS A 326 15.98 3.17 -47.97
N SER A 327 16.13 3.90 -49.07
CA SER A 327 17.42 4.08 -49.72
C SER A 327 17.56 5.53 -50.14
N PHE A 328 18.78 5.89 -50.56
CA PHE A 328 19.03 7.20 -51.16
C PHE A 328 17.99 7.55 -52.22
N HIS A 329 17.48 6.55 -52.95
CA HIS A 329 16.68 6.79 -54.13
C HIS A 329 15.18 6.70 -53.91
N ARG A 330 14.70 5.94 -52.93
CA ARG A 330 13.27 5.73 -52.80
C ARG A 330 12.92 5.22 -51.42
N ASP A 331 11.62 5.25 -51.12
CA ASP A 331 11.03 4.65 -49.93
C ASP A 331 9.86 3.78 -50.34
N LEU A 332 9.68 2.67 -49.62
CA LEU A 332 8.59 1.75 -49.87
C LEU A 332 8.06 1.25 -48.53
N GLY A 333 6.85 0.70 -48.56
CA GLY A 333 6.28 0.13 -47.36
C GLY A 333 5.46 -1.11 -47.64
N ILE A 334 5.52 -2.08 -46.73
CA ILE A 334 4.77 -3.32 -46.84
C ILE A 334 3.89 -3.44 -45.60
N PHE A 335 2.59 -3.58 -45.82
CA PHE A 335 1.58 -3.68 -44.76
C PHE A 335 0.95 -5.06 -44.90
N TRP A 336 1.35 -5.98 -44.02
CA TRP A 336 0.87 -7.36 -44.03
C TRP A 336 -0.33 -7.44 -43.09
N LEU A 337 -1.54 -7.33 -43.64
CA LEU A 337 -2.76 -7.25 -42.84
C LEU A 337 -3.20 -8.66 -42.45
N ASN A 338 -2.63 -9.13 -41.34
CA ASN A 338 -2.93 -10.45 -40.78
C ASN A 338 -2.89 -10.31 -39.26
N ALA A 339 -3.86 -10.91 -38.59
CA ALA A 339 -4.00 -10.76 -37.13
C ALA A 339 -3.54 -11.98 -36.35
N ALA A 340 -3.08 -13.02 -37.03
CA ALA A 340 -2.58 -14.22 -36.36
C ALA A 340 -1.08 -14.06 -36.05
N GLU A 341 -0.56 -15.04 -35.29
CA GLU A 341 0.86 -15.07 -34.99
C GLU A 341 1.68 -15.03 -36.27
N THR A 342 2.64 -14.11 -36.34
CA THR A 342 3.37 -13.85 -37.56
C THR A 342 4.86 -13.77 -37.27
N TRP A 343 5.67 -14.49 -38.04
CA TRP A 343 7.11 -14.39 -38.00
C TRP A 343 7.59 -13.70 -39.28
N VAL A 344 8.70 -12.95 -39.16
CA VAL A 344 9.21 -12.13 -40.25
C VAL A 344 10.70 -12.39 -40.41
N ASP A 345 11.09 -12.94 -41.55
CA ASP A 345 12.50 -13.16 -41.86
C ASP A 345 13.02 -12.03 -42.73
N ILE A 346 14.28 -11.65 -42.50
CA ILE A 346 14.94 -10.57 -43.22
C ILE A 346 16.32 -11.06 -43.65
N SER A 347 16.63 -10.93 -44.95
CA SER A 347 17.92 -11.33 -45.47
C SER A 347 18.39 -10.31 -46.51
N SER A 348 19.71 -10.11 -46.57
CA SER A 348 20.32 -9.20 -47.53
C SER A 348 21.19 -9.99 -48.50
N ASN A 349 21.17 -9.58 -49.76
CA ASN A 349 21.99 -10.21 -50.79
C ASN A 349 23.07 -9.24 -51.28
N THR A 369 22.81 -3.50 -57.08
CA THR A 369 22.90 -4.89 -56.65
C THR A 369 22.48 -5.17 -55.19
N PRO A 370 22.75 -4.27 -54.24
CA PRO A 370 22.25 -4.49 -52.87
C PRO A 370 20.75 -4.69 -52.85
N GLN A 371 20.31 -5.70 -52.12
CA GLN A 371 18.90 -6.08 -52.09
C GLN A 371 18.57 -6.68 -50.73
N THR A 372 17.34 -6.45 -50.28
CA THR A 372 16.83 -7.01 -49.04
C THR A 372 15.57 -7.80 -49.36
N ASP A 373 15.47 -8.99 -48.79
CA ASP A 373 14.30 -9.85 -48.94
C ASP A 373 13.55 -9.93 -47.61
N ILE A 374 12.22 -9.88 -47.69
CA ILE A 374 11.35 -9.93 -46.52
C ILE A 374 10.39 -11.09 -46.72
N ARG A 375 10.22 -11.91 -45.67
CA ARG A 375 9.32 -13.05 -45.72
C ARG A 375 8.41 -13.03 -44.50
N TRP A 376 7.10 -13.08 -44.73
CA TRP A 376 6.09 -13.08 -43.67
C TRP A 376 5.49 -14.47 -43.55
N MET A 377 5.28 -14.92 -42.31
CA MET A 377 4.76 -16.26 -42.05
C MET A 377 3.70 -16.17 -40.95
N SER A 378 2.44 -16.42 -41.31
CA SER A 378 1.32 -16.25 -40.41
C SER A 378 0.58 -17.58 -40.22
N GLU A 379 -0.02 -17.75 -39.04
CA GLU A 379 -0.59 -19.04 -38.66
C GLU A 379 -1.92 -19.34 -39.35
N SER A 380 -2.75 -18.33 -39.61
CA SER A 380 -4.02 -18.55 -40.29
C SER A 380 -4.42 -17.27 -41.01
N GLY A 381 -5.69 -17.18 -41.39
CA GLY A 381 -6.15 -16.06 -42.20
C GLY A 381 -5.71 -16.19 -43.65
N ILE A 382 -6.09 -15.19 -44.45
CA ILE A 382 -5.74 -15.16 -45.86
C ILE A 382 -4.41 -14.42 -46.00
N ILE A 383 -3.85 -14.43 -47.21
CA ILE A 383 -2.77 -13.51 -47.53
C ILE A 383 -3.40 -12.19 -47.96
N ASP A 384 -2.99 -11.10 -47.30
CA ASP A 384 -3.56 -9.78 -47.56
C ASP A 384 -2.46 -8.77 -47.27
N VAL A 385 -1.90 -8.16 -48.30
CA VAL A 385 -0.72 -7.32 -48.15
C VAL A 385 -0.88 -6.09 -49.03
N PHE A 386 -0.52 -4.93 -48.48
CA PHE A 386 -0.53 -3.67 -49.20
C PHE A 386 0.90 -3.25 -49.51
N LEU A 387 1.13 -2.83 -50.74
CA LEU A 387 2.43 -2.34 -51.18
C LEU A 387 2.32 -0.84 -51.39
N MET A 388 3.10 -0.10 -50.63
CA MET A 388 3.03 1.36 -50.60
C MET A 388 4.28 1.90 -51.27
N LEU A 389 4.09 2.52 -52.44
CA LEU A 389 5.18 2.69 -53.39
C LEU A 389 5.91 4.02 -53.28
N GLY A 390 5.57 4.86 -52.30
CA GLY A 390 6.27 6.12 -52.13
C GLY A 390 5.95 7.10 -53.24
N PRO A 391 6.98 7.74 -53.82
CA PRO A 391 8.41 7.46 -53.67
C PRO A 391 9.10 7.98 -52.41
N SER A 392 8.59 9.03 -51.78
CA SER A 392 9.23 9.53 -50.57
C SER A 392 8.60 8.89 -49.33
N VAL A 393 9.32 8.98 -48.21
CA VAL A 393 8.80 8.38 -46.99
C VAL A 393 7.52 9.07 -46.53
N PHE A 394 7.38 10.37 -46.83
CA PHE A 394 6.14 11.06 -46.48
C PHE A 394 4.98 10.58 -47.35
N ASP A 395 5.26 10.18 -48.60
CA ASP A 395 4.24 9.53 -49.41
C ASP A 395 3.79 8.22 -48.76
N VAL A 396 4.74 7.48 -48.19
CA VAL A 396 4.41 6.22 -47.53
C VAL A 396 3.55 6.50 -46.30
N PHE A 397 3.92 7.51 -45.51
CA PHE A 397 3.08 7.93 -44.40
C PHE A 397 1.65 8.20 -44.87
N ARG A 398 1.51 9.01 -45.92
CA ARG A 398 0.18 9.32 -46.44
C ARG A 398 -0.54 8.07 -46.89
N GLN A 399 0.18 7.17 -47.56
CA GLN A 399 -0.43 5.96 -48.09
C GLN A 399 -0.95 5.08 -46.97
N TYR A 400 -0.10 4.82 -45.97
CA TYR A 400 -0.53 3.98 -44.85
C TYR A 400 -1.65 4.65 -44.06
N ALA A 401 -1.55 5.97 -43.86
CA ALA A 401 -2.58 6.68 -43.11
C ALA A 401 -3.94 6.59 -43.78
N SER A 402 -3.98 6.59 -45.12
CA SER A 402 -5.25 6.45 -45.81
C SER A 402 -5.85 5.07 -45.61
N LEU A 403 -5.04 4.08 -45.25
CA LEU A 403 -5.56 2.74 -45.01
C LEU A 403 -6.06 2.57 -43.57
N THR A 404 -5.23 2.91 -42.59
CA THR A 404 -5.54 2.63 -41.20
C THR A 404 -5.85 3.87 -40.38
N GLY A 405 -5.85 5.05 -40.98
CA GLY A 405 -6.18 6.26 -40.25
C GLY A 405 -4.96 6.91 -39.66
N THR A 406 -5.22 7.97 -38.89
CA THR A 406 -4.17 8.82 -38.34
C THR A 406 -4.24 8.82 -36.82
N GLN A 407 -3.18 9.35 -36.22
CA GLN A 407 -3.13 9.54 -34.77
C GLN A 407 -4.29 10.40 -34.29
N ALA A 408 -5.04 9.89 -33.31
CA ALA A 408 -6.08 10.69 -32.67
C ALA A 408 -5.46 11.93 -32.02
N LEU A 409 -6.13 13.06 -32.16
CA LEU A 409 -5.62 14.29 -31.58
C LEU A 409 -5.74 14.22 -30.06
N PRO A 410 -4.64 14.18 -29.32
CA PRO A 410 -4.74 14.05 -27.86
C PRO A 410 -5.29 15.31 -27.25
N PRO A 411 -6.10 15.20 -26.20
CA PRO A 411 -6.41 16.39 -25.40
C PRO A 411 -5.11 16.96 -24.87
N LEU A 412 -5.03 18.29 -24.80
CA LEU A 412 -3.77 18.95 -24.50
C LEU A 412 -3.15 18.44 -23.20
N PHE A 413 -3.99 18.20 -22.17
CA PHE A 413 -3.46 17.81 -20.86
C PHE A 413 -2.63 16.53 -20.97
N SER A 414 -2.97 15.65 -21.90
CA SER A 414 -2.29 14.37 -21.99
C SER A 414 -0.90 14.48 -22.60
N LEU A 415 -0.54 15.65 -23.13
CA LEU A 415 0.81 15.89 -23.61
C LEU A 415 1.71 16.51 -22.54
N GLY A 416 1.17 16.76 -21.35
CA GLY A 416 1.96 17.22 -20.23
C GLY A 416 2.62 16.06 -19.51
N TYR A 417 2.97 16.31 -18.24
CA TYR A 417 3.66 15.33 -17.44
C TYR A 417 2.67 14.50 -16.63
N HIS A 418 2.85 13.17 -16.65
CA HIS A 418 2.04 12.23 -15.90
C HIS A 418 2.87 11.63 -14.78
N GLN A 419 2.37 11.70 -13.54
CA GLN A 419 3.03 11.12 -12.39
C GLN A 419 2.30 9.86 -11.97
N SER A 420 2.99 8.72 -12.01
CA SER A 420 2.38 7.43 -11.74
C SER A 420 3.31 6.57 -10.90
N ARG A 421 2.71 5.55 -10.28
CA ARG A 421 3.45 4.42 -9.73
C ARG A 421 2.45 3.37 -9.31
N TRP A 422 2.95 2.15 -9.16
CA TRP A 422 2.26 1.06 -8.51
C TRP A 422 2.77 1.05 -7.07
N ASN A 423 1.99 1.53 -6.12
CA ASN A 423 0.67 2.15 -6.27
C ASN A 423 0.63 3.35 -5.35
N TYR A 424 -0.21 4.35 -5.62
CA TYR A 424 -0.45 5.35 -4.60
C TYR A 424 -1.45 4.80 -3.59
N ARG A 425 -1.21 5.14 -2.32
CA ARG A 425 -1.80 4.41 -1.20
C ARG A 425 -3.31 4.63 -1.11
N ASP A 426 -3.73 5.89 -1.08
CA ASP A 426 -5.13 6.22 -0.83
C ASP A 426 -5.38 7.64 -1.30
N GLU A 427 -6.60 8.12 -1.07
CA GLU A 427 -6.94 9.49 -1.46
C GLU A 427 -5.97 10.50 -0.85
N ALA A 428 -5.59 10.29 0.41
CA ALA A 428 -4.67 11.23 1.07
C ALA A 428 -3.31 11.26 0.39
N ASP A 429 -2.78 10.08 0.03
CA ASP A 429 -1.51 10.02 -0.69
C ASP A 429 -1.59 10.79 -2.01
N VAL A 430 -2.67 10.58 -2.77
CA VAL A 430 -2.86 11.26 -4.05
C VAL A 430 -2.85 12.77 -3.85
N LEU A 431 -3.57 13.26 -2.84
CA LEU A 431 -3.61 14.70 -2.58
C LEU A 431 -2.27 15.21 -2.06
N GLU A 432 -1.53 14.40 -1.30
CA GLU A 432 -0.19 14.81 -0.89
C GLU A 432 0.74 14.92 -2.08
N VAL A 433 0.63 13.98 -3.02
CA VAL A 433 1.42 14.06 -4.25
C VAL A 433 1.06 15.32 -5.02
N ASP A 434 -0.24 15.59 -5.19
CA ASP A 434 -0.68 16.79 -5.87
C ASP A 434 -0.10 18.05 -5.22
N GLN A 435 -0.21 18.14 -3.89
CA GLN A 435 0.33 19.30 -3.19
C GLN A 435 1.84 19.35 -3.28
N GLY A 436 2.51 18.19 -3.36
CA GLY A 436 3.95 18.18 -3.45
C GLY A 436 4.48 18.84 -4.70
N PHE A 437 3.76 18.69 -5.81
CA PHE A 437 4.18 19.35 -7.04
C PHE A 437 4.12 20.86 -6.91
N ASP A 438 3.05 21.38 -6.31
CA ASP A 438 2.90 22.82 -6.15
C ASP A 438 3.88 23.37 -5.11
N ASP A 439 4.09 22.64 -4.02
CA ASP A 439 5.02 23.09 -2.99
C ASP A 439 6.46 23.11 -3.48
N HIS A 440 6.79 22.36 -4.52
CA HIS A 440 8.15 22.32 -5.05
C HIS A 440 8.24 22.94 -6.44
N ASN A 441 7.20 23.67 -6.87
N ASN A 441 7.20 23.67 -6.87
CA ASN A 441 7.17 24.40 -8.13
CA ASN A 441 7.20 24.41 -8.14
C ASN A 441 7.57 23.50 -9.30
C ASN A 441 7.57 23.51 -9.32
N MET A 442 6.81 22.43 -9.47
CA MET A 442 7.00 21.49 -10.56
C MET A 442 5.64 21.24 -11.22
N PRO A 443 5.54 21.36 -12.54
CA PRO A 443 4.25 21.14 -13.20
C PRO A 443 3.94 19.66 -13.37
N CYS A 444 2.64 19.38 -13.45
CA CYS A 444 2.10 18.03 -13.59
C CYS A 444 0.64 18.15 -13.94
N ASP A 445 0.21 17.35 -14.92
CA ASP A 445 -1.18 17.37 -15.35
C ASP A 445 -2.01 16.22 -14.82
N VAL A 446 -1.42 15.04 -14.63
CA VAL A 446 -2.19 13.84 -14.31
C VAL A 446 -1.46 13.04 -13.23
N ILE A 447 -2.23 12.54 -12.27
CA ILE A 447 -1.77 11.55 -11.31
C ILE A 447 -2.52 10.26 -11.59
N TRP A 448 -1.81 9.13 -11.55
CA TRP A 448 -2.35 7.86 -12.01
C TRP A 448 -2.65 6.92 -10.84
N LEU A 449 -3.72 6.14 -10.99
CA LEU A 449 -4.15 5.17 -9.99
C LEU A 449 -4.03 3.76 -10.57
N ASP A 450 -3.09 2.98 -10.05
CA ASP A 450 -2.84 1.63 -10.55
C ASP A 450 -3.84 0.66 -9.90
N ILE A 451 -3.58 -0.65 -10.02
CA ILE A 451 -4.61 -1.63 -9.69
C ILE A 451 -4.96 -1.70 -8.22
N GLU A 452 -4.11 -1.20 -7.32
CA GLU A 452 -4.47 -1.29 -5.90
C GLU A 452 -5.53 -0.28 -5.49
N HIS A 453 -6.01 0.57 -6.41
CA HIS A 453 -7.08 1.51 -6.09
C HIS A 453 -8.46 0.88 -6.14
N ALA A 454 -8.58 -0.29 -6.75
CA ALA A 454 -9.86 -0.97 -6.90
C ALA A 454 -10.09 -1.93 -5.74
N ASP A 455 -11.29 -2.49 -5.68
CA ASP A 455 -11.64 -3.50 -4.67
C ASP A 455 -11.11 -4.85 -5.13
N GLY A 456 -9.90 -5.17 -4.67
CA GLY A 456 -9.34 -6.49 -4.96
C GLY A 456 -9.25 -6.80 -6.43
N LYS A 457 -8.87 -5.82 -7.24
CA LYS A 457 -8.67 -5.96 -8.69
C LYS A 457 -9.98 -6.29 -9.41
N ARG A 458 -11.10 -5.85 -8.85
CA ARG A 458 -12.38 -5.81 -9.57
C ARG A 458 -12.47 -4.45 -10.22
N TYR A 459 -12.33 -4.39 -11.54
CA TYR A 459 -12.24 -3.11 -12.20
C TYR A 459 -13.61 -2.43 -12.24
N PHE A 460 -13.58 -1.11 -12.35
CA PHE A 460 -14.71 -0.19 -12.20
C PHE A 460 -15.16 -0.06 -10.75
N THR A 461 -14.37 -0.51 -9.78
CA THR A 461 -14.67 -0.34 -8.36
C THR A 461 -13.56 0.44 -7.68
N TRP A 462 -13.79 0.76 -6.41
CA TRP A 462 -12.85 1.49 -5.59
C TRP A 462 -12.69 0.76 -4.26
N ASP A 463 -11.48 0.72 -3.74
CA ASP A 463 -11.27 0.09 -2.44
C ASP A 463 -12.06 0.85 -1.37
N PRO A 464 -12.95 0.18 -0.62
CA PRO A 464 -13.86 0.92 0.26
C PRO A 464 -13.17 1.59 1.43
N THR A 465 -11.96 1.17 1.76
CA THR A 465 -11.22 1.80 2.86
C THR A 465 -10.30 2.90 2.36
N ARG A 466 -9.56 2.65 1.28
CA ARG A 466 -8.54 3.59 0.84
C ARG A 466 -9.02 4.59 -0.22
N PHE A 467 -10.11 4.30 -0.91
CA PHE A 467 -10.73 5.25 -1.85
C PHE A 467 -12.24 5.30 -1.65
N PRO A 468 -12.69 5.75 -0.46
CA PRO A 468 -14.14 5.74 -0.18
C PRO A 468 -14.92 6.86 -0.83
N GLN A 469 -14.29 7.97 -1.23
CA GLN A 469 -14.97 9.12 -1.82
C GLN A 469 -14.23 9.56 -3.07
N PRO A 470 -14.30 8.76 -4.15
CA PRO A 470 -13.55 9.14 -5.37
C PRO A 470 -14.00 10.47 -5.96
N LEU A 471 -15.30 10.77 -5.91
CA LEU A 471 -15.78 12.05 -6.44
C LEU A 471 -15.12 13.23 -5.73
N ASN A 472 -14.99 13.16 -4.40
N ASN A 472 -15.00 13.16 -4.39
CA ASN A 472 -14.34 14.25 -3.68
CA ASN A 472 -14.35 14.23 -3.65
C ASN A 472 -12.87 14.36 -4.02
C ASN A 472 -12.88 14.35 -4.03
N MET A 473 -12.19 13.22 -4.21
CA MET A 473 -10.81 13.24 -4.66
C MET A 473 -10.70 13.90 -6.04
N LEU A 474 -11.54 13.46 -6.97
CA LEU A 474 -11.54 14.06 -8.31
C LEU A 474 -11.92 15.53 -8.27
N GLU A 475 -12.78 15.94 -7.34
CA GLU A 475 -13.11 17.36 -7.24
C GLU A 475 -11.92 18.17 -6.74
N HIS A 476 -11.15 17.62 -5.79
CA HIS A 476 -9.97 18.34 -5.33
CA HIS A 476 -9.95 18.31 -5.31
C HIS A 476 -8.94 18.48 -6.45
N LEU A 477 -8.76 17.44 -7.26
CA LEU A 477 -7.85 17.56 -8.39
C LEU A 477 -8.36 18.57 -9.42
N ALA A 478 -9.67 18.58 -9.67
CA ALA A 478 -10.23 19.57 -10.59
C ALA A 478 -10.00 20.99 -10.08
N SER A 479 -10.01 21.19 -8.77
CA SER A 479 -9.74 22.53 -8.24
C SER A 479 -8.29 22.95 -8.49
N LYS A 480 -7.38 21.98 -8.62
CA LYS A 480 -6.03 22.26 -9.07
C LYS A 480 -5.91 22.22 -10.59
N ARG A 481 -7.01 22.01 -11.30
CA ARG A 481 -7.01 21.90 -12.76
C ARG A 481 -6.08 20.77 -13.22
N ARG A 482 -6.16 19.63 -12.53
CA ARG A 482 -5.43 18.43 -12.86
C ARG A 482 -6.41 17.29 -13.10
N LYS A 483 -5.91 16.22 -13.71
CA LYS A 483 -6.72 15.06 -14.05
C LYS A 483 -6.21 13.84 -13.30
N LEU A 484 -6.96 12.76 -13.42
CA LEU A 484 -6.59 11.48 -12.85
C LEU A 484 -6.78 10.40 -13.90
N VAL A 485 -5.93 9.37 -13.86
CA VAL A 485 -6.07 8.20 -14.72
C VAL A 485 -6.25 6.99 -13.82
N ALA A 486 -7.24 6.15 -14.14
CA ALA A 486 -7.50 4.92 -13.42
C ALA A 486 -7.32 3.74 -14.36
N ILE A 487 -6.74 2.66 -13.84
CA ILE A 487 -6.49 1.48 -14.67
C ILE A 487 -7.76 0.62 -14.70
N VAL A 488 -8.07 0.11 -15.90
CA VAL A 488 -9.17 -0.81 -16.13
C VAL A 488 -8.62 -1.90 -17.06
N ASP A 489 -8.45 -3.10 -16.55
CA ASP A 489 -7.94 -4.20 -17.34
C ASP A 489 -9.08 -5.04 -17.90
N PRO A 490 -8.84 -5.78 -18.99
CA PRO A 490 -9.94 -6.54 -19.60
C PRO A 490 -10.28 -7.84 -18.89
N HIS A 491 -9.47 -8.33 -17.96
CA HIS A 491 -9.83 -9.58 -17.28
C HIS A 491 -10.78 -9.29 -16.13
N ILE A 492 -11.83 -10.09 -16.01
CA ILE A 492 -12.94 -9.87 -15.09
C ILE A 492 -12.96 -10.98 -14.05
N LYS A 493 -12.80 -10.61 -12.77
CA LYS A 493 -12.74 -11.60 -11.70
C LYS A 493 -14.00 -12.45 -11.65
N VAL A 494 -13.82 -13.78 -11.64
CA VAL A 494 -14.91 -14.72 -11.49
C VAL A 494 -15.44 -14.62 -10.07
N ASP A 495 -16.57 -13.92 -9.89
CA ASP A 495 -17.05 -13.57 -8.56
C ASP A 495 -18.54 -13.24 -8.68
N SER A 496 -19.39 -14.10 -8.13
CA SER A 496 -20.84 -13.89 -8.23
C SER A 496 -21.31 -12.62 -7.52
N GLY A 497 -20.49 -12.01 -6.67
CA GLY A 497 -20.83 -10.71 -6.11
C GLY A 497 -20.40 -9.54 -6.94
N TYR A 498 -19.70 -9.77 -8.04
CA TYR A 498 -19.15 -8.74 -8.92
C TYR A 498 -20.15 -8.54 -10.05
N ARG A 499 -20.79 -7.36 -10.10
CA ARG A 499 -21.87 -7.13 -11.05
C ARG A 499 -21.37 -7.21 -12.50
N VAL A 500 -20.15 -6.72 -12.75
CA VAL A 500 -19.60 -6.78 -14.10
C VAL A 500 -19.54 -8.23 -14.56
N HIS A 501 -19.00 -9.11 -13.71
CA HIS A 501 -18.93 -10.53 -14.07
C HIS A 501 -20.32 -11.13 -14.24
N GLU A 502 -21.26 -10.77 -13.37
CA GLU A 502 -22.60 -11.31 -13.48
C GLU A 502 -23.28 -10.90 -14.77
N GLU A 503 -23.13 -9.62 -15.17
CA GLU A 503 -23.75 -9.15 -16.40
C GLU A 503 -23.13 -9.84 -17.61
N LEU A 504 -21.80 -9.85 -17.69
CA LEU A 504 -21.13 -10.45 -18.85
C LEU A 504 -21.45 -11.95 -18.95
N ARG A 505 -21.45 -12.65 -17.82
CA ARG A 505 -21.78 -14.07 -17.84
C ARG A 505 -23.22 -14.30 -18.25
N ASN A 506 -24.15 -13.50 -17.72
CA ASN A 506 -25.56 -13.72 -18.03
C ASN A 506 -25.89 -13.37 -19.47
N HIS A 507 -25.15 -12.46 -20.08
CA HIS A 507 -25.37 -12.09 -21.47
C HIS A 507 -24.50 -12.86 -22.44
N GLY A 508 -23.71 -13.81 -21.95
CA GLY A 508 -22.90 -14.64 -22.84
C GLY A 508 -21.87 -13.88 -23.63
N LEU A 509 -21.25 -12.87 -23.02
CA LEU A 509 -20.29 -12.01 -23.68
C LEU A 509 -18.84 -12.39 -23.39
N TYR A 510 -18.59 -13.55 -22.82
CA TYR A 510 -17.23 -14.01 -22.52
C TYR A 510 -16.65 -14.83 -23.65
N VAL A 511 -15.32 -14.81 -23.74
CA VAL A 511 -14.62 -15.76 -24.61
C VAL A 511 -14.89 -17.17 -24.09
N LYS A 512 -15.09 -18.11 -25.01
CA LYS A 512 -15.51 -19.44 -24.64
C LYS A 512 -14.49 -20.48 -25.07
N THR A 513 -14.57 -21.65 -24.46
CA THR A 513 -13.82 -22.81 -24.88
C THR A 513 -14.66 -23.65 -25.84
N ARG A 514 -14.02 -24.68 -26.41
CA ARG A 514 -14.71 -25.48 -27.42
C ARG A 514 -15.95 -26.18 -26.87
N ASP A 515 -15.96 -26.52 -25.59
CA ASP A 515 -17.13 -27.17 -25.02
C ASP A 515 -18.29 -26.20 -24.75
N GLY A 516 -18.08 -24.91 -24.96
CA GLY A 516 -19.14 -23.93 -24.78
C GLY A 516 -19.19 -23.27 -23.42
N SER A 517 -18.28 -23.61 -22.52
CA SER A 517 -18.23 -22.91 -21.23
C SER A 517 -17.34 -21.68 -21.34
N ASP A 518 -17.59 -20.72 -20.46
CA ASP A 518 -16.81 -19.49 -20.46
C ASP A 518 -15.36 -19.79 -20.07
N TYR A 519 -14.42 -19.21 -20.83
CA TYR A 519 -13.01 -19.40 -20.54
C TYR A 519 -12.64 -18.78 -19.20
N GLU A 520 -11.85 -19.50 -18.41
CA GLU A 520 -11.35 -18.99 -17.15
C GLU A 520 -9.85 -19.19 -17.07
N GLY A 521 -9.12 -18.11 -16.80
CA GLY A 521 -7.70 -18.19 -16.57
C GLY A 521 -7.34 -17.48 -15.27
N TRP A 522 -6.05 -17.25 -15.05
CA TRP A 522 -5.56 -16.65 -13.81
C TRP A 522 -4.91 -15.31 -14.12
N CYS A 523 -5.23 -14.30 -13.32
CA CYS A 523 -4.61 -12.99 -13.46
C CYS A 523 -4.60 -12.30 -12.10
N TRP A 524 -4.52 -10.97 -12.10
CA TRP A 524 -4.41 -10.21 -10.85
C TRP A 524 -5.46 -10.56 -9.81
N PRO A 525 -6.75 -10.67 -10.12
CA PRO A 525 -7.73 -11.00 -9.07
C PRO A 525 -7.88 -12.48 -8.79
N GLY A 526 -6.96 -13.30 -9.28
CA GLY A 526 -7.12 -14.73 -9.20
C GLY A 526 -7.81 -15.25 -10.45
N SER A 527 -8.74 -16.19 -10.27
CA SER A 527 -9.48 -16.73 -11.41
C SER A 527 -10.29 -15.62 -12.09
N ALA A 528 -10.15 -15.50 -13.41
CA ALA A 528 -10.78 -14.42 -14.15
C ALA A 528 -11.25 -14.93 -15.50
N SER A 529 -12.30 -14.30 -16.02
CA SER A 529 -12.78 -14.55 -17.37
C SER A 529 -12.46 -13.36 -18.26
N TYR A 530 -12.54 -13.59 -19.56
CA TYR A 530 -12.08 -12.60 -20.54
C TYR A 530 -13.21 -12.26 -21.51
N PRO A 531 -13.71 -11.03 -21.47
CA PRO A 531 -14.78 -10.64 -22.41
C PRO A 531 -14.30 -10.76 -23.85
N ASP A 532 -15.24 -11.09 -24.73
CA ASP A 532 -14.92 -11.26 -26.15
C ASP A 532 -15.02 -9.89 -26.81
N PHE A 533 -13.92 -9.14 -26.76
CA PHE A 533 -13.90 -7.81 -27.36
C PHE A 533 -13.99 -7.84 -28.89
N THR A 534 -13.83 -9.00 -29.54
CA THR A 534 -14.11 -9.07 -30.97
C THR A 534 -15.60 -8.99 -31.25
N ASN A 535 -16.44 -9.19 -30.24
CA ASN A 535 -17.89 -9.12 -30.40
C ASN A 535 -18.34 -7.67 -30.30
N PRO A 536 -18.99 -7.10 -31.32
CA PRO A 536 -19.41 -5.70 -31.23
C PRO A 536 -20.43 -5.44 -30.14
N ARG A 537 -21.27 -6.42 -29.81
CA ARG A 537 -22.19 -6.27 -28.68
C ARG A 537 -21.42 -6.13 -27.37
N MET A 538 -20.29 -6.83 -27.25
CA MET A 538 -19.47 -6.69 -26.04
CA MET A 538 -19.47 -6.70 -26.05
C MET A 538 -18.81 -5.32 -25.97
N ARG A 539 -18.31 -4.83 -27.11
CA ARG A 539 -17.67 -3.51 -27.11
C ARG A 539 -18.68 -2.43 -26.77
N ALA A 540 -19.93 -2.57 -27.23
CA ALA A 540 -20.96 -1.60 -26.88
C ALA A 540 -21.26 -1.64 -25.38
N TRP A 541 -21.34 -2.84 -24.82
CA TRP A 541 -21.51 -2.99 -23.38
C TRP A 541 -20.38 -2.30 -22.63
N TRP A 542 -19.13 -2.59 -23.03
CA TRP A 542 -17.96 -2.01 -22.37
C TRP A 542 -18.01 -0.49 -22.45
N SER A 543 -18.31 0.04 -23.64
CA SER A 543 -18.36 1.48 -23.83
C SER A 543 -19.41 2.11 -22.93
N ASN A 544 -20.59 1.50 -22.85
CA ASN A 544 -21.64 2.02 -21.99
C ASN A 544 -21.26 1.95 -20.52
N MET A 545 -20.41 0.98 -20.14
CA MET A 545 -20.00 0.86 -18.75
C MET A 545 -19.26 2.08 -18.24
N PHE A 546 -18.69 2.89 -19.13
CA PHE A 546 -17.99 4.11 -18.73
C PHE A 546 -18.91 5.31 -18.55
N SER A 547 -20.23 5.12 -18.66
CA SER A 547 -21.12 6.23 -18.36
C SER A 547 -20.98 6.61 -16.89
N PHE A 548 -21.20 7.88 -16.58
CA PHE A 548 -21.06 8.37 -15.22
C PHE A 548 -22.04 7.70 -14.26
N ASP A 549 -23.13 7.14 -14.79
CA ASP A 549 -24.07 6.37 -13.96
C ASP A 549 -23.57 4.96 -13.72
N ASN A 550 -22.90 4.36 -14.69
CA ASN A 550 -22.48 2.97 -14.55
C ASN A 550 -21.15 2.85 -13.80
N TYR A 551 -20.18 3.70 -14.14
CA TYR A 551 -18.88 3.70 -13.49
C TYR A 551 -18.95 4.69 -12.32
N GLU A 552 -19.54 4.22 -11.23
CA GLU A 552 -19.77 5.09 -10.07
C GLU A 552 -18.46 5.58 -9.50
N GLY A 553 -18.42 6.87 -9.16
CA GLY A 553 -17.21 7.52 -8.70
C GLY A 553 -16.37 8.18 -9.76
N SER A 554 -16.67 7.97 -11.04
CA SER A 554 -15.93 8.64 -12.10
C SER A 554 -16.50 10.03 -12.39
N ALA A 555 -15.69 10.86 -13.02
CA ALA A 555 -16.02 12.24 -13.30
C ALA A 555 -15.33 12.64 -14.59
N PRO A 556 -15.65 13.81 -15.15
CA PRO A 556 -15.04 14.20 -16.43
C PRO A 556 -13.53 14.32 -16.42
N ASN A 557 -12.89 14.51 -15.27
CA ASN A 557 -11.43 14.58 -15.23
C ASN A 557 -10.78 13.24 -14.87
N LEU A 558 -11.52 12.14 -15.00
CA LEU A 558 -10.98 10.80 -14.81
CA LEU A 558 -10.98 10.80 -14.81
C LEU A 558 -10.85 10.13 -16.17
N TYR A 559 -9.65 9.66 -16.50
CA TYR A 559 -9.38 8.99 -17.76
C TYR A 559 -8.86 7.58 -17.47
N VAL A 560 -8.55 6.80 -18.52
CA VAL A 560 -8.42 5.36 -18.37
C VAL A 560 -7.11 4.84 -18.93
N TRP A 561 -6.61 3.78 -18.30
CA TRP A 561 -5.41 3.04 -18.69
C TRP A 561 -5.80 1.58 -18.89
N ASN A 562 -5.69 1.08 -20.12
CA ASN A 562 -5.92 -0.34 -20.42
C ASN A 562 -4.58 -1.07 -20.38
N ASP A 563 -4.46 -2.05 -19.48
CA ASP A 563 -3.24 -2.83 -19.36
C ASP A 563 -3.57 -4.30 -19.52
N MET A 564 -2.53 -5.12 -19.67
CA MET A 564 -2.67 -6.58 -19.71
C MET A 564 -3.63 -7.04 -20.79
N ASN A 565 -3.78 -6.26 -21.87
CA ASN A 565 -4.79 -6.56 -22.87
C ASN A 565 -4.23 -7.31 -24.07
N GLU A 566 -3.13 -8.04 -23.90
CA GLU A 566 -2.61 -8.87 -24.99
C GLU A 566 -3.58 -9.96 -25.45
N PRO A 567 -4.35 -10.65 -24.58
CA PRO A 567 -4.54 -10.55 -23.12
C PRO A 567 -3.50 -11.34 -22.34
N SER A 568 -3.13 -10.84 -21.18
CA SER A 568 -2.21 -11.58 -20.31
C SER A 568 -3.00 -12.61 -19.51
N VAL A 569 -2.54 -13.86 -19.53
CA VAL A 569 -3.16 -14.96 -18.79
C VAL A 569 -2.03 -15.70 -18.08
N PHE A 570 -1.95 -15.56 -16.75
CA PHE A 570 -0.78 -16.03 -16.01
C PHE A 570 -0.57 -17.53 -16.16
N ASN A 571 -1.65 -18.31 -16.18
CA ASN A 571 -1.56 -19.75 -16.31
C ASN A 571 -1.82 -20.24 -17.73
N GLY A 572 -1.69 -19.35 -18.72
CA GLY A 572 -1.91 -19.71 -20.09
C GLY A 572 -0.62 -19.94 -20.84
N PRO A 573 -0.71 -20.56 -22.01
CA PRO A 573 0.50 -20.81 -22.82
C PRO A 573 1.14 -19.50 -23.27
N GLU A 574 2.44 -19.36 -22.96
CA GLU A 574 3.19 -18.13 -23.22
C GLU A 574 2.53 -16.93 -22.55
N VAL A 575 1.89 -17.19 -21.40
CA VAL A 575 1.26 -16.19 -20.55
C VAL A 575 0.12 -15.48 -21.29
N THR A 576 -0.56 -16.20 -22.18
CA THR A 576 -1.70 -15.63 -22.88
C THR A 576 -2.75 -16.71 -23.11
N MET A 577 -3.81 -16.34 -23.81
CA MET A 577 -4.97 -17.20 -24.00
C MET A 577 -4.65 -18.38 -24.90
N LEU A 578 -5.38 -19.49 -24.69
CA LEU A 578 -5.24 -20.67 -25.53
C LEU A 578 -5.63 -20.37 -26.97
N LYS A 579 -4.90 -20.98 -27.90
CA LYS A 579 -5.15 -20.76 -29.33
C LYS A 579 -6.53 -21.24 -29.76
N ASP A 580 -7.07 -22.26 -29.10
CA ASP A 580 -8.33 -22.85 -29.51
C ASP A 580 -9.53 -22.34 -28.72
N ALA A 581 -9.36 -21.28 -27.94
CA ALA A 581 -10.51 -20.56 -27.43
C ALA A 581 -11.32 -19.99 -28.60
N VAL A 582 -12.62 -19.80 -28.38
CA VAL A 582 -13.56 -19.51 -29.45
C VAL A 582 -14.16 -18.12 -29.23
N HIS A 583 -14.22 -17.32 -30.29
CA HIS A 583 -14.75 -15.96 -30.25
C HIS A 583 -16.02 -15.86 -31.07
N TYR A 584 -16.61 -14.66 -31.02
CA TYR A 584 -17.75 -14.27 -31.84
C TYR A 584 -17.61 -14.77 -33.28
N GLY A 585 -18.68 -15.38 -33.79
CA GLY A 585 -18.69 -15.90 -35.14
C GLY A 585 -18.03 -17.25 -35.32
N GLY A 586 -17.52 -17.85 -34.25
CA GLY A 586 -16.87 -19.14 -34.35
C GLY A 586 -15.38 -19.09 -34.62
N TRP A 587 -14.79 -17.90 -34.72
CA TRP A 587 -13.37 -17.81 -35.03
C TRP A 587 -12.53 -18.22 -33.82
N GLU A 588 -11.40 -18.86 -34.10
CA GLU A 588 -10.51 -19.28 -33.04
C GLU A 588 -9.69 -18.09 -32.52
N HIS A 589 -9.19 -18.23 -31.29
CA HIS A 589 -8.36 -17.17 -30.74
C HIS A 589 -7.08 -17.00 -31.55
N ARG A 590 -6.58 -18.07 -32.17
CA ARG A 590 -5.39 -17.96 -32.99
C ARG A 590 -5.62 -17.09 -34.23
N ASP A 591 -6.88 -16.90 -34.63
CA ASP A 591 -7.19 -16.07 -35.78
C ASP A 591 -7.13 -14.59 -35.45
N ILE A 592 -7.46 -14.20 -34.22
CA ILE A 592 -7.75 -12.81 -33.89
C ILE A 592 -6.73 -12.20 -32.96
N HIS A 593 -5.74 -12.98 -32.49
CA HIS A 593 -5.00 -12.62 -31.28
C HIS A 593 -4.47 -11.19 -31.29
N ASN A 594 -3.89 -10.77 -32.41
CA ASN A 594 -3.16 -9.51 -32.38
C ASN A 594 -4.05 -8.27 -32.42
N ILE A 595 -5.36 -8.42 -32.57
CA ILE A 595 -6.29 -7.28 -32.49
C ILE A 595 -7.17 -7.34 -31.25
N TYR A 596 -6.91 -8.27 -30.32
CA TYR A 596 -7.68 -8.28 -29.08
C TYR A 596 -7.43 -7.00 -28.29
N GLY A 597 -6.17 -6.62 -28.13
CA GLY A 597 -5.85 -5.40 -27.39
C GLY A 597 -6.44 -4.16 -28.04
N LEU A 598 -6.32 -4.06 -29.37
CA LEU A 598 -6.86 -2.90 -30.08
C LEU A 598 -8.36 -2.74 -29.81
N TYR A 599 -9.09 -3.85 -29.79
CA TYR A 599 -10.52 -3.78 -29.51
C TYR A 599 -10.79 -3.26 -28.10
N VAL A 600 -9.94 -3.62 -27.13
CA VAL A 600 -10.09 -3.07 -25.79
C VAL A 600 -9.85 -1.57 -25.81
N HIS A 601 -8.72 -1.16 -26.40
CA HIS A 601 -8.39 0.26 -26.54
C HIS A 601 -9.52 1.03 -27.20
N MET A 602 -10.06 0.48 -28.29
CA MET A 602 -11.14 1.14 -29.04
C MET A 602 -12.40 1.28 -28.19
N ALA A 603 -12.84 0.19 -27.56
CA ALA A 603 -14.08 0.24 -26.79
C ALA A 603 -13.96 1.18 -25.60
N THR A 604 -12.78 1.23 -24.97
CA THR A 604 -12.57 2.16 -23.87
C THR A 604 -12.64 3.60 -24.34
N ALA A 605 -11.90 3.92 -25.41
CA ALA A 605 -11.91 5.29 -25.93
C ALA A 605 -13.30 5.72 -26.36
N ASP A 606 -14.05 4.83 -27.02
CA ASP A 606 -15.42 5.16 -27.37
C ASP A 606 -16.28 5.40 -26.13
N GLY A 607 -15.98 4.66 -25.04
CA GLY A 607 -16.73 4.88 -23.80
C GLY A 607 -16.50 6.26 -23.21
N LEU A 608 -15.27 6.76 -23.30
CA LEU A 608 -14.99 8.10 -22.79
C LEU A 608 -15.62 9.18 -23.66
N ILE A 609 -15.80 8.91 -24.95
CA ILE A 609 -16.50 9.85 -25.81
C ILE A 609 -18.00 9.85 -25.51
N GLN A 610 -18.59 8.65 -25.40
CA GLN A 610 -20.02 8.54 -25.20
C GLN A 610 -20.46 9.14 -23.88
N ARG A 611 -19.73 8.84 -22.79
CA ARG A 611 -20.12 9.34 -21.48
C ARG A 611 -20.24 10.85 -21.44
N SER A 612 -19.57 11.55 -22.37
CA SER A 612 -19.63 12.99 -22.46
C SER A 612 -20.67 13.47 -23.44
N GLY A 613 -21.45 12.56 -24.02
CA GLY A 613 -22.39 12.91 -25.06
C GLY A 613 -21.76 13.14 -26.40
N GLY A 614 -20.55 12.64 -26.63
CA GLY A 614 -19.87 12.79 -27.89
C GLY A 614 -19.03 14.03 -28.04
N ILE A 615 -18.75 14.75 -26.96
CA ILE A 615 -18.11 16.06 -27.03
C ILE A 615 -16.64 16.01 -26.66
N GLU A 616 -16.27 15.25 -25.63
CA GLU A 616 -14.90 15.28 -25.08
C GLU A 616 -14.01 14.28 -25.80
N ARG A 617 -12.81 14.71 -26.16
CA ARG A 617 -11.82 13.79 -26.71
C ARG A 617 -11.35 12.85 -25.62
N PRO A 618 -11.09 11.59 -25.94
CA PRO A 618 -10.66 10.63 -24.92
C PRO A 618 -9.16 10.71 -24.68
N PHE A 619 -8.73 10.10 -23.59
CA PHE A 619 -7.33 9.70 -23.42
C PHE A 619 -7.31 8.30 -22.86
N VAL A 620 -6.74 7.36 -23.61
CA VAL A 620 -6.55 5.99 -23.16
C VAL A 620 -5.13 5.57 -23.50
N LEU A 621 -4.42 5.09 -22.48
CA LEU A 621 -3.14 4.42 -22.69
C LEU A 621 -3.39 2.92 -22.78
N SER A 622 -2.78 2.27 -23.76
CA SER A 622 -2.91 0.84 -23.98
C SER A 622 -1.52 0.21 -24.07
N ARG A 623 -1.41 -1.02 -23.58
CA ARG A 623 -0.13 -1.73 -23.67
C ARG A 623 -0.03 -2.55 -24.96
N ALA A 624 -1.04 -3.37 -25.23
CA ALA A 624 -1.09 -4.11 -26.47
C ALA A 624 -1.68 -3.24 -27.58
N PHE A 625 -1.31 -3.54 -28.82
CA PHE A 625 -1.77 -2.73 -29.94
C PHE A 625 -1.56 -3.45 -31.26
N PHE A 626 -2.05 -2.82 -32.33
CA PHE A 626 -2.02 -3.35 -33.68
C PHE A 626 -2.11 -2.17 -34.63
N SER A 627 -1.96 -2.45 -35.93
CA SER A 627 -2.29 -1.46 -36.96
C SER A 627 -3.66 -0.88 -36.68
N GLY A 628 -3.75 0.46 -36.66
CA GLY A 628 -4.98 1.16 -36.36
C GLY A 628 -5.08 1.69 -34.94
N SER A 629 -4.25 1.19 -34.02
CA SER A 629 -4.31 1.64 -32.63
C SER A 629 -4.04 3.12 -32.49
N GLN A 630 -3.35 3.74 -33.46
CA GLN A 630 -3.10 5.17 -33.37
C GLN A 630 -4.40 5.97 -33.32
N ARG A 631 -5.52 5.39 -33.77
CA ARG A 631 -6.81 6.07 -33.74
C ARG A 631 -7.38 6.22 -32.34
N PHE A 632 -6.83 5.54 -31.33
CA PHE A 632 -7.50 5.41 -30.05
C PHE A 632 -6.71 5.94 -28.87
N GLY A 633 -5.51 6.46 -29.08
CA GLY A 633 -4.80 7.09 -27.99
C GLY A 633 -3.31 6.83 -27.98
N ALA A 634 -2.77 6.47 -26.81
CA ALA A 634 -1.34 6.34 -26.61
C ALA A 634 -0.96 4.89 -26.32
N VAL A 635 0.34 4.62 -26.44
CA VAL A 635 0.93 3.34 -26.05
C VAL A 635 2.24 3.63 -25.34
N TRP A 636 2.73 2.63 -24.60
CA TRP A 636 4.04 2.72 -23.97
C TRP A 636 4.70 1.35 -24.02
N THR A 637 6.02 1.33 -23.83
CA THR A 637 6.81 0.13 -24.07
C THR A 637 6.82 -0.86 -22.88
N GLY A 638 5.82 -0.81 -22.01
CA GLY A 638 5.68 -1.84 -20.99
C GLY A 638 6.71 -1.72 -19.87
N ASP A 639 7.11 -2.88 -19.35
CA ASP A 639 7.89 -2.94 -18.11
C ASP A 639 9.37 -2.93 -18.45
N ASN A 640 9.92 -1.73 -18.62
CA ASN A 640 11.36 -1.57 -18.81
C ASN A 640 12.05 -1.65 -17.44
N THR A 641 13.35 -1.38 -17.40
CA THR A 641 14.14 -1.53 -16.19
C THR A 641 14.98 -0.27 -15.97
N ALA A 642 15.14 0.09 -14.70
CA ALA A 642 15.96 1.25 -14.31
C ALA A 642 17.43 1.05 -14.62
N GLU A 643 17.78 1.00 -15.91
CA GLU A 643 19.15 0.80 -16.33
C GLU A 643 19.44 1.71 -17.53
N TRP A 644 20.72 2.06 -17.68
CA TRP A 644 21.11 3.02 -18.71
C TRP A 644 20.80 2.52 -20.11
N ASP A 645 20.92 1.21 -20.35
CA ASP A 645 20.64 0.71 -21.70
C ASP A 645 19.15 0.73 -22.01
N HIS A 646 18.31 0.59 -20.99
CA HIS A 646 16.87 0.74 -21.22
C HIS A 646 16.50 2.19 -21.51
N LEU A 647 17.17 3.14 -20.86
CA LEU A 647 17.03 4.55 -21.25
C LEU A 647 17.39 4.75 -22.71
N LYS A 648 18.55 4.22 -23.13
CA LYS A 648 18.97 4.36 -24.53
C LYS A 648 17.95 3.79 -25.48
N ILE A 649 17.41 2.60 -25.18
CA ILE A 649 16.58 1.89 -26.14
C ILE A 649 15.19 2.51 -26.31
N SER A 650 14.82 3.45 -25.45
CA SER A 650 13.52 4.09 -25.61
C SER A 650 13.43 4.86 -26.93
N ILE A 651 14.54 5.42 -27.40
CA ILE A 651 14.52 6.14 -28.67
C ILE A 651 14.22 5.20 -29.83
N PRO A 652 14.97 4.13 -30.06
CA PRO A 652 14.64 3.27 -31.23
C PRO A 652 13.31 2.58 -31.11
N MET A 653 12.82 2.30 -29.89
CA MET A 653 11.52 1.66 -29.77
C MET A 653 10.40 2.62 -30.15
N CYS A 654 10.43 3.85 -29.64
CA CYS A 654 9.38 4.79 -30.00
C CYS A 654 9.53 5.27 -31.43
N LEU A 655 10.76 5.28 -31.97
CA LEU A 655 10.94 5.64 -33.38
C LEU A 655 10.36 4.58 -34.30
N SER A 656 10.50 3.30 -33.96
CA SER A 656 9.90 2.26 -34.79
C SER A 656 8.38 2.31 -34.74
N LEU A 657 7.81 2.76 -33.61
CA LEU A 657 6.37 2.94 -33.52
C LEU A 657 5.92 4.16 -34.31
N ALA A 658 6.66 5.27 -34.20
CA ALA A 658 6.33 6.47 -34.97
C ALA A 658 6.29 6.17 -36.47
N LEU A 659 7.29 5.43 -36.98
CA LEU A 659 7.35 5.16 -38.41
C LEU A 659 6.12 4.42 -38.92
N VAL A 660 5.45 3.66 -38.05
CA VAL A 660 4.30 2.88 -38.46
C VAL A 660 2.99 3.47 -37.93
N GLY A 661 2.98 4.77 -37.61
CA GLY A 661 1.76 5.49 -37.34
C GLY A 661 1.44 5.76 -35.88
N LEU A 662 2.12 5.10 -34.94
CA LEU A 662 1.82 5.28 -33.52
C LEU A 662 2.72 6.38 -32.97
N SER A 663 2.28 7.63 -33.13
CA SER A 663 3.08 8.78 -32.72
C SER A 663 3.04 9.04 -31.22
N PHE A 664 2.07 8.47 -30.49
CA PHE A 664 1.86 8.80 -29.09
C PHE A 664 2.48 7.70 -28.21
N CYS A 665 3.82 7.70 -28.20
CA CYS A 665 4.62 6.63 -27.63
C CYS A 665 5.51 7.17 -26.54
N GLY A 666 5.83 6.31 -25.57
CA GLY A 666 6.76 6.67 -24.52
C GLY A 666 7.22 5.44 -23.77
N ALA A 667 8.13 5.65 -22.82
CA ALA A 667 8.63 4.61 -21.95
C ALA A 667 8.62 5.12 -20.52
N ASP A 668 8.48 4.20 -19.56
CA ASP A 668 8.43 4.56 -18.14
C ASP A 668 9.66 5.36 -17.74
N VAL A 669 9.45 6.61 -17.31
CA VAL A 669 10.56 7.46 -16.88
C VAL A 669 11.09 6.97 -15.55
N GLY A 670 12.39 6.66 -15.50
CA GLY A 670 13.01 6.05 -14.35
C GLY A 670 13.12 4.54 -14.43
N GLY A 671 12.42 3.91 -15.36
CA GLY A 671 12.39 2.46 -15.44
C GLY A 671 11.34 1.88 -14.51
N PHE A 672 10.65 0.83 -14.96
CA PHE A 672 9.63 0.22 -14.12
C PHE A 672 10.26 -0.62 -13.00
N PHE A 673 11.09 -1.59 -13.37
CA PHE A 673 11.76 -2.43 -12.37
C PHE A 673 12.96 -1.70 -11.78
N LYS A 674 13.23 -2.01 -10.50
CA LYS A 674 14.44 -1.62 -9.78
C LYS A 674 14.47 -0.13 -9.51
N ASN A 675 15.51 0.33 -8.80
CA ASN A 675 15.60 1.69 -8.32
C ASN A 675 16.69 2.43 -9.08
N PRO A 676 16.37 3.51 -9.81
CA PRO A 676 17.41 4.24 -10.53
C PRO A 676 18.23 5.11 -9.60
N GLU A 677 19.54 5.19 -9.89
CA GLU A 677 20.38 6.17 -9.21
C GLU A 677 19.89 7.56 -9.58
N PRO A 678 20.09 8.55 -8.71
CA PRO A 678 19.57 9.90 -9.00
C PRO A 678 20.00 10.44 -10.35
N GLU A 679 21.26 10.23 -10.74
CA GLU A 679 21.73 10.75 -12.03
C GLU A 679 20.98 10.10 -13.19
N LEU A 680 20.69 8.80 -13.09
CA LEU A 680 19.94 8.14 -14.14
C LEU A 680 18.51 8.67 -14.21
N LEU A 681 17.89 8.94 -13.07
CA LEU A 681 16.53 9.48 -13.07
C LEU A 681 16.49 10.88 -13.69
N VAL A 682 17.50 11.71 -13.40
CA VAL A 682 17.59 13.02 -14.05
C VAL A 682 17.67 12.86 -15.56
N ARG A 683 18.62 12.04 -16.04
CA ARG A 683 18.77 11.85 -17.48
C ARG A 683 17.50 11.29 -18.11
N TRP A 684 16.72 10.51 -17.35
CA TRP A 684 15.50 9.94 -17.92
C TRP A 684 14.39 10.98 -18.00
N TYR A 685 14.33 11.91 -17.03
CA TYR A 685 13.38 13.01 -17.13
C TYR A 685 13.70 13.89 -18.33
N GLN A 686 14.98 14.19 -18.54
CA GLN A 686 15.39 14.96 -19.71
C GLN A 686 15.03 14.23 -21.00
N MET A 687 15.28 12.93 -21.05
CA MET A 687 14.88 12.13 -22.21
C MET A 687 13.37 12.10 -22.38
N GLY A 688 12.64 11.80 -21.30
CA GLY A 688 11.19 11.72 -21.40
C GLY A 688 10.54 13.04 -21.75
N ALA A 689 11.12 14.15 -21.30
CA ALA A 689 10.57 15.47 -21.57
C ALA A 689 10.50 15.78 -23.07
N TYR A 690 11.29 15.10 -23.90
CA TYR A 690 11.26 15.29 -25.35
C TYR A 690 10.73 14.07 -26.08
N GLN A 691 10.03 13.20 -25.39
CA GLN A 691 9.33 12.11 -26.04
C GLN A 691 7.82 12.29 -25.92
N PRO A 692 7.04 11.72 -26.85
CA PRO A 692 5.62 12.07 -26.95
C PRO A 692 4.80 11.81 -25.68
N PHE A 693 4.78 10.57 -25.19
CA PHE A 693 4.06 10.24 -23.96
C PHE A 693 5.04 10.27 -22.79
N PHE A 694 4.79 11.19 -21.85
CA PHE A 694 5.75 11.56 -20.81
C PHE A 694 5.19 11.17 -19.44
N ARG A 695 5.51 9.96 -18.99
CA ARG A 695 4.99 9.44 -17.72
C ARG A 695 6.08 8.74 -16.92
N ALA A 696 6.21 9.12 -15.65
CA ALA A 696 7.03 8.39 -14.70
C ALA A 696 6.20 7.30 -14.04
N HIS A 697 6.77 6.10 -13.92
CA HIS A 697 6.05 4.94 -13.40
C HIS A 697 7.05 4.00 -12.74
N ALA A 698 6.56 3.15 -11.84
CA ALA A 698 7.47 2.34 -11.00
C ALA A 698 6.75 1.14 -10.41
N HIS A 699 7.52 0.06 -10.23
CA HIS A 699 7.05 -1.22 -9.71
C HIS A 699 6.68 -1.10 -8.23
N LEU A 700 5.86 -2.06 -7.77
CA LEU A 700 5.28 -1.97 -6.43
C LEU A 700 6.34 -1.87 -5.34
N ASP A 701 7.47 -2.55 -5.50
CA ASP A 701 8.46 -2.67 -4.44
C ASP A 701 9.60 -1.68 -4.56
N THR A 702 9.57 -0.78 -5.54
CA THR A 702 10.59 0.25 -5.66
C THR A 702 10.39 1.32 -4.59
N GLY A 703 11.47 2.03 -4.28
CA GLY A 703 11.34 3.21 -3.46
C GLY A 703 10.55 4.31 -4.15
N ARG A 704 9.95 5.18 -3.34
CA ARG A 704 9.25 6.34 -3.88
C ARG A 704 10.24 7.26 -4.59
N ARG A 705 9.86 7.75 -5.76
CA ARG A 705 10.77 8.62 -6.51
C ARG A 705 10.03 9.77 -7.18
N GLU A 706 9.02 10.31 -6.52
CA GLU A 706 8.49 11.59 -6.92
C GLU A 706 9.65 12.60 -7.01
N PRO A 707 9.67 13.47 -8.02
CA PRO A 707 10.92 14.19 -8.34
C PRO A 707 11.42 15.13 -7.25
N TRP A 708 10.59 15.51 -6.28
CA TRP A 708 11.07 16.39 -5.22
C TRP A 708 11.74 15.65 -4.07
N LEU A 709 11.75 14.32 -4.09
CA LEU A 709 12.39 13.56 -3.02
C LEU A 709 13.90 13.45 -3.18
N LEU A 710 14.47 14.00 -4.24
CA LEU A 710 15.90 13.93 -4.50
C LEU A 710 16.60 15.17 -3.97
N ALA A 711 17.93 15.06 -3.86
CA ALA A 711 18.73 16.22 -3.45
C ALA A 711 18.54 17.37 -4.42
N SER A 712 18.78 18.58 -3.93
CA SER A 712 18.36 19.79 -4.63
C SER A 712 18.95 19.89 -6.03
N GLN A 713 20.22 19.47 -6.20
CA GLN A 713 20.82 19.57 -7.53
C GLN A 713 20.10 18.69 -8.54
N TYR A 714 19.59 17.53 -8.10
CA TYR A 714 18.84 16.67 -9.02
C TYR A 714 17.43 17.19 -9.23
N GLN A 715 16.78 17.68 -8.17
CA GLN A 715 15.48 18.33 -8.30
C GLN A 715 15.53 19.45 -9.34
N ASP A 716 16.58 20.28 -9.28
CA ASP A 716 16.64 21.46 -10.13
C ASP A 716 16.76 21.07 -11.60
N ALA A 717 17.56 20.05 -11.91
CA ALA A 717 17.66 19.60 -13.30
C ALA A 717 16.32 19.03 -13.79
N ILE A 718 15.61 18.32 -12.90
CA ILE A 718 14.33 17.73 -13.28
C ILE A 718 13.28 18.81 -13.49
N ARG A 719 13.21 19.79 -12.59
CA ARG A 719 12.29 20.90 -12.76
C ARG A 719 12.59 21.63 -14.07
N ASP A 720 13.87 21.82 -14.38
CA ASP A 720 14.25 22.44 -15.65
C ASP A 720 13.73 21.64 -16.83
N ALA A 721 13.87 20.31 -16.79
CA ALA A 721 13.33 19.49 -17.87
C ALA A 721 11.81 19.61 -17.96
N LEU A 722 11.14 19.66 -16.81
CA LEU A 722 9.69 19.80 -16.80
C LEU A 722 9.27 21.14 -17.38
N PHE A 723 10.01 22.21 -17.08
CA PHE A 723 9.68 23.52 -17.60
C PHE A 723 9.85 23.58 -19.12
N GLN A 724 10.92 22.96 -19.64
CA GLN A 724 11.13 22.96 -21.08
C GLN A 724 9.98 22.27 -21.80
N ARG A 725 9.50 21.15 -21.25
CA ARG A 725 8.40 20.42 -21.86
C ARG A 725 7.12 21.27 -21.87
N TYR A 726 6.77 21.86 -20.73
CA TYR A 726 5.53 22.63 -20.68
C TYR A 726 5.60 23.86 -21.56
N SER A 727 6.77 24.49 -21.69
N SER A 727 6.77 24.48 -21.69
CA SER A 727 6.87 25.64 -22.57
CA SER A 727 6.88 25.64 -22.55
C SER A 727 6.71 25.26 -24.04
C SER A 727 6.80 25.28 -24.03
N LEU A 728 7.06 24.03 -24.39
CA LEU A 728 6.96 23.56 -25.77
C LEU A 728 5.60 22.98 -26.12
N LEU A 729 4.64 22.98 -25.19
CA LEU A 729 3.32 22.41 -25.48
C LEU A 729 2.67 22.97 -26.75
N PRO A 730 2.72 24.27 -27.06
CA PRO A 730 2.16 24.72 -28.34
C PRO A 730 2.82 24.03 -29.53
N PHE A 731 4.13 23.79 -29.44
CA PHE A 731 4.84 23.09 -30.50
C PHE A 731 4.41 21.63 -30.57
N TRP A 732 4.40 20.94 -29.43
CA TRP A 732 3.92 19.56 -29.38
C TRP A 732 2.50 19.44 -29.93
N TYR A 733 1.61 20.34 -29.49
CA TYR A 733 0.22 20.29 -29.89
C TYR A 733 0.07 20.44 -31.40
N THR A 734 0.88 21.32 -32.00
CA THR A 734 0.81 21.51 -33.45
C THR A 734 1.34 20.29 -34.20
N LEU A 735 2.43 19.68 -33.71
CA LEU A 735 2.93 18.47 -34.35
C LEU A 735 1.89 17.36 -34.32
N PHE A 736 1.17 17.23 -33.20
CA PHE A 736 0.14 16.18 -33.15
C PHE A 736 -1.05 16.52 -34.02
N TYR A 737 -1.32 17.80 -34.24
CA TYR A 737 -2.38 18.16 -35.18
C TYR A 737 -1.98 17.82 -36.60
N GLN A 738 -0.72 18.07 -36.96
CA GLN A 738 -0.20 17.65 -38.26
C GLN A 738 -0.22 16.14 -38.40
N ALA A 739 0.14 15.42 -37.34
CA ALA A 739 0.02 13.96 -37.36
C ALA A 739 -1.43 13.54 -37.57
N HIS A 740 -2.37 14.22 -36.90
CA HIS A 740 -3.78 13.87 -37.01
C HIS A 740 -4.33 14.13 -38.41
N LYS A 741 -3.91 15.23 -39.04
CA LYS A 741 -4.43 15.60 -40.35
C LYS A 741 -3.69 14.92 -41.50
N GLU A 742 -2.37 14.77 -41.39
CA GLU A 742 -1.57 14.29 -42.50
C GLU A 742 -1.05 12.86 -42.34
N GLY A 743 -0.93 12.37 -41.12
CA GLY A 743 -0.32 11.08 -40.88
C GLY A 743 1.18 11.10 -40.73
N PHE A 744 1.76 12.27 -40.50
CA PHE A 744 3.20 12.45 -40.35
C PHE A 744 3.61 12.20 -38.90
N PRO A 745 4.66 11.40 -38.65
CA PRO A 745 5.03 11.11 -37.26
C PRO A 745 5.58 12.34 -36.54
N VAL A 746 5.31 12.40 -35.24
CA VAL A 746 5.79 13.51 -34.42
C VAL A 746 7.29 13.38 -34.16
N MET A 747 7.69 12.25 -33.57
CA MET A 747 9.08 11.93 -33.33
C MET A 747 9.63 11.20 -34.55
N ARG A 748 10.77 11.67 -35.08
CA ARG A 748 11.24 11.17 -36.36
C ARG A 748 12.73 10.82 -36.34
N PRO A 749 13.11 9.74 -37.03
CA PRO A 749 14.54 9.48 -37.24
C PRO A 749 15.15 10.56 -38.13
N LEU A 750 16.46 10.76 -37.98
CA LEU A 750 17.12 11.78 -38.78
C LEU A 750 16.99 11.49 -40.26
N TRP A 751 16.94 10.22 -40.66
CA TRP A 751 16.90 9.90 -42.09
C TRP A 751 15.57 10.28 -42.73
N VAL A 752 14.50 10.45 -41.94
CA VAL A 752 13.24 10.91 -42.51
C VAL A 752 13.38 12.34 -43.01
N GLN A 753 14.14 13.15 -42.29
CA GLN A 753 14.39 14.53 -42.68
C GLN A 753 15.58 14.70 -43.62
N TYR A 754 16.45 13.69 -43.71
CA TYR A 754 17.65 13.76 -44.55
C TYR A 754 17.80 12.44 -45.30
N PRO A 755 16.89 12.17 -46.23
CA PRO A 755 16.85 10.84 -46.88
C PRO A 755 18.07 10.50 -47.69
N GLU A 756 18.88 11.48 -48.07
CA GLU A 756 20.05 11.23 -48.91
C GLU A 756 21.34 11.17 -48.12
N ASP A 757 21.30 11.41 -46.82
CA ASP A 757 22.50 11.33 -45.98
C ASP A 757 22.56 9.92 -45.39
N MET A 758 23.33 9.05 -46.06
CA MET A 758 23.40 7.64 -45.65
C MET A 758 23.99 7.47 -44.25
N SER A 759 24.73 8.45 -43.75
CA SER A 759 25.27 8.31 -42.40
C SER A 759 24.21 8.45 -41.32
N THR A 760 22.96 8.77 -41.68
CA THR A 760 21.89 8.88 -40.71
C THR A 760 20.99 7.65 -40.68
N PHE A 761 21.18 6.70 -41.61
CA PHE A 761 20.21 5.64 -41.79
C PHE A 761 20.08 4.71 -40.59
N SER A 762 21.07 4.68 -39.70
CA SER A 762 21.02 3.83 -38.52
C SER A 762 21.00 4.60 -37.21
N ILE A 763 21.09 5.94 -37.25
CA ILE A 763 21.20 6.72 -36.02
C ILE A 763 20.00 6.47 -35.12
N GLU A 764 20.27 6.18 -33.84
CA GLU A 764 19.21 5.96 -32.88
C GLU A 764 19.54 6.53 -31.50
N ASP A 765 20.59 7.34 -31.38
CA ASP A 765 20.85 8.11 -30.17
C ASP A 765 20.50 9.58 -30.34
N GLN A 766 19.85 9.91 -31.45
CA GLN A 766 19.32 11.24 -31.72
C GLN A 766 17.98 11.08 -32.43
N PHE A 767 17.16 12.11 -32.34
CA PHE A 767 15.92 12.12 -33.08
C PHE A 767 15.50 13.56 -33.31
N MET A 768 14.51 13.74 -34.17
CA MET A 768 13.96 15.05 -34.43
C MET A 768 12.50 15.09 -34.01
N LEU A 769 12.04 16.28 -33.63
CA LEU A 769 10.64 16.55 -33.39
C LEU A 769 10.16 17.41 -34.55
N GLY A 770 9.29 16.85 -35.37
CA GLY A 770 8.94 17.52 -36.61
C GLY A 770 10.16 17.67 -37.49
N ASP A 771 10.32 18.86 -38.08
CA ASP A 771 11.52 19.21 -38.84
C ASP A 771 12.32 20.30 -38.16
N ALA A 772 11.94 20.68 -36.94
CA ALA A 772 12.45 21.89 -36.32
C ALA A 772 13.48 21.64 -35.22
N LEU A 773 13.29 20.62 -34.40
CA LEU A 773 14.16 20.39 -33.25
C LEU A 773 14.90 19.06 -33.39
N LEU A 774 16.21 19.10 -33.16
CA LEU A 774 17.05 17.90 -33.11
C LEU A 774 17.46 17.68 -31.65
N ILE A 775 17.28 16.45 -31.16
CA ILE A 775 17.45 16.13 -29.74
C ILE A 775 18.50 15.02 -29.61
N HIS A 776 19.50 15.24 -28.76
CA HIS A 776 20.48 14.21 -28.41
C HIS A 776 20.63 14.17 -26.89
N PRO A 777 19.74 13.48 -26.19
CA PRO A 777 19.82 13.45 -24.73
C PRO A 777 21.05 12.70 -24.25
N VAL A 778 21.58 13.15 -23.11
CA VAL A 778 22.68 12.43 -22.48
C VAL A 778 22.15 11.12 -21.91
N SER A 779 22.80 10.01 -22.28
CA SER A 779 22.37 8.68 -21.84
C SER A 779 23.58 7.84 -21.40
N ASP A 780 24.51 8.45 -20.67
CA ASP A 780 25.64 7.74 -20.09
C ASP A 780 25.98 8.37 -18.74
N ALA A 781 26.23 7.53 -17.75
CA ALA A 781 26.57 8.01 -16.42
C ALA A 781 27.90 8.77 -16.45
N GLY A 782 27.93 9.91 -15.77
CA GLY A 782 29.15 10.68 -15.65
C GLY A 782 29.72 11.22 -16.95
N ALA A 783 28.89 11.38 -17.98
CA ALA A 783 29.39 11.87 -19.25
C ALA A 783 29.85 13.32 -19.13
N HIS A 784 30.92 13.66 -19.86
CA HIS A 784 31.42 15.02 -19.95
C HIS A 784 31.00 15.72 -21.22
N GLY A 785 30.57 14.97 -22.24
CA GLY A 785 30.12 15.56 -23.49
C GLY A 785 29.40 14.52 -24.31
N VAL A 786 28.81 14.99 -25.41
CA VAL A 786 28.16 14.13 -26.37
C VAL A 786 28.62 14.50 -27.77
N GLN A 787 28.54 13.55 -28.67
CA GLN A 787 28.84 13.75 -30.08
C GLN A 787 27.51 13.92 -30.80
N VAL A 788 27.23 15.14 -31.26
CA VAL A 788 25.96 15.45 -31.91
C VAL A 788 26.20 15.57 -33.40
N TYR A 789 25.55 14.72 -34.18
CA TYR A 789 25.63 14.82 -35.63
C TYR A 789 24.58 15.83 -36.10
N LEU A 790 25.05 16.95 -36.64
CA LEU A 790 24.16 17.96 -37.19
C LEU A 790 24.16 17.83 -38.71
N PRO A 791 23.09 17.31 -39.31
CA PRO A 791 23.13 17.03 -40.75
C PRO A 791 22.72 18.22 -41.60
N GLY A 792 22.80 18.06 -42.91
CA GLY A 792 22.28 19.05 -43.84
C GLY A 792 23.32 19.88 -44.57
N GLN A 793 23.39 19.73 -45.88
CA GLN A 793 24.19 20.63 -46.70
C GLN A 793 23.54 22.02 -46.71
N GLU A 794 24.35 23.06 -46.48
CA GLU A 794 23.89 24.44 -46.40
C GLU A 794 22.90 24.66 -45.26
N GLU A 795 22.95 23.81 -44.23
CA GLU A 795 22.02 23.85 -43.11
C GLU A 795 22.72 24.46 -41.90
N VAL A 796 21.97 25.23 -41.10
CA VAL A 796 22.49 25.72 -39.83
C VAL A 796 21.59 25.22 -38.71
N TRP A 797 22.17 25.15 -37.52
CA TRP A 797 21.50 24.66 -36.32
C TRP A 797 21.86 25.58 -35.16
N TYR A 798 20.86 25.93 -34.35
CA TYR A 798 21.05 26.83 -33.22
C TYR A 798 20.96 26.04 -31.92
N ASP A 799 22.05 26.04 -31.15
CA ASP A 799 22.01 25.57 -29.77
C ASP A 799 20.99 26.41 -29.00
N ILE A 800 19.86 25.82 -28.62
CA ILE A 800 18.80 26.61 -27.99
C ILE A 800 19.15 27.08 -26.59
N GLN A 801 20.18 26.50 -25.97
CA GLN A 801 20.64 26.95 -24.66
C GLN A 801 21.60 28.14 -24.75
N SER A 802 22.52 28.13 -25.72
CA SER A 802 23.51 29.18 -25.86
C SER A 802 23.28 30.10 -27.05
N TYR A 803 22.39 29.73 -27.97
CA TYR A 803 22.09 30.45 -29.21
C TYR A 803 23.24 30.39 -30.21
N GLN A 804 24.26 29.57 -29.94
CA GLN A 804 25.39 29.47 -30.86
C GLN A 804 24.97 28.75 -32.13
N LYS A 805 25.36 29.30 -33.28
CA LYS A 805 25.00 28.74 -34.58
C LYS A 805 26.08 27.77 -35.05
N HIS A 806 25.65 26.64 -35.61
CA HIS A 806 26.55 25.63 -36.13
C HIS A 806 26.12 25.24 -37.54
N HIS A 807 27.09 25.10 -38.43
CA HIS A 807 26.81 24.71 -39.81
C HIS A 807 26.91 23.20 -39.95
N GLY A 808 26.05 22.64 -40.80
CA GLY A 808 26.11 21.24 -41.13
C GLY A 808 26.73 21.01 -42.49
N PRO A 809 27.10 19.76 -42.78
CA PRO A 809 27.05 18.64 -41.84
C PRO A 809 28.33 18.54 -41.00
N GLN A 810 28.18 18.12 -39.75
CA GLN A 810 29.33 17.97 -38.86
C GLN A 810 28.90 17.17 -37.64
N THR A 811 29.87 16.55 -36.98
CA THR A 811 29.68 15.92 -35.68
C THR A 811 30.33 16.83 -34.65
N LEU A 812 29.50 17.52 -33.88
CA LEU A 812 29.95 18.50 -32.91
C LEU A 812 30.13 17.82 -31.56
N TYR A 813 31.27 18.07 -30.91
CA TYR A 813 31.47 17.64 -29.54
C TYR A 813 30.92 18.71 -28.62
N LEU A 814 29.88 18.37 -27.86
CA LEU A 814 29.20 19.32 -26.98
C LEU A 814 29.42 18.92 -25.53
N PRO A 815 30.16 19.72 -24.75
CA PRO A 815 30.28 19.41 -23.32
C PRO A 815 28.96 19.59 -22.59
N VAL A 816 28.71 18.72 -21.61
CA VAL A 816 27.44 18.72 -20.89
C VAL A 816 27.70 18.74 -19.39
N THR A 817 26.71 19.22 -18.66
CA THR A 817 26.63 19.09 -17.21
C THR A 817 25.35 18.29 -16.88
N LEU A 818 25.04 18.20 -15.59
CA LEU A 818 23.88 17.44 -15.16
C LEU A 818 22.59 18.01 -15.74
N SER A 819 22.48 19.34 -15.81
CA SER A 819 21.28 20.01 -16.27
C SER A 819 21.20 20.15 -17.79
N SER A 820 22.14 19.57 -18.53
CA SER A 820 22.18 19.75 -19.97
C SER A 820 21.15 18.86 -20.67
N ILE A 821 20.45 19.45 -21.64
CA ILE A 821 19.68 18.67 -22.62
C ILE A 821 20.07 19.17 -24.01
N PRO A 822 20.92 18.44 -24.75
CA PRO A 822 21.34 18.90 -26.08
C PRO A 822 20.19 19.01 -27.07
N VAL A 823 19.72 20.23 -27.31
CA VAL A 823 18.61 20.50 -28.21
C VAL A 823 19.04 21.60 -29.17
N PHE A 824 18.78 21.40 -30.46
CA PHE A 824 19.12 22.36 -31.49
C PHE A 824 17.88 22.65 -32.34
N GLN A 825 17.68 23.92 -32.67
CA GLN A 825 16.60 24.32 -33.58
C GLN A 825 17.17 24.51 -34.98
N ARG A 826 16.48 23.98 -35.98
CA ARG A 826 16.97 24.06 -37.35
C ARG A 826 16.74 25.46 -37.92
N GLY A 827 17.73 25.95 -38.65
CA GLY A 827 17.55 27.20 -39.37
C GLY A 827 16.42 27.07 -40.37
N GLY A 828 15.61 28.12 -40.47
CA GLY A 828 14.44 28.11 -41.31
C GLY A 828 13.16 27.67 -40.64
N THR A 829 13.14 27.57 -39.30
CA THR A 829 11.96 27.12 -38.59
C THR A 829 11.55 28.16 -37.55
N ILE A 830 10.27 28.11 -37.19
CA ILE A 830 9.69 28.99 -36.17
C ILE A 830 8.97 28.10 -35.16
N VAL A 831 9.36 28.20 -33.90
CA VAL A 831 8.86 27.31 -32.85
C VAL A 831 8.04 28.13 -31.86
N PRO A 832 6.77 27.80 -31.65
CA PRO A 832 5.96 28.52 -30.66
C PRO A 832 6.09 27.95 -29.26
N ARG A 833 6.22 28.85 -28.29
CA ARG A 833 6.39 28.45 -26.90
C ARG A 833 5.46 29.26 -26.00
N TRP A 834 5.09 28.65 -24.87
CA TRP A 834 4.46 29.33 -23.74
C TRP A 834 5.55 29.55 -22.70
N MET A 835 6.09 30.77 -22.65
CA MET A 835 7.18 31.00 -21.70
C MET A 835 6.71 31.13 -20.25
N ARG A 836 5.41 31.14 -19.99
CA ARG A 836 4.89 31.27 -18.62
C ARG A 836 4.46 29.88 -18.16
N VAL A 837 5.39 29.16 -17.53
CA VAL A 837 5.11 27.81 -17.07
C VAL A 837 4.28 27.88 -15.80
N ARG A 838 3.14 27.19 -15.81
CA ARG A 838 2.24 27.14 -14.67
C ARG A 838 2.16 25.69 -14.16
N ARG A 839 1.20 25.43 -13.27
CA ARG A 839 1.20 24.14 -12.58
C ARG A 839 0.60 23.01 -13.41
N SER A 840 -0.16 23.34 -14.47
CA SER A 840 -0.70 22.34 -15.38
C SER A 840 -1.02 23.03 -16.70
N SER A 841 -1.30 22.22 -17.72
CA SER A 841 -1.56 22.79 -19.04
C SER A 841 -2.89 23.54 -19.08
N ASP A 842 -3.92 23.06 -18.37
CA ASP A 842 -5.18 23.79 -18.30
C ASP A 842 -4.98 25.24 -17.86
N CYS A 843 -4.05 25.46 -16.92
CA CYS A 843 -3.78 26.82 -16.44
C CYS A 843 -3.15 27.69 -17.51
N MET A 844 -2.49 27.09 -18.51
CA MET A 844 -1.69 27.81 -19.47
C MET A 844 -2.40 28.10 -20.78
N LYS A 845 -3.56 27.48 -21.03
CA LYS A 845 -4.05 27.41 -22.41
C LYS A 845 -4.71 28.71 -22.88
N ASP A 846 -4.68 29.77 -22.09
CA ASP A 846 -5.07 31.10 -22.55
C ASP A 846 -3.90 32.07 -22.56
N ASP A 847 -2.68 31.59 -22.34
CA ASP A 847 -1.51 32.45 -22.17
C ASP A 847 -0.93 32.88 -23.51
N PRO A 848 -0.19 33.99 -23.52
CA PRO A 848 0.41 34.45 -24.78
C PRO A 848 1.59 33.61 -25.23
N ILE A 849 1.90 33.71 -26.51
CA ILE A 849 2.89 32.89 -27.18
C ILE A 849 4.14 33.72 -27.43
N THR A 850 5.30 33.08 -27.28
CA THR A 850 6.58 33.60 -27.74
C THR A 850 7.02 32.80 -28.96
N LEU A 851 7.43 33.51 -30.02
CA LEU A 851 7.85 32.88 -31.26
C LEU A 851 9.37 32.89 -31.37
N PHE A 852 9.96 31.72 -31.62
CA PHE A 852 11.41 31.57 -31.75
C PHE A 852 11.73 31.35 -33.22
N VAL A 853 12.29 32.37 -33.85
CA VAL A 853 12.58 32.36 -35.28
C VAL A 853 14.07 32.02 -35.46
N ALA A 854 14.34 30.89 -36.11
CA ALA A 854 15.71 30.47 -36.42
C ALA A 854 15.95 30.72 -37.91
N LEU A 855 16.75 31.72 -38.22
CA LEU A 855 16.91 32.15 -39.60
C LEU A 855 17.79 31.17 -40.39
N SER A 856 17.31 30.76 -41.56
CA SER A 856 18.09 30.00 -42.52
C SER A 856 19.27 30.84 -42.99
N PRO A 857 20.25 30.25 -43.67
CA PRO A 857 21.31 31.09 -44.26
C PRO A 857 20.77 32.10 -45.26
N GLN A 858 19.63 31.79 -45.89
CA GLN A 858 18.95 32.71 -46.80
C GLN A 858 18.11 33.76 -46.08
N GLY A 859 18.15 33.80 -44.75
CA GLY A 859 17.37 34.77 -44.00
C GLY A 859 15.89 34.50 -43.98
N THR A 860 15.46 33.24 -44.09
CA THR A 860 14.05 32.89 -44.10
C THR A 860 13.74 31.90 -43.00
N ALA A 861 12.44 31.74 -42.73
CA ALA A 861 11.93 30.79 -41.74
C ALA A 861 10.42 30.66 -41.90
N GLN A 862 9.89 29.50 -41.53
CA GLN A 862 8.45 29.28 -41.54
C GLN A 862 8.07 28.36 -40.40
N GLY A 863 6.80 28.45 -39.99
CA GLY A 863 6.28 27.59 -38.94
C GLY A 863 4.77 27.67 -38.90
N GLU A 864 4.18 26.74 -38.14
CA GLU A 864 2.74 26.68 -37.95
C GLU A 864 2.41 26.61 -36.46
N LEU A 865 1.13 26.83 -36.16
CA LEU A 865 0.62 26.79 -34.80
C LEU A 865 -0.86 26.44 -34.85
N PHE A 866 -1.24 25.39 -34.12
CA PHE A 866 -2.63 24.98 -34.00
C PHE A 866 -3.13 25.33 -32.60
N LEU A 867 -4.37 25.84 -32.53
CA LEU A 867 -5.00 26.16 -31.26
C LEU A 867 -6.47 25.78 -31.34
N ASP A 868 -7.02 25.36 -30.21
CA ASP A 868 -8.44 25.08 -30.08
C ASP A 868 -8.78 25.14 -28.59
N ASP A 869 -9.93 24.58 -28.19
CA ASP A 869 -10.28 24.64 -26.77
C ASP A 869 -9.48 23.65 -25.93
N GLY A 870 -8.76 22.72 -26.55
CA GLY A 870 -7.85 21.86 -25.84
C GLY A 870 -8.39 20.50 -25.44
N HIS A 871 -9.68 20.21 -25.66
CA HIS A 871 -10.20 18.95 -25.16
C HIS A 871 -11.46 18.41 -25.85
N THR A 872 -12.08 19.16 -26.76
CA THR A 872 -13.31 18.69 -27.38
C THR A 872 -13.11 18.42 -28.87
N PHE A 873 -14.15 17.90 -29.49
CA PHE A 873 -14.22 17.71 -30.93
C PHE A 873 -14.76 18.93 -31.67
N ASN A 874 -14.83 20.09 -31.01
CA ASN A 874 -15.35 21.29 -31.67
C ASN A 874 -14.51 21.70 -32.86
N TYR A 875 -13.19 21.46 -32.81
CA TYR A 875 -12.32 21.80 -33.94
C TYR A 875 -12.79 21.14 -35.22
N GLN A 876 -13.44 19.99 -35.10
CA GLN A 876 -13.92 19.18 -36.23
C GLN A 876 -15.41 19.35 -36.50
N THR A 877 -16.25 19.36 -35.47
CA THR A 877 -17.69 19.46 -35.67
C THR A 877 -18.16 20.89 -35.87
N ARG A 878 -17.37 21.88 -35.44
CA ARG A 878 -17.74 23.28 -35.55
C ARG A 878 -16.65 24.13 -36.16
N HIS A 879 -15.52 23.53 -36.56
CA HIS A 879 -14.39 24.25 -37.12
C HIS A 879 -13.95 25.37 -36.19
N GLU A 880 -14.03 25.11 -34.89
CA GLU A 880 -13.59 26.07 -33.88
C GLU A 880 -12.14 25.74 -33.55
N PHE A 881 -11.22 26.40 -34.26
CA PHE A 881 -9.79 26.24 -34.07
C PHE A 881 -9.10 27.37 -34.83
N LEU A 882 -7.79 27.46 -34.65
CA LEU A 882 -6.95 28.31 -35.46
C LEU A 882 -5.77 27.49 -35.97
N LEU A 883 -5.41 27.70 -37.23
CA LEU A 883 -4.14 27.20 -37.77
C LEU A 883 -3.45 28.40 -38.40
N ARG A 884 -2.37 28.85 -37.78
CA ARG A 884 -1.64 30.02 -38.24
C ARG A 884 -0.37 29.60 -38.96
N ARG A 885 0.00 30.36 -39.99
CA ARG A 885 1.29 30.24 -40.65
C ARG A 885 2.11 31.47 -40.33
N PHE A 886 3.31 31.25 -39.79
CA PHE A 886 4.27 32.32 -39.58
C PHE A 886 5.41 32.16 -40.59
N SER A 887 5.69 33.22 -41.33
N SER A 887 5.68 33.23 -41.33
CA SER A 887 6.71 33.20 -42.36
CA SER A 887 6.70 33.23 -42.38
C SER A 887 7.60 34.42 -42.23
C SER A 887 7.62 34.42 -42.19
N PHE A 888 8.91 34.19 -42.36
CA PHE A 888 9.91 35.26 -42.32
C PHE A 888 10.69 35.24 -43.63
N SER A 889 10.78 36.39 -44.28
CA SER A 889 11.61 36.54 -45.47
C SER A 889 11.90 38.03 -45.65
N GLY A 890 12.99 38.31 -46.37
CA GLY A 890 13.49 39.66 -46.43
C GLY A 890 13.86 40.13 -45.04
N SER A 891 13.08 41.08 -44.51
CA SER A 891 13.21 41.49 -43.12
C SER A 891 11.85 41.59 -42.46
N THR A 892 10.91 40.72 -42.85
CA THR A 892 9.53 40.83 -42.42
C THR A 892 9.03 39.49 -41.87
N LEU A 893 8.41 39.53 -40.70
CA LEU A 893 7.71 38.39 -40.13
C LEU A 893 6.22 38.58 -40.33
N VAL A 894 5.56 37.59 -40.92
CA VAL A 894 4.16 37.70 -41.31
C VAL A 894 3.37 36.55 -40.72
N SER A 895 2.25 36.87 -40.06
CA SER A 895 1.29 35.87 -39.60
C SER A 895 0.07 35.89 -40.51
N SER A 896 -0.28 34.73 -41.05
CA SER A 896 -1.47 34.58 -41.88
C SER A 896 -2.15 33.27 -41.52
N SER A 897 -3.34 33.06 -42.07
CA SER A 897 -4.08 31.84 -41.81
C SER A 897 -3.60 30.71 -42.72
N ALA A 898 -3.36 29.54 -42.13
CA ALA A 898 -3.09 28.34 -42.90
C ALA A 898 -4.34 27.50 -43.14
N ASP A 899 -5.48 27.91 -42.57
CA ASP A 899 -6.77 27.28 -42.80
C ASP A 899 -7.87 28.28 -42.50
N PRO A 900 -8.47 28.89 -43.52
CA PRO A 900 -9.48 29.93 -43.27
C PRO A 900 -10.74 29.41 -42.61
N LYS A 901 -11.09 28.13 -42.79
CA LYS A 901 -12.31 27.59 -42.22
C LYS A 901 -12.29 27.56 -40.69
N GLY A 902 -11.15 27.82 -40.06
CA GLY A 902 -11.07 27.76 -38.62
C GLY A 902 -11.07 29.10 -37.92
N HIS A 903 -12.04 29.33 -37.04
CA HIS A 903 -12.11 30.52 -36.21
C HIS A 903 -12.20 30.12 -34.75
N LEU A 904 -11.64 30.95 -33.87
CA LEU A 904 -11.59 30.60 -32.45
C LEU A 904 -11.67 31.84 -31.59
N GLU A 905 -12.55 31.81 -30.59
CA GLU A 905 -12.56 32.86 -29.56
C GLU A 905 -11.49 32.53 -28.52
N THR A 906 -10.43 33.33 -28.49
CA THR A 906 -9.31 33.07 -27.60
C THR A 906 -8.64 34.39 -27.23
N PRO A 907 -8.21 34.54 -25.97
CA PRO A 907 -7.40 35.70 -25.59
C PRO A 907 -5.91 35.57 -25.85
N ILE A 908 -5.45 34.51 -26.51
CA ILE A 908 -4.02 34.30 -26.73
C ILE A 908 -3.48 35.37 -27.67
N TRP A 909 -2.35 35.96 -27.30
CA TRP A 909 -1.70 37.01 -28.07
C TRP A 909 -0.21 36.71 -28.19
N ILE A 910 0.47 37.48 -29.03
CA ILE A 910 1.91 37.34 -29.23
C ILE A 910 2.62 38.30 -28.27
N GLU A 911 3.27 37.76 -27.25
CA GLU A 911 3.93 38.62 -26.26
C GLU A 911 5.40 38.84 -26.55
N ARG A 912 6.01 38.06 -27.43
CA ARG A 912 7.44 38.18 -27.63
C ARG A 912 7.84 37.44 -28.90
N VAL A 913 8.87 37.95 -29.57
CA VAL A 913 9.47 37.29 -30.73
C VAL A 913 10.97 37.24 -30.52
N VAL A 914 11.55 36.04 -30.59
CA VAL A 914 12.99 35.83 -30.43
C VAL A 914 13.54 35.37 -31.78
N ILE A 915 14.46 36.15 -32.35
CA ILE A 915 15.00 35.87 -33.67
C ILE A 915 16.49 35.56 -33.53
N MET A 916 16.86 34.34 -33.87
CA MET A 916 18.26 33.91 -33.82
C MET A 916 18.91 34.11 -35.18
N GLY A 917 20.16 34.58 -35.17
CA GLY A 917 20.88 34.83 -36.39
C GLY A 917 20.49 36.10 -37.11
N ALA A 918 20.12 37.16 -36.37
CA ALA A 918 19.69 38.41 -36.96
C ALA A 918 20.61 39.53 -36.52
N GLY A 919 20.76 40.53 -37.38
CA GLY A 919 21.48 41.73 -37.03
C GLY A 919 20.61 42.74 -36.32
N LYS A 920 21.25 43.79 -35.83
CA LYS A 920 20.53 44.84 -35.11
C LYS A 920 19.77 45.73 -36.09
N PRO A 921 18.46 45.89 -35.95
CA PRO A 921 17.72 46.79 -36.83
C PRO A 921 17.78 48.23 -36.33
N ALA A 922 17.47 49.15 -37.24
CA ALA A 922 17.36 50.55 -36.85
C ALA A 922 16.02 50.85 -36.21
N ALA A 923 14.97 50.13 -36.60
CA ALA A 923 13.64 50.30 -36.04
C ALA A 923 12.82 49.07 -36.37
N VAL A 924 11.79 48.83 -35.56
CA VAL A 924 10.91 47.68 -35.74
C VAL A 924 9.47 48.18 -35.78
N VAL A 925 8.74 47.77 -36.80
CA VAL A 925 7.41 48.29 -37.09
C VAL A 925 6.43 47.15 -37.21
N LEU A 926 5.32 47.24 -36.48
CA LEU A 926 4.25 46.24 -36.51
C LEU A 926 3.05 46.83 -37.25
N GLN A 927 2.48 46.03 -38.14
CA GLN A 927 1.24 46.38 -38.85
C GLN A 927 0.22 45.28 -38.61
N THR A 928 -0.95 45.65 -38.11
CA THR A 928 -2.03 44.73 -37.83
C THR A 928 -3.29 45.21 -38.54
N LYS A 929 -4.01 44.28 -39.16
CA LYS A 929 -5.29 44.63 -39.77
C LYS A 929 -6.25 45.15 -38.70
N GLY A 930 -6.68 46.39 -38.85
CA GLY A 930 -7.56 47.03 -37.91
C GLY A 930 -6.88 47.96 -36.92
N SER A 931 -5.57 48.14 -37.01
CA SER A 931 -4.84 48.95 -36.04
C SER A 931 -3.88 49.89 -36.76
N PRO A 932 -3.54 51.01 -36.12
CA PRO A 932 -2.49 51.87 -36.68
C PRO A 932 -1.13 51.19 -36.60
N GLU A 933 -0.25 51.59 -37.51
CA GLU A 933 1.13 51.10 -37.48
C GLU A 933 1.82 51.58 -36.21
N SER A 934 2.51 50.66 -35.52
CA SER A 934 3.13 50.97 -34.24
C SER A 934 4.59 50.56 -34.26
N ARG A 935 5.34 51.12 -33.31
CA ARG A 935 6.75 50.81 -33.14
C ARG A 935 6.93 49.91 -31.92
N LEU A 936 7.81 48.92 -32.07
CA LEU A 936 8.15 47.99 -31.00
C LEU A 936 9.57 48.25 -30.53
N SER A 937 9.76 48.26 -29.21
CA SER A 937 11.12 48.30 -28.71
C SER A 937 11.75 46.92 -28.84
N PHE A 938 13.07 46.88 -28.78
CA PHE A 938 13.77 45.62 -29.02
C PHE A 938 15.11 45.63 -28.31
N GLN A 939 15.62 44.43 -28.07
CA GLN A 939 16.94 44.24 -27.48
C GLN A 939 17.75 43.35 -28.40
N HIS A 940 19.06 43.60 -28.49
CA HIS A 940 19.92 42.88 -29.39
C HIS A 940 21.23 42.53 -28.70
N ASP A 941 21.68 41.30 -28.90
CA ASP A 941 22.95 40.85 -28.37
C ASP A 941 23.92 40.67 -29.54
N PRO A 942 24.97 41.48 -29.64
CA PRO A 942 25.90 41.31 -30.76
C PRO A 942 26.69 40.01 -30.71
N GLU A 943 26.92 39.46 -29.51
CA GLU A 943 27.69 38.22 -29.41
C GLU A 943 26.94 37.04 -29.99
N THR A 944 25.66 36.92 -29.66
CA THR A 944 24.86 35.76 -30.07
C THR A 944 24.03 36.02 -31.31
N SER A 945 23.96 37.26 -31.79
CA SER A 945 23.12 37.64 -32.92
C SER A 945 21.66 37.26 -32.67
N VAL A 946 21.18 37.60 -31.48
CA VAL A 946 19.81 37.30 -31.06
C VAL A 946 19.05 38.61 -30.90
N LEU A 947 17.88 38.68 -31.51
CA LEU A 947 17.04 39.87 -31.51
C LEU A 947 15.73 39.55 -30.81
N ILE A 948 15.39 40.33 -29.79
CA ILE A 948 14.17 40.13 -29.01
C ILE A 948 13.24 41.31 -29.26
N LEU A 949 12.08 41.03 -29.85
CA LEU A 949 11.08 42.05 -30.10
C LEU A 949 10.10 42.08 -28.93
N ARG A 950 9.97 43.24 -28.29
CA ARG A 950 9.17 43.35 -27.08
C ARG A 950 7.68 43.49 -27.39
N LYS A 951 6.87 42.71 -26.66
CA LYS A 951 5.41 42.80 -26.55
C LYS A 951 4.72 43.28 -27.83
N PRO A 952 4.68 42.47 -28.89
CA PRO A 952 3.88 42.86 -30.06
C PRO A 952 2.41 43.05 -29.73
N GLY A 953 1.89 42.29 -28.76
CA GLY A 953 0.55 42.54 -28.24
C GLY A 953 -0.58 42.28 -29.20
N VAL A 954 -0.33 41.54 -30.27
CA VAL A 954 -1.35 41.29 -31.28
C VAL A 954 -2.03 39.96 -30.98
N SER A 955 -3.34 39.90 -31.22
CA SER A 955 -4.07 38.66 -31.06
C SER A 955 -3.53 37.60 -32.02
N VAL A 956 -3.42 36.37 -31.52
CA VAL A 956 -2.97 35.26 -32.35
C VAL A 956 -3.95 34.93 -33.47
N ALA A 957 -5.17 35.45 -33.40
CA ALA A 957 -6.15 35.22 -34.46
C ALA A 957 -6.06 36.25 -35.58
N SER A 958 -5.21 37.26 -35.44
CA SER A 958 -5.14 38.35 -36.40
C SER A 958 -4.00 38.16 -37.39
N ASP A 959 -4.24 38.60 -38.63
CA ASP A 959 -3.14 38.79 -39.57
C ASP A 959 -2.32 40.00 -39.14
N TRP A 960 -0.99 39.85 -39.18
CA TRP A 960 -0.11 40.95 -38.82
C TRP A 960 1.23 40.75 -39.50
N SER A 961 2.04 41.80 -39.48
CA SER A 961 3.38 41.76 -40.03
C SER A 961 4.29 42.66 -39.20
N ILE A 962 5.53 42.22 -39.03
CA ILE A 962 6.56 42.97 -38.32
C ILE A 962 7.73 43.17 -39.28
N HIS A 963 8.13 44.42 -39.46
CA HIS A 963 9.21 44.76 -40.39
C HIS A 963 10.41 45.27 -39.60
N LEU A 964 11.59 44.75 -39.92
CA LEU A 964 12.85 45.22 -39.36
C LEU A 964 13.51 46.14 -40.37
N ARG A 965 13.68 47.40 -40.01
CA ARG A 965 14.25 48.38 -40.93
C ARG A 965 15.75 48.55 -40.72
N LYS B 52 7.10 60.33 -13.89
CA LYS B 52 8.36 59.75 -13.43
C LYS B 52 8.49 58.30 -13.89
N PRO B 53 9.69 57.90 -14.28
CA PRO B 53 9.92 56.52 -14.68
C PRO B 53 10.12 55.61 -13.47
N PHE B 54 9.95 54.32 -13.72
CA PHE B 54 10.11 53.30 -12.69
C PHE B 54 11.46 52.60 -12.85
N THR B 55 12.08 52.27 -11.71
CA THR B 55 13.37 51.62 -11.69
C THR B 55 13.24 50.27 -11.01
N CYS B 56 13.71 49.22 -11.69
CA CYS B 56 13.68 47.88 -11.12
C CYS B 56 14.38 47.87 -9.77
N LEU B 57 13.86 47.05 -8.84
CA LEU B 57 14.38 47.07 -7.48
C LEU B 57 15.83 46.59 -7.41
N ASP B 58 16.22 45.68 -8.31
CA ASP B 58 17.60 45.23 -8.32
C ASP B 58 18.55 46.30 -8.86
N GLY B 59 18.03 47.22 -9.67
CA GLY B 59 18.86 48.19 -10.33
C GLY B 59 19.46 47.63 -11.61
N THR B 60 18.61 47.47 -12.62
CA THR B 60 19.06 46.89 -13.88
C THR B 60 18.57 47.73 -15.06
N ALA B 61 17.39 48.33 -14.92
CA ALA B 61 16.81 49.12 -16.00
C ALA B 61 15.97 50.24 -15.42
N THR B 62 15.49 51.10 -16.32
CA THR B 62 14.54 52.15 -15.98
C THR B 62 13.50 52.18 -17.09
N ILE B 63 12.25 51.90 -16.73
CA ILE B 63 11.17 51.77 -17.71
C ILE B 63 10.12 52.84 -17.44
N PRO B 64 9.37 53.26 -18.46
CA PRO B 64 8.26 54.20 -18.21
C PRO B 64 7.22 53.59 -17.28
N PHE B 65 6.48 54.47 -16.61
CA PHE B 65 5.51 54.03 -15.61
C PHE B 65 4.38 53.21 -16.21
N ASP B 66 4.11 53.36 -17.52
CA ASP B 66 3.05 52.57 -18.14
C ASP B 66 3.50 51.17 -18.52
N GLN B 67 4.74 50.80 -18.20
CA GLN B 67 5.21 49.43 -18.35
C GLN B 67 5.26 48.69 -17.02
N VAL B 68 4.69 49.28 -15.97
CA VAL B 68 4.45 48.57 -14.72
C VAL B 68 3.09 47.90 -14.80
N ASN B 69 3.06 46.59 -14.57
CA ASN B 69 1.82 45.79 -14.66
C ASN B 69 1.19 45.88 -16.04
N ASP B 70 2.02 45.95 -17.09
CA ASP B 70 1.51 45.94 -18.45
C ASP B 70 1.53 44.53 -19.05
N ASP B 71 1.64 43.50 -18.20
CA ASP B 71 1.56 42.09 -18.61
C ASP B 71 2.71 41.70 -19.54
N TYR B 72 3.86 42.35 -19.38
CA TYR B 72 5.09 41.96 -20.04
C TYR B 72 6.24 42.15 -19.05
N CYS B 73 7.13 41.16 -18.97
CA CYS B 73 8.19 41.21 -17.98
C CYS B 73 9.35 42.05 -18.49
N ASP B 74 9.63 43.15 -17.80
CA ASP B 74 10.70 44.05 -18.18
C ASP B 74 11.87 44.07 -17.20
N CYS B 75 11.66 43.68 -15.95
CA CYS B 75 12.72 43.65 -14.94
C CYS B 75 13.20 42.22 -14.70
N LYS B 76 14.51 42.05 -14.58
CA LYS B 76 15.09 40.73 -14.36
C LYS B 76 14.64 40.14 -13.02
N ASP B 77 14.35 40.99 -12.04
CA ASP B 77 13.88 40.52 -10.74
C ASP B 77 12.37 40.40 -10.67
N GLY B 78 11.64 40.77 -11.72
CA GLY B 78 10.19 40.66 -11.74
C GLY B 78 9.45 41.79 -11.08
N SER B 79 10.15 42.83 -10.62
CA SER B 79 9.52 43.85 -9.79
C SER B 79 8.55 44.73 -10.56
N ASP B 80 8.60 44.74 -11.89
CA ASP B 80 7.70 45.60 -12.64
C ASP B 80 6.32 44.99 -12.85
N GLU B 81 6.09 43.74 -12.48
CA GLU B 81 4.81 43.06 -12.67
C GLU B 81 4.32 42.41 -11.38
N PRO B 82 4.15 43.16 -10.30
CA PRO B 82 3.69 42.55 -9.05
C PRO B 82 2.25 42.06 -9.09
N GLY B 83 1.43 42.55 -10.02
CA GLY B 83 0.03 42.16 -10.08
C GLY B 83 -0.37 41.27 -11.24
N THR B 84 0.58 40.78 -12.03
CA THR B 84 0.27 39.95 -13.20
C THR B 84 1.09 38.66 -13.13
N ALA B 85 0.93 37.84 -14.17
CA ALA B 85 1.63 36.57 -14.29
C ALA B 85 2.79 36.63 -15.29
N ALA B 86 3.25 37.83 -15.64
CA ALA B 86 4.19 37.96 -16.76
C ALA B 86 5.62 37.63 -16.36
N CYS B 87 5.98 37.79 -15.09
CA CYS B 87 7.39 37.46 -14.86
C CYS B 87 7.53 36.08 -14.25
N PRO B 88 8.61 35.36 -14.59
CA PRO B 88 8.78 34.00 -14.04
C PRO B 88 9.23 33.99 -12.58
N ASN B 89 9.86 35.05 -12.10
CA ASN B 89 10.39 35.11 -10.74
C ASN B 89 9.67 36.15 -9.89
N GLY B 90 8.49 36.60 -10.32
CA GLY B 90 7.75 37.59 -9.58
C GLY B 90 6.97 36.97 -8.44
N SER B 91 6.34 37.85 -7.67
CA SER B 91 5.51 37.44 -6.55
C SER B 91 4.25 38.31 -6.51
N PHE B 92 3.15 37.71 -6.07
CA PHE B 92 1.87 38.37 -5.93
C PHE B 92 1.48 38.36 -4.47
N HIS B 93 1.07 39.51 -3.94
CA HIS B 93 0.80 39.67 -2.52
C HIS B 93 -0.68 39.49 -2.24
N CYS B 94 -1.01 38.52 -1.39
CA CYS B 94 -2.37 38.36 -0.88
C CYS B 94 -2.46 39.15 0.42
N THR B 95 -3.30 40.18 0.43
CA THR B 95 -3.53 40.91 1.67
C THR B 95 -4.18 40.02 2.72
N ASN B 96 -5.19 39.26 2.33
CA ASN B 96 -5.81 38.23 3.17
C ASN B 96 -6.29 38.81 4.51
N THR B 97 -7.20 39.77 4.42
CA THR B 97 -7.77 40.36 5.63
C THR B 97 -8.60 39.32 6.37
N GLY B 98 -8.30 39.12 7.65
CA GLY B 98 -8.93 38.08 8.43
C GLY B 98 -8.12 36.82 8.58
N TYR B 99 -6.91 36.79 8.03
CA TYR B 99 -5.98 35.68 8.18
C TYR B 99 -4.58 36.23 7.99
N LYS B 100 -3.60 35.35 7.77
CA LYS B 100 -2.26 35.85 7.58
C LYS B 100 -2.04 36.25 6.12
N PRO B 101 -1.29 37.33 5.87
CA PRO B 101 -0.93 37.67 4.49
C PRO B 101 0.01 36.63 3.89
N LEU B 102 0.00 36.55 2.57
CA LEU B 102 0.68 35.48 1.85
C LEU B 102 1.27 36.02 0.55
N TYR B 103 2.44 35.52 0.19
CA TYR B 103 3.04 35.73 -1.12
C TYR B 103 2.93 34.45 -1.93
N ILE B 104 2.57 34.58 -3.22
CA ILE B 104 2.50 33.45 -4.12
C ILE B 104 3.33 33.77 -5.36
N LEU B 105 3.66 32.71 -6.11
CA LEU B 105 4.36 32.88 -7.38
C LEU B 105 3.51 33.69 -8.36
N SER B 106 4.18 34.52 -9.16
CA SER B 106 3.49 35.24 -10.22
C SER B 106 2.78 34.28 -11.17
N SER B 107 3.35 33.08 -11.37
CA SER B 107 2.75 32.11 -12.27
C SER B 107 1.40 31.59 -11.77
N ARG B 108 1.01 31.92 -10.54
CA ARG B 108 -0.28 31.49 -10.03
C ARG B 108 -1.31 32.63 -9.99
N VAL B 109 -0.99 33.75 -10.62
CA VAL B 109 -1.97 34.82 -10.82
C VAL B 109 -2.80 34.48 -12.05
N ASN B 110 -4.10 34.36 -11.87
CA ASN B 110 -5.03 34.08 -12.96
C ASN B 110 -4.71 32.76 -13.66
N ASP B 111 -4.32 31.76 -12.87
CA ASP B 111 -4.18 30.42 -13.40
C ASP B 111 -5.46 29.61 -13.27
N GLY B 112 -6.52 30.20 -12.72
CA GLY B 112 -7.77 29.51 -12.50
C GLY B 112 -7.84 28.73 -11.22
N VAL B 113 -6.84 28.85 -10.34
CA VAL B 113 -6.79 28.13 -9.08
C VAL B 113 -6.76 29.14 -7.95
N CYS B 114 -7.54 28.91 -6.90
CA CYS B 114 -7.64 29.83 -5.77
C CYS B 114 -6.45 29.62 -4.85
N ASP B 115 -5.50 30.55 -4.87
CA ASP B 115 -4.31 30.47 -4.03
C ASP B 115 -4.38 31.34 -2.79
N CYS B 116 -4.95 32.54 -2.89
CA CYS B 116 -5.16 33.38 -1.71
C CYS B 116 -6.53 33.07 -1.12
N CYS B 117 -6.63 33.13 0.22
CA CYS B 117 -7.92 32.94 0.85
C CYS B 117 -8.89 34.06 0.51
N ASP B 118 -8.39 35.26 0.24
CA ASP B 118 -9.27 36.36 -0.17
C ASP B 118 -9.64 36.30 -1.64
N GLY B 119 -9.02 35.42 -2.42
CA GLY B 119 -9.40 35.19 -3.80
C GLY B 119 -8.94 36.24 -4.79
N THR B 120 -8.05 37.15 -4.40
CA THR B 120 -7.68 38.26 -5.26
C THR B 120 -6.64 37.89 -6.31
N ASP B 121 -6.06 36.69 -6.25
CA ASP B 121 -5.16 36.25 -7.30
C ASP B 121 -5.89 35.86 -8.56
N GLU B 122 -7.21 35.66 -8.48
CA GLU B 122 -8.04 35.30 -9.62
C GLU B 122 -9.00 36.46 -9.88
N TYR B 123 -8.57 37.41 -10.72
CA TYR B 123 -9.40 38.54 -11.06
C TYR B 123 -9.81 38.60 -12.53
N ASN B 124 -9.28 37.72 -13.38
CA ASN B 124 -9.62 37.73 -14.80
C ASN B 124 -9.32 36.37 -15.42
N SER B 125 -9.87 35.31 -14.85
CA SER B 125 -9.53 33.95 -15.27
C SER B 125 -10.73 33.04 -15.47
N GLY B 126 -11.94 33.51 -15.18
CA GLY B 126 -13.10 32.65 -15.24
C GLY B 126 -13.36 31.85 -13.98
N THR B 127 -12.41 31.81 -13.05
CA THR B 127 -12.63 31.20 -11.75
C THR B 127 -12.96 32.30 -10.74
N VAL B 128 -14.13 32.19 -10.12
CA VAL B 128 -14.56 33.11 -9.08
C VAL B 128 -14.27 32.44 -7.75
N CYS B 129 -13.31 33.00 -7.00
CA CYS B 129 -12.93 32.47 -5.70
C CYS B 129 -13.68 33.23 -4.61
N GLU B 130 -14.37 32.48 -3.76
CA GLU B 130 -15.00 33.06 -2.59
C GLU B 130 -13.95 33.29 -1.50
N ASN B 131 -14.23 34.25 -0.62
CA ASN B 131 -13.33 34.56 0.49
C ASN B 131 -13.48 33.49 1.56
N THR B 132 -12.37 32.85 1.92
CA THR B 132 -12.37 31.78 2.91
C THR B 132 -11.38 32.05 4.05
N CYS B 133 -10.99 33.31 4.26
CA CYS B 133 -9.99 33.59 5.29
C CYS B 133 -10.54 33.36 6.69
N ARG B 134 -11.86 33.45 6.86
CA ARG B 134 -12.48 33.19 8.14
C ARG B 134 -13.02 31.76 8.19
N VAL C 32 -11.05 15.05 19.46
CA VAL C 32 -12.25 14.24 19.23
C VAL C 32 -13.51 15.09 19.40
N ASP C 33 -14.34 15.15 18.35
CA ASP C 33 -15.63 15.81 18.44
C ASP C 33 -16.53 14.95 19.32
N ARG C 34 -16.71 15.38 20.57
CA ARG C 34 -17.43 14.56 21.54
C ARG C 34 -18.94 14.73 21.45
N SER C 35 -19.45 15.60 20.57
CA SER C 35 -20.89 15.68 20.36
C SER C 35 -21.46 14.41 19.76
N ASN C 36 -20.60 13.53 19.24
CA ASN C 36 -21.02 12.25 18.70
C ASN C 36 -21.30 11.22 19.80
N PHE C 37 -20.88 11.48 21.03
CA PHE C 37 -20.97 10.52 22.12
C PHE C 37 -21.78 11.12 23.26
N LYS C 38 -22.73 10.35 23.77
CA LYS C 38 -23.67 10.86 24.77
C LYS C 38 -22.96 11.20 26.07
N THR C 39 -23.29 12.37 26.62
CA THR C 39 -23.05 12.62 28.04
C THR C 39 -24.11 11.88 28.87
N CYS C 40 -23.93 11.91 30.19
CA CYS C 40 -24.92 11.28 31.07
C CYS C 40 -26.29 11.92 30.90
N ASP C 41 -26.33 13.24 30.69
CA ASP C 41 -27.61 13.92 30.48
C ASP C 41 -28.27 13.50 29.17
N GLU C 42 -27.48 13.12 28.17
CA GLU C 42 -28.03 12.66 26.90
C GLU C 42 -28.40 11.18 26.92
N SER C 43 -27.92 10.43 27.92
CA SER C 43 -28.38 9.07 28.16
C SER C 43 -29.55 9.15 29.14
N SER C 44 -30.75 8.86 28.65
CA SER C 44 -31.96 9.14 29.43
C SER C 44 -31.98 8.34 30.73
N PHE C 45 -31.51 7.08 30.69
CA PHE C 45 -31.51 6.30 31.92
C PHE C 45 -30.46 6.79 32.90
N CYS C 46 -29.37 7.39 32.42
CA CYS C 46 -28.42 8.02 33.34
C CYS C 46 -29.02 9.27 33.95
N LYS C 47 -29.73 10.07 33.14
CA LYS C 47 -30.35 11.27 33.67
C LYS C 47 -31.38 10.95 34.73
N ARG C 48 -32.22 9.94 34.49
CA ARG C 48 -33.23 9.56 35.48
C ARG C 48 -32.57 9.08 36.77
N GLN C 49 -31.57 8.21 36.65
CA GLN C 49 -30.88 7.71 37.84
C GLN C 49 -30.15 8.83 38.56
N ARG C 50 -29.41 9.67 37.81
CA ARG C 50 -28.64 10.74 38.44
C ARG C 50 -29.53 11.85 38.99
N SER C 51 -30.81 11.88 38.64
CA SER C 51 -31.72 12.87 39.20
C SER C 51 -32.21 12.52 40.59
N ILE C 52 -32.03 11.27 41.02
CA ILE C 52 -32.40 10.87 42.37
C ILE C 52 -31.40 11.46 43.36
N ARG C 53 -31.91 12.21 44.34
CA ARG C 53 -31.08 12.89 45.31
C ARG C 53 -30.89 12.03 46.56
N PRO C 54 -29.73 12.15 47.22
CA PRO C 54 -29.49 11.37 48.43
C PRO C 54 -30.52 11.69 49.51
N GLY C 55 -31.13 10.65 50.05
CA GLY C 55 -32.11 10.82 51.10
C GLY C 55 -32.67 9.49 51.54
N LEU C 56 -33.84 9.53 52.16
CA LEU C 56 -34.49 8.30 52.61
C LEU C 56 -34.90 7.46 51.40
N SER C 57 -34.45 6.22 51.37
CA SER C 57 -34.79 5.34 50.27
C SER C 57 -36.23 4.87 50.39
N PRO C 58 -36.99 4.89 49.29
CA PRO C 58 -38.36 4.36 49.32
C PRO C 58 -38.42 2.84 49.38
N TYR C 59 -37.29 2.15 49.39
CA TYR C 59 -37.28 0.69 49.40
C TYR C 59 -37.24 0.18 50.83
N ARG C 60 -38.02 -0.86 51.10
CA ARG C 60 -38.14 -1.43 52.44
C ARG C 60 -38.19 -2.94 52.35
N ALA C 61 -37.52 -3.61 53.28
CA ALA C 61 -37.45 -5.05 53.31
C ALA C 61 -38.58 -5.63 54.15
N LEU C 62 -39.27 -6.64 53.60
CA LEU C 62 -40.37 -7.30 54.29
C LEU C 62 -39.81 -8.52 55.02
N LEU C 63 -39.45 -8.31 56.29
CA LEU C 63 -38.83 -9.37 57.07
C LEU C 63 -39.76 -10.55 57.31
N ASP C 64 -41.06 -10.39 57.10
CA ASP C 64 -41.98 -11.53 57.20
C ASP C 64 -41.78 -12.54 56.08
N THR C 65 -41.16 -12.12 54.97
CA THR C 65 -40.95 -12.99 53.82
C THR C 65 -39.58 -13.64 53.81
N LEU C 66 -38.74 -13.35 54.80
CA LEU C 66 -37.38 -13.86 54.82
C LEU C 66 -37.35 -15.38 54.88
N GLN C 67 -36.47 -15.97 54.07
CA GLN C 67 -36.25 -17.41 54.07
C GLN C 67 -34.75 -17.66 54.02
N LEU C 68 -34.27 -18.56 54.88
CA LEU C 68 -32.83 -18.79 55.04
C LEU C 68 -32.53 -20.25 54.70
N GLY C 69 -31.83 -20.46 53.59
CA GLY C 69 -31.31 -21.77 53.25
C GLY C 69 -29.84 -21.85 53.56
N PRO C 70 -29.23 -23.01 53.32
CA PRO C 70 -27.78 -23.13 53.53
C PRO C 70 -26.97 -22.31 52.55
N ASP C 71 -27.51 -22.04 51.36
CA ASP C 71 -26.77 -21.36 50.30
C ASP C 71 -27.11 -19.88 50.19
N ALA C 72 -28.34 -19.46 50.49
CA ALA C 72 -28.73 -18.09 50.26
C ALA C 72 -29.80 -17.66 51.26
N LEU C 73 -29.87 -16.36 51.47
CA LEU C 73 -30.97 -15.71 52.17
C LEU C 73 -31.79 -14.93 51.16
N THR C 74 -33.09 -15.18 51.13
CA THR C 74 -34.00 -14.51 50.20
C THR C 74 -35.03 -13.73 51.01
N VAL C 75 -35.21 -12.45 50.67
CA VAL C 75 -36.19 -11.60 51.33
C VAL C 75 -36.77 -10.64 50.29
N HIS C 76 -38.07 -10.39 50.39
CA HIS C 76 -38.73 -9.52 49.44
C HIS C 76 -38.49 -8.05 49.78
N LEU C 77 -38.39 -7.23 48.73
CA LEU C 77 -38.31 -5.79 48.87
C LEU C 77 -39.52 -5.16 48.19
N ILE C 78 -39.91 -3.97 48.64
CA ILE C 78 -41.06 -3.28 48.09
C ILE C 78 -40.74 -1.79 47.96
N HIS C 79 -41.24 -1.19 46.89
CA HIS C 79 -41.22 0.25 46.72
C HIS C 79 -42.48 0.83 47.34
N GLU C 80 -42.31 1.79 48.25
CA GLU C 80 -43.46 2.25 49.03
C GLU C 80 -44.44 3.07 48.19
N VAL C 81 -43.97 3.71 47.12
CA VAL C 81 -44.84 4.54 46.29
C VAL C 81 -45.46 3.72 45.16
N THR C 82 -44.65 2.96 44.43
CA THR C 82 -45.14 2.20 43.28
C THR C 82 -45.58 0.79 43.62
N LYS C 83 -45.30 0.33 44.85
CA LYS C 83 -45.68 -1.01 45.30
C LYS C 83 -45.08 -2.11 44.44
N VAL C 84 -43.94 -1.86 43.79
CA VAL C 84 -43.29 -2.89 42.98
C VAL C 84 -42.47 -3.78 43.89
N LEU C 85 -42.56 -5.09 43.65
CA LEU C 85 -41.96 -6.09 44.52
C LEU C 85 -40.70 -6.65 43.89
N LEU C 86 -39.61 -6.64 44.66
CA LEU C 86 -38.33 -7.18 44.25
C LEU C 86 -37.94 -8.34 45.17
N VAL C 87 -36.96 -9.12 44.74
CA VAL C 87 -36.42 -10.23 45.52
C VAL C 87 -34.92 -10.02 45.67
N LEU C 88 -34.45 -10.03 46.92
CA LEU C 88 -33.04 -9.93 47.23
C LEU C 88 -32.50 -11.31 47.57
N GLU C 89 -31.44 -11.72 46.89
CA GLU C 89 -30.73 -12.95 47.21
C GLU C 89 -29.37 -12.57 47.77
N LEU C 90 -29.15 -12.90 49.04
CA LEU C 90 -27.91 -12.55 49.75
C LEU C 90 -27.15 -13.83 50.06
N GLN C 91 -25.86 -13.85 49.74
CA GLN C 91 -25.06 -15.05 49.89
C GLN C 91 -23.70 -14.70 50.48
N GLY C 92 -23.28 -15.49 51.45
CA GLY C 92 -21.89 -15.52 51.84
C GLY C 92 -21.15 -16.53 50.97
N LEU C 93 -19.89 -16.22 50.67
CA LEU C 93 -19.10 -17.05 49.77
C LEU C 93 -17.77 -17.40 50.42
N GLN C 94 -17.24 -18.56 50.04
CA GLN C 94 -15.89 -18.92 50.40
C GLN C 94 -14.92 -17.83 49.92
N LYS C 95 -13.74 -17.80 50.54
CA LYS C 95 -12.71 -16.80 50.25
C LYS C 95 -13.17 -15.39 50.62
N ASP C 96 -14.10 -15.30 51.58
CA ASP C 96 -14.47 -14.03 52.21
C ASP C 96 -15.11 -13.06 51.21
N MET C 97 -16.15 -13.53 50.54
CA MET C 97 -16.88 -12.71 49.58
C MET C 97 -18.37 -12.77 49.87
N THR C 98 -19.07 -11.70 49.47
CA THR C 98 -20.51 -11.60 49.57
C THR C 98 -21.07 -11.25 48.20
N ARG C 99 -22.17 -11.91 47.83
CA ARG C 99 -22.85 -11.66 46.56
C ARG C 99 -24.24 -11.12 46.83
N ILE C 100 -24.63 -10.09 46.08
CA ILE C 100 -25.94 -9.46 46.21
C ILE C 100 -26.62 -9.48 44.85
N ARG C 101 -27.74 -10.19 44.76
CA ARG C 101 -28.52 -10.26 43.54
C ARG C 101 -29.95 -9.81 43.82
N ILE C 102 -30.42 -8.83 43.04
CA ILE C 102 -31.75 -8.26 43.20
C ILE C 102 -32.46 -8.30 41.85
N ASP C 103 -33.68 -8.82 41.85
CA ASP C 103 -34.46 -9.02 40.63
C ASP C 103 -35.93 -8.77 40.94
N GLU C 104 -36.73 -8.63 39.88
CA GLU C 104 -38.17 -8.46 40.06
C GLU C 104 -38.79 -9.73 40.61
N LEU C 105 -39.71 -9.56 41.58
CA LEU C 105 -40.37 -10.71 42.18
C LEU C 105 -41.21 -11.47 41.15
N GLU C 106 -42.08 -10.76 40.44
CA GLU C 106 -42.89 -11.33 39.35
C GLU C 106 -42.70 -10.46 38.13
N PRO C 107 -41.69 -10.73 37.31
CA PRO C 107 -41.46 -9.93 36.10
C PRO C 107 -42.26 -10.42 34.91
N ARG C 108 -42.59 -9.47 34.02
CA ARG C 108 -43.32 -9.81 32.79
C ARG C 108 -42.53 -10.81 31.96
N ARG C 109 -41.22 -10.70 31.95
CA ARG C 109 -40.31 -11.67 31.34
C ARG C 109 -38.97 -11.53 32.03
N PRO C 110 -38.13 -12.58 32.01
CA PRO C 110 -36.88 -12.52 32.76
C PRO C 110 -35.93 -11.46 32.24
N ARG C 111 -35.17 -10.87 33.16
CA ARG C 111 -34.10 -9.94 32.81
C ARG C 111 -32.82 -10.72 32.50
N TYR C 112 -31.84 -9.99 31.96
CA TYR C 112 -30.60 -10.63 31.52
C TYR C 112 -29.67 -10.87 32.69
N ARG C 113 -29.05 -12.05 32.69
CA ARG C 113 -28.01 -12.42 33.65
C ARG C 113 -26.77 -12.82 32.86
N VAL C 114 -25.66 -12.14 33.12
CA VAL C 114 -24.44 -12.23 32.30
C VAL C 114 -23.86 -13.64 32.33
N PRO C 115 -23.91 -14.38 31.24
CA PRO C 115 -23.30 -15.72 31.21
C PRO C 115 -21.83 -15.67 30.83
N ASP C 116 -21.18 -16.83 30.93
CA ASP C 116 -19.86 -17.13 30.40
C ASP C 116 -18.72 -16.31 31.00
N VAL C 117 -19.00 -15.36 31.88
CA VAL C 117 -17.93 -14.61 32.53
C VAL C 117 -17.42 -15.33 33.78
N LEU C 118 -18.33 -15.77 34.64
CA LEU C 118 -17.94 -16.55 35.80
C LEU C 118 -17.41 -17.90 35.37
N VAL C 119 -16.28 -18.31 35.93
CA VAL C 119 -15.69 -19.60 35.56
C VAL C 119 -16.37 -20.77 36.25
N ALA C 120 -17.04 -20.53 37.38
CA ALA C 120 -17.69 -21.60 38.12
C ALA C 120 -18.78 -21.01 38.99
N ASP C 121 -19.64 -21.87 39.49
CA ASP C 121 -20.58 -21.49 40.53
C ASP C 121 -19.80 -21.23 41.80
N PRO C 122 -19.77 -20.01 42.32
CA PRO C 122 -18.93 -19.71 43.50
C PRO C 122 -19.36 -20.52 44.71
N PRO C 123 -18.41 -21.17 45.39
CA PRO C 123 -18.75 -21.91 46.61
C PRO C 123 -19.28 -20.99 47.69
N THR C 124 -20.37 -21.42 48.33
CA THR C 124 -21.07 -20.59 49.31
C THR C 124 -20.57 -20.85 50.72
N ALA C 125 -20.90 -19.92 51.61
CA ALA C 125 -20.72 -20.07 53.04
C ALA C 125 -22.06 -19.89 53.72
N ARG C 126 -22.32 -20.67 54.75
CA ARG C 126 -23.62 -20.63 55.42
C ARG C 126 -23.76 -19.33 56.21
N LEU C 127 -24.90 -18.66 56.02
CA LEU C 127 -25.28 -17.54 56.88
C LEU C 127 -26.13 -18.05 58.02
N SER C 128 -26.02 -17.41 59.18
CA SER C 128 -26.75 -17.80 60.38
C SER C 128 -27.25 -16.54 61.07
N VAL C 129 -28.47 -16.62 61.59
CA VAL C 129 -29.08 -15.49 62.28
C VAL C 129 -28.46 -15.37 63.67
N SER C 130 -27.86 -14.22 63.95
CA SER C 130 -27.24 -13.95 65.24
C SER C 130 -27.76 -12.69 65.91
N GLY C 131 -28.77 -12.04 65.33
CA GLY C 131 -29.36 -10.84 65.88
C GLY C 131 -30.63 -10.51 65.14
N ARG C 132 -31.61 -9.94 65.83
CA ARG C 132 -32.92 -9.75 65.20
C ARG C 132 -33.74 -8.78 66.05
N ASP C 133 -34.54 -7.96 65.38
CA ASP C 133 -35.55 -7.14 66.02
C ASP C 133 -36.60 -6.80 64.96
N ASP C 134 -37.34 -5.72 65.18
CA ASP C 134 -38.39 -5.34 64.23
C ASP C 134 -37.85 -4.74 62.95
N ASN C 135 -36.69 -4.07 63.00
CA ASN C 135 -36.17 -3.35 61.84
C ASN C 135 -34.77 -3.81 61.44
N SER C 136 -34.29 -4.94 61.95
CA SER C 136 -32.95 -5.38 61.58
C SER C 136 -32.83 -6.88 61.80
N VAL C 137 -31.97 -7.49 60.98
CA VAL C 137 -31.54 -8.88 61.16
C VAL C 137 -30.04 -8.91 60.97
N GLU C 138 -29.33 -9.45 61.95
CA GLU C 138 -27.89 -9.63 61.86
C GLU C 138 -27.58 -11.07 61.47
N LEU C 139 -26.63 -11.24 60.55
CA LEU C 139 -26.24 -12.55 60.07
C LEU C 139 -24.73 -12.72 60.21
N THR C 140 -24.32 -13.95 60.47
CA THR C 140 -22.92 -14.30 60.63
C THR C 140 -22.51 -15.24 59.51
N VAL C 141 -21.42 -14.91 58.82
CA VAL C 141 -20.92 -15.75 57.74
C VAL C 141 -20.08 -16.87 58.36
N ALA C 142 -20.53 -18.12 58.16
CA ALA C 142 -19.89 -19.29 58.75
C ALA C 142 -19.74 -19.13 60.25
N GLU C 143 -18.49 -18.99 60.72
CA GLU C 143 -18.21 -18.79 62.14
C GLU C 143 -17.52 -17.46 62.39
N GLY C 144 -17.70 -16.49 61.51
CA GLY C 144 -17.07 -15.19 61.66
C GLY C 144 -15.74 -15.14 60.94
N PRO C 145 -15.07 -13.97 60.99
CA PRO C 145 -15.49 -12.78 61.73
C PRO C 145 -16.45 -11.86 60.97
N TYR C 146 -16.98 -12.31 59.84
CA TYR C 146 -17.76 -11.44 58.96
C TYR C 146 -19.25 -11.52 59.29
N LYS C 147 -19.89 -10.35 59.41
CA LYS C 147 -21.30 -10.24 59.75
C LYS C 147 -21.99 -9.26 58.80
N ILE C 148 -23.25 -9.54 58.49
CA ILE C 148 -24.04 -8.75 57.56
C ILE C 148 -25.28 -8.24 58.31
N ILE C 149 -25.45 -6.92 58.37
CA ILE C 149 -26.56 -6.30 59.07
C ILE C 149 -27.56 -5.81 58.04
N LEU C 150 -28.71 -6.48 57.94
CA LEU C 150 -29.79 -6.08 57.05
C LEU C 150 -30.76 -5.18 57.80
N THR C 151 -30.91 -3.95 57.34
CA THR C 151 -31.89 -3.00 57.86
C THR C 151 -33.15 -3.05 57.00
N ALA C 152 -34.32 -3.07 57.65
CA ALA C 152 -35.57 -3.26 56.93
C ALA C 152 -36.09 -1.95 56.34
N GLN C 153 -36.22 -0.92 57.17
CA GLN C 153 -36.73 0.36 56.69
C GLN C 153 -35.91 1.50 57.30
N PRO C 154 -35.21 2.30 56.48
CA PRO C 154 -35.09 2.09 55.02
C PRO C 154 -34.13 0.96 54.70
N PHE C 155 -34.23 0.40 53.49
CA PHE C 155 -33.40 -0.74 53.13
C PHE C 155 -31.92 -0.39 53.16
N ARG C 156 -31.13 -1.29 53.73
CA ARG C 156 -29.70 -1.04 53.93
C ARG C 156 -29.03 -2.38 54.23
N LEU C 157 -27.76 -2.47 53.84
CA LEU C 157 -26.93 -3.63 54.15
C LEU C 157 -25.58 -3.14 54.63
N ASP C 158 -25.08 -3.75 55.69
CA ASP C 158 -23.81 -3.38 56.29
C ASP C 158 -22.97 -4.62 56.48
N LEU C 159 -21.71 -4.56 56.07
CA LEU C 159 -20.77 -5.66 56.22
C LEU C 159 -19.73 -5.30 57.27
N LEU C 160 -19.52 -6.20 58.22
CA LEU C 160 -18.61 -5.94 59.33
C LEU C 160 -17.69 -7.12 59.54
N GLU C 161 -16.46 -6.82 59.94
CA GLU C 161 -15.55 -7.79 60.53
C GLU C 161 -15.49 -7.48 62.02
N ASP C 162 -16.14 -8.32 62.82
CA ASP C 162 -16.36 -8.09 64.26
C ASP C 162 -17.13 -6.78 64.39
N ARG C 163 -16.58 -5.73 65.01
CA ARG C 163 -17.28 -4.47 65.21
C ARG C 163 -16.80 -3.37 64.27
N SER C 164 -16.04 -3.72 63.23
CA SER C 164 -15.55 -2.76 62.26
C SER C 164 -16.45 -2.77 61.04
N LEU C 165 -17.03 -1.62 60.70
CA LEU C 165 -17.88 -1.51 59.53
C LEU C 165 -17.01 -1.42 58.28
N LEU C 166 -17.14 -2.40 57.39
CA LEU C 166 -16.31 -2.41 56.18
C LEU C 166 -16.94 -1.58 55.07
N LEU C 167 -18.23 -1.82 54.79
CA LEU C 167 -18.92 -1.07 53.76
C LEU C 167 -20.41 -1.17 53.99
N SER C 168 -21.14 -0.18 53.48
CA SER C 168 -22.59 -0.13 53.57
C SER C 168 -23.18 -0.05 52.17
N VAL C 169 -24.34 -0.66 52.00
CA VAL C 169 -25.07 -0.70 50.74
C VAL C 169 -26.34 0.11 50.89
N ASN C 170 -26.62 0.97 49.91
CA ASN C 170 -27.82 1.81 49.91
C ASN C 170 -27.83 2.78 51.08
N ALA C 171 -26.64 3.12 51.59
CA ALA C 171 -26.55 4.01 52.74
C ALA C 171 -27.04 5.42 52.41
N ARG C 172 -26.94 5.81 51.14
CA ARG C 172 -27.43 7.12 50.70
C ARG C 172 -28.78 7.01 50.00
N GLY C 173 -29.42 5.85 50.05
CA GLY C 173 -30.77 5.70 49.51
C GLY C 173 -30.88 5.86 48.02
N LEU C 174 -29.79 5.78 47.29
CA LEU C 174 -29.77 6.03 45.85
C LEU C 174 -30.19 4.82 45.02
N MET C 175 -30.64 3.73 45.65
CA MET C 175 -31.02 2.54 44.91
C MET C 175 -32.25 2.83 44.04
N ALA C 176 -32.19 2.38 42.79
CA ALA C 176 -33.31 2.52 41.86
C ALA C 176 -33.35 1.29 40.96
N PHE C 177 -34.55 0.74 40.77
CA PHE C 177 -34.74 -0.50 40.00
C PHE C 177 -36.03 -0.34 39.19
N GLU C 178 -35.88 0.13 37.95
CA GLU C 178 -37.03 0.34 37.07
C GLU C 178 -37.54 -1.02 36.60
N HIS C 179 -38.76 -1.37 37.02
CA HIS C 179 -39.35 -2.65 36.63
C HIS C 179 -39.89 -2.58 35.21
N GLN C 180 -39.96 -3.74 34.56
CA GLN C 180 -40.44 -3.81 33.18
C GLN C 180 -41.92 -3.46 33.15
N ARG C 181 -42.22 -2.25 32.71
CA ARG C 181 -43.61 -1.80 32.61
C ARG C 181 -44.30 -2.46 31.42
N ALA C 182 -45.62 -2.30 31.38
CA ALA C 182 -46.38 -2.91 30.29
C ALA C 182 -46.15 -2.14 29.00
N PRO C 183 -46.01 -2.85 27.86
CA PRO C 183 -45.74 -2.21 26.57
C PRO C 183 -46.88 -1.31 26.10
N GLU C 243 -39.56 11.24 32.17
CA GLU C 243 -40.61 11.00 31.18
C GLU C 243 -40.13 11.11 29.73
N PRO C 244 -39.39 12.17 29.36
CA PRO C 244 -38.88 12.25 27.98
C PRO C 244 -37.70 11.30 27.77
N GLY C 245 -37.74 10.57 26.67
CA GLY C 245 -36.70 9.61 26.36
C GLY C 245 -36.77 8.32 27.15
N ALA C 246 -37.79 8.14 27.98
CA ALA C 246 -37.92 6.88 28.73
C ALA C 246 -38.29 5.72 27.81
N TRP C 247 -38.98 5.99 26.71
CA TRP C 247 -39.28 4.96 25.72
C TRP C 247 -38.53 5.27 24.43
N GLU C 248 -39.24 5.56 23.34
CA GLU C 248 -38.56 5.94 22.11
C GLU C 248 -37.66 7.14 22.36
N GLU C 249 -36.38 7.00 21.99
CA GLU C 249 -35.37 7.98 22.32
C GLU C 249 -34.43 8.14 21.14
N THR C 250 -34.16 9.38 20.75
CA THR C 250 -33.27 9.67 19.63
C THR C 250 -32.06 10.46 20.12
N PHE C 251 -30.90 10.15 19.53
CA PHE C 251 -29.68 10.91 19.76
C PHE C 251 -29.12 11.28 18.41
N LYS C 252 -29.03 12.59 18.14
CA LYS C 252 -28.70 13.10 16.81
C LYS C 252 -29.64 12.50 15.77
N THR C 253 -29.12 11.74 14.81
CA THR C 253 -29.93 11.20 13.74
C THR C 253 -30.36 9.76 13.96
N HIS C 254 -29.97 9.15 15.07
CA HIS C 254 -30.27 7.76 15.34
C HIS C 254 -31.42 7.65 16.33
N SER C 255 -32.23 6.62 16.17
CA SER C 255 -33.44 6.44 16.96
C SER C 255 -33.46 5.05 17.58
N ASP C 256 -33.71 5.00 18.89
CA ASP C 256 -33.84 3.75 19.63
C ASP C 256 -35.33 3.51 19.87
N SER C 257 -35.86 2.45 19.27
CA SER C 257 -37.28 2.15 19.44
C SER C 257 -37.61 1.72 20.86
N LYS C 258 -36.60 1.29 21.64
CA LYS C 258 -36.67 0.91 23.05
C LYS C 258 -37.99 0.24 23.41
N PRO C 259 -38.26 -0.96 22.87
CA PRO C 259 -39.59 -1.57 23.06
C PRO C 259 -39.88 -2.00 24.50
N TYR C 260 -38.89 -2.04 25.38
CA TYR C 260 -39.09 -2.46 26.76
C TYR C 260 -39.13 -1.30 27.74
N GLY C 261 -38.91 -0.07 27.27
CA GLY C 261 -39.01 1.09 28.12
C GLY C 261 -37.95 1.13 29.20
N PRO C 262 -38.19 1.91 30.25
CA PRO C 262 -37.19 2.05 31.31
C PRO C 262 -36.98 0.73 32.05
N THR C 263 -35.72 0.30 32.14
CA THR C 263 -35.38 -0.94 32.83
C THR C 263 -34.07 -0.81 33.60
N SER C 264 -33.61 0.41 33.88
CA SER C 264 -32.29 0.58 34.45
C SER C 264 -32.27 0.21 35.93
N VAL C 265 -31.09 -0.21 36.40
CA VAL C 265 -30.87 -0.59 37.78
C VAL C 265 -29.70 0.21 38.33
N GLY C 266 -29.70 0.39 39.65
CA GLY C 266 -28.68 1.20 40.29
C GLY C 266 -28.58 0.89 41.76
N LEU C 267 -27.44 1.25 42.35
CA LEU C 267 -27.15 0.94 43.74
C LEU C 267 -25.88 1.67 44.15
N ASP C 268 -25.87 2.22 45.36
CA ASP C 268 -24.71 2.90 45.89
C ASP C 268 -24.05 2.08 46.98
N PHE C 269 -22.79 2.40 47.24
CA PHE C 269 -21.97 1.71 48.22
C PHE C 269 -21.11 2.74 48.94
N SER C 270 -20.92 2.53 50.24
CA SER C 270 -20.17 3.46 51.07
C SER C 270 -18.93 2.76 51.63
N LEU C 271 -17.78 3.41 51.51
CA LEU C 271 -16.50 2.82 51.89
C LEU C 271 -15.88 3.67 52.99
N PRO C 272 -16.22 3.40 54.25
CA PRO C 272 -15.61 4.17 55.36
C PRO C 272 -14.11 3.89 55.43
N GLY C 273 -13.33 4.95 55.52
CA GLY C 273 -11.89 4.84 55.60
C GLY C 273 -11.16 4.89 54.28
N MET C 274 -11.88 4.78 53.16
CA MET C 274 -11.26 4.73 51.84
C MET C 274 -11.27 6.12 51.21
N GLU C 275 -10.09 6.55 50.76
CA GLU C 275 -9.96 7.80 50.02
C GLU C 275 -9.35 7.61 48.64
N HIS C 276 -9.04 6.37 48.25
CA HIS C 276 -8.38 6.07 46.99
C HIS C 276 -9.05 4.87 46.34
N VAL C 277 -9.60 5.06 45.14
CA VAL C 277 -10.20 3.96 44.40
C VAL C 277 -9.57 3.89 43.01
N TYR C 278 -9.58 2.69 42.43
CA TYR C 278 -8.87 2.40 41.20
C TYR C 278 -9.70 1.45 40.35
N GLY C 279 -9.40 1.43 39.05
CA GLY C 279 -9.96 0.43 38.17
C GLY C 279 -10.95 0.93 37.15
N ILE C 280 -12.05 0.20 37.00
CA ILE C 280 -13.05 0.35 35.94
C ILE C 280 -12.44 0.86 34.64
N PRO C 281 -11.52 0.12 34.02
CA PRO C 281 -11.09 0.47 32.66
C PRO C 281 -12.24 0.25 31.67
N GLU C 282 -12.15 0.91 30.51
CA GLU C 282 -10.98 1.62 30.04
C GLU C 282 -11.23 3.12 29.86
N HIS C 283 -10.33 3.92 30.41
CA HIS C 283 -10.40 5.37 30.31
C HIS C 283 -9.01 5.93 30.17
N ALA C 284 -8.86 7.00 29.38
CA ALA C 284 -7.60 7.71 29.25
C ALA C 284 -7.49 8.71 30.41
N ASP C 285 -7.35 8.15 31.61
CA ASP C 285 -7.38 8.94 32.83
C ASP C 285 -6.31 8.42 33.78
N SER C 286 -6.15 9.14 34.89
CA SER C 286 -5.12 8.82 35.87
C SER C 286 -5.44 7.50 36.57
N LEU C 287 -4.41 6.92 37.17
CA LEU C 287 -4.57 5.65 37.88
C LEU C 287 -5.55 5.78 39.03
N ARG C 288 -5.30 6.72 39.93
CA ARG C 288 -6.25 7.01 40.99
C ARG C 288 -7.49 7.69 40.40
N LEU C 289 -8.64 7.06 40.55
CA LEU C 289 -9.86 7.60 39.97
C LEU C 289 -10.25 8.91 40.66
N LYS C 290 -10.85 9.82 39.88
CA LYS C 290 -11.26 11.11 40.37
C LYS C 290 -12.71 11.09 40.83
N VAL C 291 -13.07 12.05 41.68
CA VAL C 291 -14.47 12.22 42.04
C VAL C 291 -15.24 12.77 40.84
N THR C 292 -16.51 12.37 40.73
CA THR C 292 -17.33 12.72 39.59
C THR C 292 -18.41 13.74 39.94
N GLU C 293 -18.31 14.39 41.10
CA GLU C 293 -19.41 15.23 41.59
C GLU C 293 -19.71 16.38 40.63
N GLY C 294 -18.69 17.15 40.29
CA GLY C 294 -18.90 18.33 39.47
C GLY C 294 -18.89 18.11 37.97
N GLY C 295 -18.91 16.86 37.51
CA GLY C 295 -18.81 16.57 36.08
C GLY C 295 -19.49 15.28 35.72
N GLU C 296 -18.90 14.56 34.75
CA GLU C 296 -19.47 13.34 34.22
C GLU C 296 -19.12 12.14 35.10
N PRO C 297 -19.98 11.12 35.12
CA PRO C 297 -19.57 9.85 35.72
C PRO C 297 -18.62 9.11 34.78
N TYR C 298 -17.89 8.15 35.34
CA TYR C 298 -17.12 7.25 34.50
C TYR C 298 -18.08 6.32 33.76
N ARG C 299 -17.88 6.20 32.46
CA ARG C 299 -18.77 5.42 31.60
C ARG C 299 -18.09 4.12 31.21
N LEU C 300 -18.86 3.03 31.21
CA LEU C 300 -18.40 1.71 30.80
C LEU C 300 -19.30 1.29 29.64
N TYR C 301 -18.84 1.58 28.42
CA TYR C 301 -19.59 1.21 27.22
C TYR C 301 -18.57 1.12 26.09
N ASN C 302 -18.34 -0.09 25.58
CA ASN C 302 -17.30 -0.31 24.60
C ASN C 302 -17.53 0.49 23.33
N LEU C 303 -16.72 1.52 23.11
CA LEU C 303 -16.93 2.49 22.04
C LEU C 303 -15.62 2.79 21.34
N ASP C 304 -15.73 3.11 20.06
CA ASP C 304 -14.60 3.44 19.19
C ASP C 304 -14.53 4.96 19.08
N VAL C 305 -13.61 5.57 19.84
CA VAL C 305 -13.46 7.02 19.92
C VAL C 305 -12.27 7.42 19.07
N PHE C 306 -12.53 8.12 17.97
CA PHE C 306 -11.49 8.52 17.03
C PHE C 306 -10.61 9.61 17.66
N GLN C 307 -9.30 9.40 17.64
CA GLN C 307 -8.33 10.33 18.22
C GLN C 307 -8.74 10.76 19.63
N TYR C 308 -8.89 9.76 20.51
CA TYR C 308 -9.34 10.06 21.86
C TYR C 308 -8.32 10.93 22.58
N GLU C 309 -8.81 11.73 23.50
CA GLU C 309 -7.95 12.66 24.24
C GLU C 309 -7.76 12.16 25.67
N LEU C 310 -6.86 12.83 26.38
CA LEU C 310 -6.42 12.37 27.69
C LEU C 310 -7.18 13.07 28.81
N ASN C 311 -7.23 12.40 29.96
CA ASN C 311 -7.74 12.96 31.21
C ASN C 311 -9.21 13.35 31.10
N ASN C 312 -10.03 12.38 30.72
CA ASN C 312 -11.47 12.56 30.70
C ASN C 312 -12.13 11.21 30.91
N PRO C 313 -13.40 11.18 31.32
CA PRO C 313 -14.04 9.90 31.65
C PRO C 313 -14.81 9.27 30.51
N MET C 314 -14.58 9.71 29.27
CA MET C 314 -15.30 9.10 28.14
C MET C 314 -14.98 7.62 28.05
N ALA C 315 -15.99 6.83 27.70
CA ALA C 315 -15.80 5.39 27.55
C ALA C 315 -14.95 5.08 26.32
N LEU C 316 -13.99 4.18 26.49
CA LEU C 316 -13.14 3.73 25.40
C LEU C 316 -13.56 2.31 25.00
N TYR C 317 -12.61 1.53 24.52
CA TYR C 317 -12.93 0.31 23.79
C TYR C 317 -13.35 -0.86 24.67
N GLY C 318 -12.92 -0.87 25.94
CA GLY C 318 -13.21 -1.98 26.82
C GLY C 318 -13.85 -1.51 28.12
N SER C 319 -14.36 -2.48 28.87
CA SER C 319 -15.11 -2.21 30.10
C SER C 319 -14.92 -3.36 31.07
N VAL C 320 -14.25 -3.12 32.18
CA VAL C 320 -14.15 -4.08 33.28
C VAL C 320 -14.82 -3.48 34.50
N PRO C 321 -16.05 -3.89 34.83
CA PRO C 321 -16.81 -3.29 35.94
C PRO C 321 -16.32 -3.78 37.30
N VAL C 322 -15.09 -3.41 37.62
CA VAL C 322 -14.42 -3.85 38.84
C VAL C 322 -13.72 -2.65 39.46
N LEU C 323 -13.98 -2.39 40.73
CA LEU C 323 -13.42 -1.24 41.42
C LEU C 323 -12.69 -1.70 42.68
N LEU C 324 -11.50 -1.17 42.89
CA LEU C 324 -10.68 -1.50 44.04
C LEU C 324 -10.55 -0.27 44.94
N ALA C 325 -10.69 -0.49 46.25
CA ALA C 325 -10.52 0.56 47.24
C ALA C 325 -9.34 0.20 48.13
N HIS C 326 -8.41 1.14 48.30
CA HIS C 326 -7.21 0.91 49.08
C HIS C 326 -7.05 1.99 50.15
N SER C 327 -6.68 1.57 51.36
CA SER C 327 -6.25 2.46 52.42
C SER C 327 -5.07 1.82 53.12
N PHE C 328 -4.48 2.56 54.06
CA PHE C 328 -3.35 2.02 54.82
C PHE C 328 -3.74 0.79 55.63
N HIS C 329 -5.04 0.56 55.84
CA HIS C 329 -5.53 -0.51 56.71
C HIS C 329 -6.09 -1.70 55.96
N ARG C 330 -6.76 -1.50 54.82
CA ARG C 330 -7.47 -2.59 54.18
C ARG C 330 -7.60 -2.35 52.68
N ASP C 331 -7.98 -3.41 51.97
CA ASP C 331 -8.27 -3.38 50.55
C ASP C 331 -9.62 -4.05 50.31
N LEU C 332 -10.40 -3.50 49.39
CA LEU C 332 -11.71 -4.03 49.05
C LEU C 332 -11.92 -3.94 47.55
N GLY C 333 -12.75 -4.83 47.03
CA GLY C 333 -13.09 -4.81 45.62
C GLY C 333 -14.59 -4.98 45.44
N ILE C 334 -15.12 -4.28 44.43
CA ILE C 334 -16.51 -4.40 44.04
C ILE C 334 -16.56 -4.83 42.58
N PHE C 335 -17.22 -5.94 42.31
CA PHE C 335 -17.39 -6.50 40.98
C PHE C 335 -18.87 -6.43 40.62
N TRP C 336 -19.21 -5.50 39.73
CA TRP C 336 -20.59 -5.24 39.33
C TRP C 336 -20.86 -6.00 38.03
N LEU C 337 -21.37 -7.22 38.16
CA LEU C 337 -21.54 -8.11 37.01
C LEU C 337 -22.76 -7.71 36.19
N ASN C 338 -22.57 -6.69 35.36
CA ASN C 338 -23.60 -6.22 34.44
C ASN C 338 -22.97 -5.95 33.07
N ALA C 339 -23.65 -6.36 32.01
CA ALA C 339 -23.11 -6.28 30.65
C ALA C 339 -23.68 -5.12 29.83
N ALA C 340 -24.62 -4.36 30.39
CA ALA C 340 -25.22 -3.24 29.68
C ALA C 340 -24.43 -1.96 29.93
N GLU C 341 -24.83 -0.88 29.25
CA GLU C 341 -24.21 0.41 29.47
C GLU C 341 -24.28 0.78 30.94
N THR C 342 -23.14 1.19 31.50
CA THR C 342 -23.04 1.42 32.93
C THR C 342 -22.26 2.69 33.21
N TRP C 343 -22.79 3.53 34.09
CA TRP C 343 -22.13 4.74 34.56
C TRP C 343 -21.75 4.58 36.02
N VAL C 344 -20.62 5.16 36.41
CA VAL C 344 -20.08 5.00 37.76
C VAL C 344 -19.78 6.38 38.31
N ASP C 345 -20.39 6.70 39.46
CA ASP C 345 -20.18 7.97 40.14
C ASP C 345 -19.34 7.75 41.38
N ILE C 346 -18.43 8.69 41.65
CA ILE C 346 -17.48 8.59 42.75
C ILE C 346 -17.50 9.91 43.51
N SER C 347 -17.81 9.86 44.80
CA SER C 347 -17.86 11.05 45.64
C SER C 347 -17.15 10.78 46.97
N SER C 348 -16.41 11.78 47.45
CA SER C 348 -15.61 11.66 48.65
C SER C 348 -16.11 12.60 49.72
N ASN C 349 -15.99 12.16 50.97
CA ASN C 349 -16.42 12.96 52.12
C ASN C 349 -15.22 13.51 52.90
N THR C 369 -12.97 9.33 59.78
CA THR C 369 -14.11 10.09 59.13
C THR C 369 -14.08 10.14 57.55
N PRO C 370 -12.89 10.08 56.91
CA PRO C 370 -12.85 9.99 55.44
C PRO C 370 -13.59 8.78 54.90
N GLN C 371 -14.39 9.01 53.87
CA GLN C 371 -15.22 7.98 53.26
C GLN C 371 -15.43 8.30 51.78
N THR C 372 -15.49 7.25 50.96
CA THR C 372 -15.77 7.38 49.53
C THR C 372 -17.01 6.55 49.19
N ASP C 373 -17.90 7.14 48.38
CA ASP C 373 -19.12 6.47 47.97
C ASP C 373 -19.08 6.17 46.47
N ILE C 374 -19.53 4.98 46.10
CA ILE C 374 -19.52 4.50 44.73
C ILE C 374 -20.96 4.14 44.34
N ARG C 375 -21.37 4.55 43.14
CA ARG C 375 -22.71 4.30 42.65
C ARG C 375 -22.64 3.74 41.24
N TRP C 376 -23.24 2.56 41.04
CA TRP C 376 -23.32 1.92 39.73
C TRP C 376 -24.72 2.11 39.16
N MET C 377 -24.78 2.38 37.86
CA MET C 377 -26.04 2.64 37.15
C MET C 377 -25.99 1.96 35.80
N SER C 378 -26.76 0.89 35.62
CA SER C 378 -26.74 0.10 34.40
C SER C 378 -28.11 0.13 33.73
N GLU C 379 -28.11 -0.01 32.40
CA GLU C 379 -29.32 0.21 31.61
C GLU C 379 -30.34 -0.91 31.73
N SER C 380 -29.89 -2.15 31.95
CA SER C 380 -30.83 -3.27 32.04
C SER C 380 -30.15 -4.40 32.80
N GLY C 381 -30.69 -5.61 32.67
CA GLY C 381 -30.22 -6.73 33.46
C GLY C 381 -30.70 -6.65 34.90
N ILE C 382 -30.08 -7.47 35.74
CA ILE C 382 -30.38 -7.48 37.16
C ILE C 382 -29.27 -6.75 37.92
N ILE C 383 -29.43 -6.62 39.23
CA ILE C 383 -28.35 -6.17 40.10
C ILE C 383 -27.61 -7.40 40.58
N ASP C 384 -26.33 -7.49 40.22
CA ASP C 384 -25.49 -8.63 40.63
C ASP C 384 -24.12 -8.05 40.92
N VAL C 385 -23.78 -7.96 42.20
CA VAL C 385 -22.53 -7.34 42.65
C VAL C 385 -21.81 -8.30 43.58
N PHE C 386 -20.50 -8.34 43.48
CA PHE C 386 -19.65 -9.15 44.34
C PHE C 386 -18.82 -8.24 45.23
N LEU C 387 -18.89 -8.48 46.53
CA LEU C 387 -18.08 -7.74 47.50
C LEU C 387 -16.89 -8.62 47.88
N MET C 388 -15.70 -8.11 47.64
CA MET C 388 -14.46 -8.86 47.84
C MET C 388 -13.70 -8.18 48.97
N LEU C 389 -13.69 -8.82 50.14
CA LEU C 389 -13.43 -8.15 51.41
C LEU C 389 -11.95 -8.08 51.78
N GLY C 390 -11.06 -8.66 50.99
CA GLY C 390 -9.65 -8.60 51.29
C GLY C 390 -9.26 -9.60 52.37
N PRO C 391 -8.51 -9.13 53.38
CA PRO C 391 -8.13 -7.75 53.68
C PRO C 391 -7.00 -7.14 52.84
N SER C 392 -6.10 -7.95 52.28
CA SER C 392 -5.01 -7.38 51.50
C SER C 392 -5.37 -7.34 50.02
N VAL C 393 -4.61 -6.57 49.26
CA VAL C 393 -4.90 -6.43 47.83
C VAL C 393 -4.68 -7.76 47.11
N PHE C 394 -3.74 -8.57 47.58
CA PHE C 394 -3.54 -9.88 46.97
C PHE C 394 -4.68 -10.83 47.30
N ASP C 395 -5.37 -10.61 48.43
CA ASP C 395 -6.59 -11.36 48.69
C ASP C 395 -7.67 -11.00 47.67
N VAL C 396 -7.77 -9.71 47.32
CA VAL C 396 -8.76 -9.29 46.34
C VAL C 396 -8.46 -9.91 44.98
N PHE C 397 -7.18 -9.93 44.58
CA PHE C 397 -6.78 -10.62 43.36
C PHE C 397 -7.24 -12.06 43.38
N ARG C 398 -6.95 -12.78 44.47
CA ARG C 398 -7.39 -14.16 44.60
C ARG C 398 -8.91 -14.27 44.55
N GLN C 399 -9.60 -13.35 45.21
CA GLN C 399 -11.05 -13.41 45.24
C GLN C 399 -11.65 -13.19 43.86
N TYR C 400 -11.18 -12.16 43.15
CA TYR C 400 -11.67 -11.90 41.80
C TYR C 400 -11.27 -13.03 40.84
N ALA C 401 -10.04 -13.52 40.95
CA ALA C 401 -9.59 -14.58 40.06
C ALA C 401 -10.43 -15.84 40.23
N SER C 402 -10.82 -16.17 41.46
CA SER C 402 -11.65 -17.34 41.67
C SER C 402 -13.00 -17.20 41.01
N LEU C 403 -13.44 -15.97 40.73
CA LEU C 403 -14.70 -15.72 40.04
C LEU C 403 -14.55 -15.73 38.52
N THR C 404 -13.59 -14.97 37.97
CA THR C 404 -13.50 -14.76 36.53
C THR C 404 -12.27 -15.39 35.88
N GLY C 405 -11.48 -16.14 36.64
CA GLY C 405 -10.32 -16.81 36.08
C GLY C 405 -9.07 -15.93 36.09
N THR C 406 -8.01 -16.49 35.52
CA THR C 406 -6.70 -15.86 35.51
C THR C 406 -6.22 -15.59 34.09
N GLN C 407 -5.14 -14.81 33.99
CA GLN C 407 -4.49 -14.54 32.72
C GLN C 407 -4.03 -15.84 32.07
N ALA C 408 -4.43 -16.04 30.81
CA ALA C 408 -3.95 -17.19 30.06
C ALA C 408 -2.45 -17.10 29.85
N LEU C 409 -1.78 -18.24 29.92
CA LEU C 409 -0.33 -18.26 29.79
C LEU C 409 0.07 -17.96 28.35
N PRO C 410 0.69 -16.82 28.08
CA PRO C 410 1.06 -16.50 26.70
C PRO C 410 2.12 -17.45 26.20
N PRO C 411 2.07 -17.85 24.92
CA PRO C 411 3.23 -18.49 24.31
C PRO C 411 4.42 -17.54 24.37
N LEU C 412 5.60 -18.10 24.58
CA LEU C 412 6.78 -17.28 24.86
C LEU C 412 7.01 -16.22 23.78
N PHE C 413 6.82 -16.57 22.51
CA PHE C 413 7.12 -15.63 21.44
C PHE C 413 6.32 -14.34 21.59
N SER C 414 5.08 -14.45 22.07
CA SER C 414 4.22 -13.28 22.17
C SER C 414 4.67 -12.32 23.26
N LEU C 415 5.63 -12.69 24.09
CA LEU C 415 6.26 -11.77 25.02
C LEU C 415 7.50 -11.11 24.43
N GLY C 416 7.84 -11.43 23.19
CA GLY C 416 8.89 -10.73 22.47
C GLY C 416 8.38 -9.43 21.88
N TYR C 417 9.14 -8.90 20.93
CA TYR C 417 8.81 -7.63 20.29
C TYR C 417 8.02 -7.89 19.01
N HIS C 418 6.92 -7.15 18.84
CA HIS C 418 6.07 -7.25 17.66
C HIS C 418 6.28 -6.02 16.79
N GLN C 419 6.45 -6.26 15.49
CA GLN C 419 6.62 -5.17 14.51
C GLN C 419 5.39 -5.12 13.63
N SER C 420 4.71 -3.97 13.64
CA SER C 420 3.44 -3.83 12.96
C SER C 420 3.34 -2.44 12.34
N ARG C 421 2.44 -2.33 11.36
CA ARG C 421 1.95 -1.05 10.89
C ARG C 421 0.76 -1.33 9.99
N TRP C 422 0.00 -0.28 9.75
CA TRP C 422 -1.01 -0.24 8.69
C TRP C 422 -0.31 0.49 7.54
N ASN C 423 0.15 -0.24 6.52
CA ASN C 423 0.11 -1.69 6.36
C ASN C 423 1.45 -2.09 5.75
N TYR C 424 1.86 -3.35 5.86
CA TYR C 424 2.94 -3.84 5.01
C TYR C 424 2.34 -4.27 3.68
N ARG C 425 3.00 -3.88 2.59
CA ARG C 425 2.30 -3.83 1.31
C ARG C 425 2.15 -5.20 0.64
N ASP C 426 3.12 -6.09 0.79
CA ASP C 426 3.04 -7.39 0.14
C ASP C 426 4.02 -8.35 0.81
N GLU C 427 4.07 -9.57 0.28
CA GLU C 427 4.98 -10.59 0.81
C GLU C 427 6.43 -10.13 0.75
N ALA C 428 6.83 -9.47 -0.34
CA ALA C 428 8.19 -8.96 -0.43
C ALA C 428 8.48 -7.94 0.66
N ASP C 429 7.51 -7.07 0.95
CA ASP C 429 7.68 -6.10 2.03
C ASP C 429 7.89 -6.80 3.37
N VAL C 430 7.03 -7.78 3.67
CA VAL C 430 7.17 -8.53 4.93
C VAL C 430 8.55 -9.17 5.02
N LEU C 431 9.03 -9.77 3.94
CA LEU C 431 10.32 -10.45 3.99
C LEU C 431 11.49 -9.47 4.03
N GLU C 432 11.33 -8.27 3.44
CA GLU C 432 12.37 -7.26 3.59
C GLU C 432 12.43 -6.78 5.03
N VAL C 433 11.28 -6.65 5.70
CA VAL C 433 11.26 -6.24 7.09
C VAL C 433 11.95 -7.29 7.96
N ASP C 434 11.63 -8.55 7.73
CA ASP C 434 12.28 -9.64 8.46
C ASP C 434 13.79 -9.58 8.29
N GLN C 435 14.25 -9.42 7.05
CA GLN C 435 15.69 -9.34 6.79
C GLN C 435 16.30 -8.10 7.42
N GLY C 436 15.53 -7.01 7.49
CA GLY C 436 16.07 -5.77 8.06
C GLY C 436 16.41 -5.90 9.53
N PHE C 437 15.61 -6.66 10.28
CA PHE C 437 15.93 -6.91 11.68
C PHE C 437 17.26 -7.65 11.81
N ASP C 438 17.48 -8.67 10.97
CA ASP C 438 18.73 -9.42 11.04
C ASP C 438 19.91 -8.60 10.52
N ASP C 439 19.72 -7.88 9.41
CA ASP C 439 20.80 -7.06 8.87
C ASP C 439 21.22 -5.95 9.83
N HIS C 440 20.35 -5.53 10.75
CA HIS C 440 20.67 -4.45 11.66
C HIS C 440 20.76 -4.91 13.11
N ASN C 441 20.83 -6.23 13.32
CA ASN C 441 21.13 -6.80 14.65
C ASN C 441 20.08 -6.36 15.67
N MET C 442 18.81 -6.58 15.33
CA MET C 442 17.71 -6.25 16.23
C MET C 442 16.78 -7.45 16.34
N PRO C 443 16.39 -7.85 17.55
CA PRO C 443 15.51 -9.02 17.70
C PRO C 443 14.06 -8.66 17.45
N CYS C 444 13.34 -9.61 16.88
CA CYS C 444 11.91 -9.46 16.62
C CYS C 444 11.30 -10.85 16.48
N ASP C 445 10.13 -11.04 17.09
CA ASP C 445 9.46 -12.32 17.05
C ASP C 445 8.31 -12.37 16.06
N VAL C 446 7.57 -11.28 15.88
CA VAL C 446 6.33 -11.30 15.11
C VAL C 446 6.28 -10.08 14.19
N ILE C 447 5.85 -10.31 12.96
CA ILE C 447 5.51 -9.26 12.01
C ILE C 447 4.01 -9.35 11.74
N TRP C 448 3.34 -8.19 11.72
CA TRP C 448 1.89 -8.15 11.69
C TRP C 448 1.35 -7.70 10.33
N LEU C 449 0.19 -8.25 9.96
CA LEU C 449 -0.49 -7.94 8.72
C LEU C 449 -1.84 -7.30 9.02
N ASP C 450 -1.95 -6.00 8.78
CA ASP C 450 -3.18 -5.26 9.02
C ASP C 450 -4.14 -5.49 7.85
N ILE C 451 -5.22 -4.69 7.78
CA ILE C 451 -6.37 -5.05 6.94
C ILE C 451 -6.07 -5.05 5.45
N GLU C 452 -5.01 -4.38 5.00
CA GLU C 452 -4.76 -4.35 3.56
C GLU C 452 -4.21 -5.67 3.03
N HIS C 453 -3.94 -6.64 3.90
CA HIS C 453 -3.45 -7.94 3.43
C HIS C 453 -4.55 -8.82 2.87
N ALA C 454 -5.81 -8.51 3.16
CA ALA C 454 -6.94 -9.30 2.71
C ALA C 454 -7.44 -8.80 1.36
N ASP C 455 -8.40 -9.53 0.81
CA ASP C 455 -9.01 -9.17 -0.47
C ASP C 455 -10.13 -8.18 -0.20
N GLY C 456 -9.79 -6.89 -0.21
CA GLY C 456 -10.77 -5.84 -0.02
C GLY C 456 -11.51 -5.95 1.30
N LYS C 457 -10.78 -6.24 2.38
CA LYS C 457 -11.33 -6.32 3.74
C LYS C 457 -12.34 -7.44 3.87
N ARG C 458 -12.19 -8.50 3.08
CA ARG C 458 -12.90 -9.76 3.30
C ARG C 458 -12.00 -10.63 4.17
N TYR C 459 -12.32 -10.73 5.45
CA TYR C 459 -11.43 -11.41 6.37
C TYR C 459 -11.42 -12.91 6.09
N PHE C 460 -10.33 -13.55 6.52
CA PHE C 460 -9.95 -14.93 6.16
C PHE C 460 -9.50 -15.07 4.71
N THR C 461 -9.30 -13.97 3.99
CA THR C 461 -8.80 -14.04 2.62
C THR C 461 -7.46 -13.32 2.50
N TRP C 462 -6.88 -13.43 1.31
CA TRP C 462 -5.60 -12.83 0.98
C TRP C 462 -5.74 -12.08 -0.34
N ASP C 463 -5.18 -10.88 -0.41
CA ASP C 463 -5.21 -10.15 -1.66
C ASP C 463 -4.51 -10.98 -2.73
N PRO C 464 -5.18 -11.31 -3.84
CA PRO C 464 -4.59 -12.26 -4.80
C PRO C 464 -3.37 -11.74 -5.53
N THR C 465 -3.10 -10.43 -5.47
CA THR C 465 -1.94 -9.85 -6.12
C THR C 465 -0.76 -9.66 -5.17
N ARG C 466 -1.02 -9.11 -3.98
CA ARG C 466 0.07 -8.76 -3.09
C ARG C 466 0.40 -9.85 -2.07
N PHE C 467 -0.53 -10.76 -1.81
CA PHE C 467 -0.27 -11.93 -0.96
C PHE C 467 -0.77 -13.19 -1.67
N PRO C 468 -0.19 -13.53 -2.82
CA PRO C 468 -0.69 -14.69 -3.57
C PRO C 468 -0.26 -16.02 -2.98
N GLN C 469 0.80 -16.07 -2.18
CA GLN C 469 1.34 -17.32 -1.64
C GLN C 469 1.61 -17.19 -0.15
N PRO C 470 0.56 -17.04 0.67
CA PRO C 470 0.80 -16.88 2.12
C PRO C 470 1.56 -18.04 2.75
N LEU C 471 1.28 -19.28 2.34
CA LEU C 471 2.02 -20.42 2.89
C LEU C 471 3.52 -20.26 2.68
N ASN C 472 3.93 -19.82 1.49
N ASN C 472 3.93 -19.82 1.49
CA ASN C 472 5.35 -19.63 1.22
CA ASN C 472 5.36 -19.64 1.24
C ASN C 472 5.94 -18.52 2.08
C ASN C 472 5.93 -18.52 2.09
N MET C 473 5.19 -17.43 2.28
CA MET C 473 5.64 -16.36 3.16
C MET C 473 5.78 -16.86 4.59
N LEU C 474 4.81 -17.65 5.06
CA LEU C 474 4.87 -18.18 6.42
C LEU C 474 6.03 -19.16 6.59
N GLU C 475 6.36 -19.92 5.55
CA GLU C 475 7.47 -20.85 5.65
C GLU C 475 8.81 -20.13 5.72
N HIS C 476 8.96 -19.02 4.97
CA HIS C 476 10.16 -18.21 5.11
C HIS C 476 10.30 -17.65 6.51
N LEU C 477 9.21 -17.13 7.08
CA LEU C 477 9.27 -16.64 8.45
C LEU C 477 9.59 -17.77 9.43
N ALA C 478 9.01 -18.95 9.20
CA ALA C 478 9.31 -20.11 10.06
C ALA C 478 10.79 -20.47 10.00
N SER C 479 11.41 -20.39 8.81
CA SER C 479 12.82 -20.71 8.71
C SER C 479 13.70 -19.69 9.42
N LYS C 480 13.18 -18.49 9.69
CA LYS C 480 13.79 -17.52 10.59
C LYS C 480 13.29 -17.68 12.02
N ARG C 481 12.45 -18.67 12.28
CA ARG C 481 11.89 -18.92 13.61
C ARG C 481 11.14 -17.69 14.13
N ARG C 482 10.35 -17.08 13.24
CA ARG C 482 9.49 -15.96 13.57
C ARG C 482 8.05 -16.32 13.23
N LYS C 483 7.13 -15.52 13.75
CA LYS C 483 5.70 -15.72 13.56
C LYS C 483 5.10 -14.56 12.78
N LEU C 484 3.84 -14.72 12.41
CA LEU C 484 3.06 -13.68 11.78
C LEU C 484 1.70 -13.58 12.46
N VAL C 485 1.16 -12.36 12.54
CA VAL C 485 -0.19 -12.11 13.02
C VAL C 485 -0.99 -11.46 11.90
N ALA C 486 -2.18 -12.00 11.63
CA ALA C 486 -3.10 -11.46 10.64
C ALA C 486 -4.36 -10.96 11.32
N ILE C 487 -4.89 -9.85 10.82
CA ILE C 487 -6.08 -9.25 11.41
C ILE C 487 -7.32 -9.95 10.89
N VAL C 488 -8.26 -10.22 11.79
CA VAL C 488 -9.56 -10.79 11.46
C VAL C 488 -10.57 -10.03 12.32
N ASP C 489 -11.43 -9.22 11.69
CA ASP C 489 -12.39 -8.37 12.36
C ASP C 489 -13.77 -9.01 12.36
N PRO C 490 -14.65 -8.63 13.30
CA PRO C 490 -15.97 -9.26 13.37
C PRO C 490 -17.02 -8.61 12.49
N HIS C 491 -16.64 -7.96 11.40
CA HIS C 491 -17.61 -7.45 10.43
C HIS C 491 -17.36 -8.11 9.08
N ILE C 492 -18.42 -8.62 8.48
CA ILE C 492 -18.36 -9.45 7.29
C ILE C 492 -18.99 -8.69 6.13
N LYS C 493 -18.22 -8.51 5.05
CA LYS C 493 -18.69 -7.74 3.91
C LYS C 493 -19.93 -8.37 3.28
N VAL C 494 -20.95 -7.56 3.06
CA VAL C 494 -22.16 -8.04 2.38
C VAL C 494 -21.82 -8.24 0.92
N ASP C 495 -21.67 -9.50 0.51
CA ASP C 495 -21.09 -9.80 -0.80
C ASP C 495 -21.41 -11.26 -1.09
N SER C 496 -22.26 -11.49 -2.09
CA SER C 496 -22.72 -12.85 -2.38
C SER C 496 -21.62 -13.73 -2.97
N GLY C 497 -20.47 -13.19 -3.35
CA GLY C 497 -19.35 -14.00 -3.75
C GLY C 497 -18.40 -14.34 -2.64
N TYR C 498 -18.65 -13.82 -1.44
CA TYR C 498 -17.81 -14.01 -0.26
C TYR C 498 -18.39 -15.18 0.52
N ARG C 499 -17.67 -16.32 0.54
CA ARG C 499 -18.20 -17.55 1.13
C ARG C 499 -18.60 -17.33 2.58
N VAL C 500 -17.76 -16.60 3.35
CA VAL C 500 -18.06 -16.38 4.76
C VAL C 500 -19.42 -15.72 4.93
N HIS C 501 -19.69 -14.69 4.12
CA HIS C 501 -20.98 -14.01 4.21
C HIS C 501 -22.12 -14.96 3.85
N GLU C 502 -21.97 -15.72 2.77
CA GLU C 502 -23.05 -16.60 2.34
C GLU C 502 -23.37 -17.65 3.41
N GLU C 503 -22.33 -18.24 4.01
CA GLU C 503 -22.57 -19.24 5.04
C GLU C 503 -23.30 -18.65 6.25
N LEU C 504 -22.80 -17.53 6.76
CA LEU C 504 -23.43 -16.91 7.93
C LEU C 504 -24.84 -16.44 7.64
N ARG C 505 -25.09 -15.96 6.42
CA ARG C 505 -26.43 -15.54 6.02
C ARG C 505 -27.36 -16.73 5.88
N ASN C 506 -26.85 -17.84 5.34
CA ASN C 506 -27.70 -19.01 5.12
C ASN C 506 -28.03 -19.74 6.41
N HIS C 507 -27.15 -19.67 7.41
CA HIS C 507 -27.37 -20.31 8.69
C HIS C 507 -27.97 -19.37 9.73
N GLY C 508 -28.27 -18.13 9.35
CA GLY C 508 -28.90 -17.21 10.27
C GLY C 508 -28.05 -16.86 11.48
N LEU C 509 -26.74 -16.70 11.28
CA LEU C 509 -25.82 -16.43 12.37
C LEU C 509 -25.48 -14.95 12.51
N TYR C 510 -26.20 -14.08 11.81
CA TYR C 510 -25.99 -12.65 11.90
C TYR C 510 -26.86 -12.01 12.98
N VAL C 511 -26.34 -10.91 13.54
CA VAL C 511 -27.16 -10.04 14.38
C VAL C 511 -28.35 -9.52 13.58
N LYS C 512 -29.49 -9.40 14.23
CA LYS C 512 -30.77 -9.14 13.59
C LYS C 512 -31.30 -7.74 13.91
N THR C 513 -32.21 -7.28 13.05
CA THR C 513 -33.03 -6.12 13.32
C THR C 513 -34.45 -6.58 13.67
N ARG C 514 -35.28 -5.62 14.10
CA ARG C 514 -36.61 -5.99 14.59
C ARG C 514 -37.51 -6.52 13.48
N ASP C 515 -37.20 -6.25 12.22
CA ASP C 515 -38.01 -6.74 11.11
C ASP C 515 -37.55 -8.11 10.61
N GLY C 516 -36.65 -8.77 11.34
CA GLY C 516 -36.19 -10.10 10.95
C GLY C 516 -35.11 -10.14 9.89
N SER C 517 -34.58 -8.99 9.48
CA SER C 517 -33.49 -8.96 8.51
C SER C 517 -32.16 -8.91 9.23
N ASP C 518 -31.11 -9.33 8.53
CA ASP C 518 -29.77 -9.23 9.08
C ASP C 518 -29.34 -7.77 9.14
N TYR C 519 -28.76 -7.38 10.26
CA TYR C 519 -28.31 -6.01 10.42
C TYR C 519 -27.15 -5.71 9.47
N GLU C 520 -27.19 -4.52 8.87
CA GLU C 520 -26.14 -4.06 7.96
C GLU C 520 -25.70 -2.69 8.40
N GLY C 521 -24.39 -2.54 8.63
CA GLY C 521 -23.80 -1.24 8.87
C GLY C 521 -22.65 -0.99 7.91
N TRP C 522 -22.00 0.15 8.10
CA TRP C 522 -20.87 0.55 7.28
C TRP C 522 -19.59 0.34 8.08
N CYS C 523 -18.62 -0.34 7.47
CA CYS C 523 -17.31 -0.50 8.09
C CYS C 523 -16.25 -0.55 6.98
N TRP C 524 -15.07 -1.07 7.30
CA TRP C 524 -13.97 -1.10 6.35
C TRP C 524 -14.33 -1.63 4.96
N PRO C 525 -15.08 -2.72 4.79
CA PRO C 525 -15.36 -3.18 3.43
C PRO C 525 -16.60 -2.53 2.83
N GLY C 526 -17.02 -1.40 3.38
CA GLY C 526 -18.29 -0.82 3.00
C GLY C 526 -19.39 -1.44 3.82
N SER C 527 -20.47 -1.83 3.15
CA SER C 527 -21.62 -2.42 3.83
C SER C 527 -21.25 -3.79 4.38
N ALA C 528 -21.52 -4.00 5.68
CA ALA C 528 -21.09 -5.22 6.36
C ALA C 528 -22.14 -5.65 7.38
N SER C 529 -22.23 -6.95 7.58
CA SER C 529 -23.07 -7.55 8.61
C SER C 529 -22.20 -8.09 9.74
N TYR C 530 -22.84 -8.30 10.89
CA TYR C 530 -22.13 -8.59 12.13
C TYR C 530 -22.57 -9.95 12.67
N PRO C 531 -21.67 -10.92 12.78
CA PRO C 531 -22.05 -12.22 13.32
C PRO C 531 -22.45 -12.09 14.78
N ASP C 532 -23.44 -12.88 15.18
CA ASP C 532 -23.95 -12.83 16.55
C ASP C 532 -23.05 -13.70 17.42
N PHE C 533 -21.97 -13.10 17.93
CA PHE C 533 -21.04 -13.86 18.74
C PHE C 533 -21.59 -14.25 20.11
N THR C 534 -22.75 -13.71 20.53
CA THR C 534 -23.38 -14.22 21.74
C THR C 534 -24.05 -15.56 21.51
N ASN C 535 -24.26 -15.95 20.27
CA ASN C 535 -24.87 -17.24 19.94
C ASN C 535 -23.81 -18.33 20.04
N PRO C 536 -24.01 -19.36 20.88
CA PRO C 536 -22.99 -20.42 20.97
C PRO C 536 -22.73 -21.13 19.65
N ARG C 537 -23.72 -21.23 18.77
CA ARG C 537 -23.51 -21.87 17.49
C ARG C 537 -22.63 -21.01 16.58
N MET C 538 -22.69 -19.69 16.73
CA MET C 538 -21.86 -18.82 15.93
CA MET C 538 -21.86 -18.82 15.93
C MET C 538 -20.40 -18.89 16.37
N ARG C 539 -20.17 -18.94 17.69
CA ARG C 539 -18.80 -19.06 18.18
C ARG C 539 -18.16 -20.38 17.73
N ALA C 540 -18.93 -21.46 17.73
CA ALA C 540 -18.42 -22.73 17.24
C ALA C 540 -18.06 -22.65 15.76
N TRP C 541 -18.90 -21.97 14.97
CA TRP C 541 -18.60 -21.79 13.55
C TRP C 541 -17.32 -21.00 13.36
N TRP C 542 -17.18 -19.89 14.11
CA TRP C 542 -16.00 -19.04 14.02
C TRP C 542 -14.75 -19.82 14.40
N SER C 543 -14.80 -20.55 15.50
CA SER C 543 -13.67 -21.36 15.92
CA SER C 543 -13.67 -21.36 15.92
C SER C 543 -13.26 -22.34 14.83
N ASN C 544 -14.24 -23.02 14.23
CA ASN C 544 -13.95 -23.98 13.17
C ASN C 544 -13.41 -23.34 11.91
N MET C 545 -13.68 -22.04 11.70
CA MET C 545 -13.17 -21.36 10.52
C MET C 545 -11.65 -21.23 10.55
N PHE C 546 -11.03 -21.32 11.71
CA PHE C 546 -9.58 -21.19 11.82
C PHE C 546 -8.84 -22.50 11.60
N SER C 547 -9.54 -23.59 11.30
CA SER C 547 -8.85 -24.81 10.91
C SER C 547 -8.03 -24.54 9.66
N PHE C 548 -6.93 -25.30 9.50
CA PHE C 548 -6.06 -25.09 8.36
C PHE C 548 -6.75 -25.41 7.04
N ASP C 549 -7.82 -26.20 7.07
CA ASP C 549 -8.61 -26.48 5.86
C ASP C 549 -9.55 -25.34 5.50
N ASN C 550 -10.11 -24.65 6.50
CA ASN C 550 -11.05 -23.57 6.20
C ASN C 550 -10.32 -22.23 5.98
N TYR C 551 -9.39 -21.89 6.85
CA TYR C 551 -8.60 -20.67 6.70
C TYR C 551 -7.43 -20.97 5.76
N GLU C 552 -7.73 -20.98 4.46
CA GLU C 552 -6.73 -21.31 3.46
C GLU C 552 -5.58 -20.32 3.49
N GLY C 553 -4.36 -20.85 3.42
CA GLY C 553 -3.16 -20.04 3.49
C GLY C 553 -2.61 -19.81 4.88
N SER C 554 -3.29 -20.30 5.92
CA SER C 554 -2.80 -20.16 7.29
C SER C 554 -1.93 -21.36 7.67
N ALA C 555 -1.12 -21.15 8.71
CA ALA C 555 -0.11 -22.13 9.13
C ALA C 555 0.06 -22.00 10.63
N PRO C 556 0.73 -22.98 11.27
CA PRO C 556 0.86 -22.91 12.74
C PRO C 556 1.58 -21.70 13.28
N ASN C 557 2.41 -21.02 12.47
CA ASN C 557 3.05 -19.80 12.94
C ASN C 557 2.28 -18.53 12.56
N LEU C 558 1.00 -18.67 12.21
CA LEU C 558 0.12 -17.53 11.97
CA LEU C 558 0.12 -17.53 11.97
C LEU C 558 -0.83 -17.38 13.14
N TYR C 559 -0.87 -16.18 13.73
CA TYR C 559 -1.72 -15.86 14.86
C TYR C 559 -2.63 -14.70 14.49
N VAL C 560 -3.53 -14.32 15.40
CA VAL C 560 -4.70 -13.52 15.03
C VAL C 560 -4.83 -12.28 15.88
N TRP C 561 -5.30 -11.20 15.25
CA TRP C 561 -5.60 -9.93 15.89
C TRP C 561 -7.07 -9.62 15.64
N ASN C 562 -7.85 -9.50 16.71
CA ASN C 562 -9.26 -9.10 16.64
C ASN C 562 -9.35 -7.61 16.91
N ASP C 563 -9.80 -6.84 15.92
CA ASP C 563 -9.96 -5.40 16.05
C ASP C 563 -11.42 -5.02 15.84
N MET C 564 -11.78 -3.81 16.27
CA MET C 564 -13.10 -3.22 16.02
C MET C 564 -14.21 -4.09 16.60
N ASN C 565 -13.94 -4.83 17.67
CA ASN C 565 -14.95 -5.76 18.20
C ASN C 565 -15.79 -5.15 19.30
N GLU C 566 -15.96 -3.84 19.31
CA GLU C 566 -16.86 -3.21 20.28
C GLU C 566 -18.33 -3.61 20.14
N PRO C 567 -18.91 -3.77 18.94
CA PRO C 567 -18.41 -3.63 17.55
C PRO C 567 -18.40 -2.19 17.07
N SER C 568 -17.45 -1.89 16.19
CA SER C 568 -17.40 -0.58 15.56
C SER C 568 -18.30 -0.59 14.32
N VAL C 569 -19.17 0.41 14.23
CA VAL C 569 -20.09 0.58 13.10
C VAL C 569 -20.04 2.05 12.73
N PHE C 570 -19.48 2.37 11.55
CA PHE C 570 -19.13 3.75 11.24
C PHE C 570 -20.36 4.65 11.18
N ASN C 571 -21.48 4.14 10.69
CA ASN C 571 -22.71 4.92 10.58
C ASN C 571 -23.70 4.63 11.71
N GLY C 572 -23.28 3.91 12.75
CA GLY C 572 -24.16 3.59 13.85
C GLY C 572 -24.11 4.63 14.95
N PRO C 573 -25.07 4.58 15.87
CA PRO C 573 -25.08 5.54 16.98
C PRO C 573 -23.86 5.37 17.86
N GLU C 574 -23.12 6.46 18.06
CA GLU C 574 -21.86 6.46 18.79
C GLU C 574 -20.85 5.49 18.17
N VAL C 575 -20.93 5.33 16.84
CA VAL C 575 -20.03 4.47 16.06
C VAL C 575 -20.12 3.02 16.54
N THR C 576 -21.31 2.58 16.97
CA THR C 576 -21.50 1.19 17.37
C THR C 576 -22.90 0.73 16.97
N MET C 577 -23.25 -0.47 17.39
CA MET C 577 -24.50 -1.11 16.98
C MET C 577 -25.71 -0.49 17.67
N LEU C 578 -26.83 -0.44 16.95
CA LEU C 578 -28.09 0.04 17.50
C LEU C 578 -28.47 -0.73 18.76
N LYS C 579 -29.02 -0.01 19.74
CA LYS C 579 -29.43 -0.62 21.00
C LYS C 579 -30.52 -1.67 20.80
N ASP C 580 -31.40 -1.48 19.81
CA ASP C 580 -32.54 -2.36 19.61
C ASP C 580 -32.29 -3.43 18.55
N ALA C 581 -31.04 -3.66 18.15
CA ALA C 581 -30.74 -4.87 17.40
C ALA C 581 -30.92 -6.09 18.31
N VAL C 582 -31.16 -7.24 17.68
CA VAL C 582 -31.61 -8.43 18.40
C VAL C 582 -30.58 -9.55 18.23
N HIS C 583 -30.28 -10.22 19.33
CA HIS C 583 -29.29 -11.29 19.39
C HIS C 583 -29.93 -12.61 19.76
N TYR C 584 -29.08 -13.62 19.90
CA TYR C 584 -29.48 -14.95 20.33
C TYR C 584 -30.35 -14.89 21.58
N GLY C 585 -31.40 -15.71 21.62
CA GLY C 585 -32.33 -15.70 22.73
C GLY C 585 -33.26 -14.50 22.79
N GLY C 586 -33.30 -13.69 21.74
CA GLY C 586 -34.17 -12.54 21.72
C GLY C 586 -33.68 -11.35 22.52
N TRP C 587 -32.48 -11.42 23.08
CA TRP C 587 -31.98 -10.31 23.88
C TRP C 587 -31.59 -9.14 22.98
N GLU C 588 -31.82 -7.93 23.46
CA GLU C 588 -31.44 -6.75 22.73
C GLU C 588 -29.93 -6.54 22.81
N HIS C 589 -29.43 -5.70 21.91
CA HIS C 589 -28.01 -5.36 21.94
C HIS C 589 -27.66 -4.58 23.21
N ARG C 590 -28.61 -3.79 23.73
CA ARG C 590 -28.33 -3.01 24.94
C ARG C 590 -28.07 -3.92 26.14
N ASP C 591 -28.61 -5.15 26.11
CA ASP C 591 -28.40 -6.09 27.21
C ASP C 591 -27.00 -6.69 27.21
N ILE C 592 -26.43 -6.93 26.03
CA ILE C 592 -25.23 -7.75 25.88
C ILE C 592 -24.01 -6.96 25.46
N HIS C 593 -24.14 -5.64 25.24
CA HIS C 593 -23.14 -4.91 24.46
C HIS C 593 -21.71 -5.17 24.92
N ASN C 594 -21.46 -5.07 26.23
CA ASN C 594 -20.09 -5.07 26.72
C ASN C 594 -19.41 -6.44 26.72
N ILE C 595 -20.11 -7.52 26.35
CA ILE C 595 -19.47 -8.83 26.22
C ILE C 595 -19.36 -9.29 24.78
N TYR C 596 -19.85 -8.49 23.82
CA TYR C 596 -19.71 -8.86 22.41
C TYR C 596 -18.24 -9.05 22.03
N GLY C 597 -17.40 -8.06 22.37
CA GLY C 597 -15.98 -8.19 22.07
C GLY C 597 -15.33 -9.39 22.74
N LEU C 598 -15.66 -9.62 24.00
CA LEU C 598 -15.12 -10.78 24.71
C LEU C 598 -15.47 -12.08 24.00
N TYR C 599 -16.68 -12.17 23.42
CA TYR C 599 -17.06 -13.38 22.68
C TYR C 599 -16.23 -13.54 21.42
N VAL C 600 -15.88 -12.43 20.75
CA VAL C 600 -15.00 -12.51 19.59
C VAL C 600 -13.63 -13.03 20.01
N HIS C 601 -13.06 -12.42 21.07
CA HIS C 601 -11.76 -12.83 21.59
C HIS C 601 -11.76 -14.31 21.94
N MET C 602 -12.82 -14.78 22.60
CA MET C 602 -12.90 -16.17 23.05
C MET C 602 -13.03 -17.13 21.87
N ALA C 603 -13.92 -16.83 20.94
CA ALA C 603 -14.10 -17.72 19.79
C ALA C 603 -12.82 -17.82 18.97
N THR C 604 -12.10 -16.70 18.81
CA THR C 604 -10.86 -16.71 18.05
C THR C 604 -9.80 -17.58 18.74
N ALA C 605 -9.60 -17.36 20.03
CA ALA C 605 -8.61 -18.14 20.77
C ALA C 605 -8.96 -19.63 20.74
N ASP C 606 -10.24 -19.97 20.92
CA ASP C 606 -10.63 -21.37 20.81
C ASP C 606 -10.34 -21.92 19.42
N GLY C 607 -10.44 -21.08 18.39
CA GLY C 607 -10.13 -21.54 17.04
C GLY C 607 -8.67 -21.91 16.86
N LEU C 608 -7.76 -21.10 17.43
CA LEU C 608 -6.35 -21.41 17.36
C LEU C 608 -6.01 -22.67 18.15
N ILE C 609 -6.71 -22.92 19.26
CA ILE C 609 -6.50 -24.15 20.01
C ILE C 609 -6.99 -25.35 19.20
N GLN C 610 -8.22 -25.26 18.67
CA GLN C 610 -8.83 -26.40 17.98
C GLN C 610 -8.05 -26.77 16.72
N ARG C 611 -7.58 -25.78 15.96
CA ARG C 611 -6.89 -26.09 14.70
C ARG C 611 -5.67 -26.96 14.93
N SER C 612 -5.10 -26.93 16.13
CA SER C 612 -3.93 -27.71 16.49
C SER C 612 -4.29 -29.03 17.14
N GLY C 613 -5.57 -29.31 17.34
CA GLY C 613 -5.96 -30.48 18.09
C GLY C 613 -5.89 -30.29 19.58
N GLY C 614 -6.05 -29.06 20.07
CA GLY C 614 -6.01 -28.80 21.49
C GLY C 614 -4.63 -28.80 22.11
N ILE C 615 -3.58 -28.66 21.31
CA ILE C 615 -2.20 -28.76 21.80
C ILE C 615 -1.56 -27.38 21.98
N GLU C 616 -1.70 -26.51 20.98
CA GLU C 616 -0.97 -25.25 20.95
C GLU C 616 -1.69 -24.16 21.74
N ARG C 617 -0.92 -23.35 22.47
CA ARG C 617 -1.51 -22.21 23.14
C ARG C 617 -1.81 -21.13 22.12
N PRO C 618 -2.90 -20.38 22.31
CA PRO C 618 -3.26 -19.33 21.36
C PRO C 618 -2.50 -18.05 21.64
N PHE C 619 -2.52 -17.15 20.65
CA PHE C 619 -2.27 -15.74 20.91
C PHE C 619 -3.27 -14.93 20.11
N VAL C 620 -4.09 -14.14 20.81
CA VAL C 620 -5.07 -13.26 20.17
C VAL C 620 -5.01 -11.92 20.86
N LEU C 621 -4.78 -10.86 20.09
CA LEU C 621 -4.93 -9.49 20.57
C LEU C 621 -6.35 -9.02 20.29
N SER C 622 -6.96 -8.37 21.28
CA SER C 622 -8.32 -7.86 21.15
C SER C 622 -8.36 -6.41 21.58
N ARG C 623 -9.23 -5.62 20.95
CA ARG C 623 -9.38 -4.22 21.36
C ARG C 623 -10.46 -4.04 22.42
N ALA C 624 -11.65 -4.56 22.17
CA ALA C 624 -12.71 -4.55 23.17
C ALA C 624 -12.53 -5.73 24.12
N PHE C 625 -13.08 -5.59 25.34
CA PHE C 625 -12.91 -6.62 26.36
C PHE C 625 -13.88 -6.37 27.51
N PHE C 626 -13.93 -7.35 28.40
CA PHE C 626 -14.82 -7.35 29.55
C PHE C 626 -14.18 -8.20 30.64
N SER C 627 -14.80 -8.20 31.82
CA SER C 627 -14.40 -9.13 32.88
C SER C 627 -14.28 -10.54 32.32
N GLY C 628 -13.14 -11.17 32.56
CA GLY C 628 -12.87 -12.49 32.04
C GLY C 628 -12.05 -12.52 30.76
N SER C 629 -11.89 -11.37 30.09
CA SER C 629 -11.10 -11.35 28.85
C SER C 629 -9.65 -11.74 29.07
N GLN C 630 -9.16 -11.69 30.32
CA GLN C 630 -7.81 -12.11 30.62
C GLN C 630 -7.59 -13.58 30.26
N ARG C 631 -8.66 -14.36 30.15
CA ARG C 631 -8.52 -15.79 29.85
C ARG C 631 -8.20 -16.07 28.38
N PHE C 632 -8.19 -15.06 27.52
CA PHE C 632 -8.15 -15.31 26.08
C PHE C 632 -6.99 -14.63 25.36
N GLY C 633 -6.18 -13.83 26.05
CA GLY C 633 -4.99 -13.29 25.43
C GLY C 633 -4.66 -11.86 25.85
N ALA C 634 -4.36 -11.02 24.87
CA ALA C 634 -3.84 -9.68 25.11
C ALA C 634 -4.84 -8.62 24.67
N VAL C 635 -4.64 -7.40 25.19
CA VAL C 635 -5.37 -6.22 24.77
C VAL C 635 -4.38 -5.07 24.67
N TRP C 636 -4.80 -4.00 24.00
CA TRP C 636 -4.01 -2.78 23.92
C TRP C 636 -4.94 -1.58 23.91
N THR C 637 -4.36 -0.40 24.16
CA THR C 637 -5.15 0.79 24.44
C THR C 637 -5.58 1.52 23.18
N GLY C 638 -5.70 0.80 22.07
CA GLY C 638 -6.30 1.37 20.88
C GLY C 638 -5.43 2.41 20.21
N ASP C 639 -6.08 3.43 19.65
CA ASP C 639 -5.43 4.41 18.77
C ASP C 639 -4.95 5.59 19.59
N ASN C 640 -3.74 5.46 20.14
CA ASN C 640 -3.11 6.60 20.80
C ASN C 640 -2.42 7.47 19.75
N THR C 641 -1.72 8.49 20.22
CA THR C 641 -1.13 9.50 19.34
C THR C 641 0.35 9.66 19.67
N ALA C 642 1.14 9.95 18.64
CA ALA C 642 2.58 10.14 18.80
C ALA C 642 2.89 11.43 19.56
N GLU C 643 2.54 11.48 20.84
CA GLU C 643 2.83 12.63 21.67
C GLU C 643 3.33 12.17 23.04
N TRP C 644 4.08 13.05 23.71
CA TRP C 644 4.71 12.70 24.98
C TRP C 644 3.69 12.38 26.05
N ASP C 645 2.53 13.06 26.04
CA ASP C 645 1.51 12.78 27.03
C ASP C 645 0.88 11.42 26.82
N HIS C 646 0.78 10.96 25.56
CA HIS C 646 0.28 9.62 25.32
C HIS C 646 1.28 8.56 25.75
N LEU C 647 2.58 8.85 25.62
CA LEU C 647 3.58 7.98 26.22
C LEU C 647 3.36 7.85 27.72
N LYS C 648 3.21 8.98 28.41
CA LYS C 648 3.03 8.97 29.86
C LYS C 648 1.80 8.15 30.27
N ILE C 649 0.68 8.33 29.57
CA ILE C 649 -0.56 7.71 30.01
C ILE C 649 -0.59 6.21 29.79
N SER C 650 0.39 5.64 29.09
CA SER C 650 0.40 4.19 28.93
C SER C 650 0.55 3.47 30.26
N ILE C 651 1.30 4.04 31.19
CA ILE C 651 1.49 3.44 32.50
C ILE C 651 0.17 3.38 33.27
N PRO C 652 -0.51 4.51 33.52
CA PRO C 652 -1.77 4.40 34.29
C PRO C 652 -2.83 3.57 33.60
N MET C 653 -2.88 3.58 32.26
CA MET C 653 -3.90 2.82 31.56
C MET C 653 -3.67 1.32 31.71
N CYS C 654 -2.43 0.85 31.51
CA CYS C 654 -2.17 -0.57 31.69
C CYS C 654 -2.17 -0.98 33.15
N LEU C 655 -1.85 -0.05 34.07
CA LEU C 655 -1.93 -0.38 35.49
C LEU C 655 -3.38 -0.55 35.94
N SER C 656 -4.29 0.29 35.42
CA SER C 656 -5.69 0.12 35.77
C SER C 656 -6.23 -1.19 35.22
N LEU C 657 -5.67 -1.66 34.10
CA LEU C 657 -6.07 -2.96 33.55
C LEU C 657 -5.47 -4.11 34.35
N ALA C 658 -4.21 -3.97 34.77
CA ALA C 658 -3.58 -5.02 35.57
C ALA C 658 -4.33 -5.25 36.87
N LEU C 659 -4.79 -4.17 37.52
CA LEU C 659 -5.47 -4.29 38.81
C LEU C 659 -6.73 -5.12 38.71
N VAL C 660 -7.35 -5.17 37.53
CA VAL C 660 -8.61 -5.89 37.35
C VAL C 660 -8.41 -7.19 36.56
N GLY C 661 -7.20 -7.74 36.58
CA GLY C 661 -6.98 -9.07 36.06
C GLY C 661 -6.35 -9.16 34.68
N LEU C 662 -6.30 -8.05 33.93
CA LEU C 662 -5.81 -8.07 32.55
C LEU C 662 -4.33 -7.69 32.56
N SER C 663 -3.47 -8.69 32.71
CA SER C 663 -2.04 -8.48 32.81
C SER C 663 -1.36 -8.29 31.46
N PHE C 664 -2.01 -8.69 30.36
CA PHE C 664 -1.39 -8.69 29.04
C PHE C 664 -1.82 -7.42 28.30
N CYS C 665 -1.21 -6.30 28.67
CA CYS C 665 -1.61 -4.98 28.22
C CYS C 665 -0.43 -4.23 27.63
N GLY C 666 -0.71 -3.36 26.67
CA GLY C 666 0.31 -2.51 26.07
C GLY C 666 -0.32 -1.34 25.34
N ALA C 667 0.54 -0.48 24.82
CA ALA C 667 0.13 0.63 23.96
C ALA C 667 1.01 0.67 22.72
N ASP C 668 0.44 1.17 21.62
CA ASP C 668 1.19 1.27 20.37
C ASP C 668 2.49 2.03 20.58
N VAL C 669 3.61 1.37 20.32
CA VAL C 669 4.93 1.96 20.54
C VAL C 669 5.20 2.95 19.42
N GLY C 670 5.43 4.21 19.79
CA GLY C 670 5.57 5.28 18.84
C GLY C 670 4.30 6.07 18.60
N GLY C 671 3.16 5.55 19.05
CA GLY C 671 1.88 6.20 18.80
C GLY C 671 1.27 5.79 17.48
N PHE C 672 -0.04 5.59 17.45
CA PHE C 672 -0.70 5.18 16.21
C PHE C 672 -0.80 6.35 15.24
N PHE C 673 -1.41 7.46 15.68
CA PHE C 673 -1.56 8.64 14.84
C PHE C 673 -0.28 9.48 14.81
N LYS C 674 -0.03 10.11 13.67
CA LYS C 674 1.03 11.09 13.47
C LYS C 674 2.41 10.45 13.50
N ASN C 675 3.45 11.26 13.29
CA ASN C 675 4.82 10.79 13.22
C ASN C 675 5.59 11.26 14.45
N PRO C 676 6.20 10.37 15.22
CA PRO C 676 6.94 10.80 16.41
C PRO C 676 8.33 11.28 16.04
N GLU C 677 8.79 12.29 16.78
CA GLU C 677 10.17 12.72 16.66
C GLU C 677 11.08 11.58 17.11
N PRO C 678 12.30 11.48 16.55
CA PRO C 678 13.17 10.33 16.88
C PRO C 678 13.40 10.12 18.37
N GLU C 679 13.54 11.21 19.14
CA GLU C 679 13.74 11.06 20.58
C GLU C 679 12.52 10.45 21.25
N LEU C 680 11.32 10.87 20.84
CA LEU C 680 10.10 10.29 21.40
C LEU C 680 9.99 8.81 21.07
N LEU C 681 10.34 8.42 19.85
CA LEU C 681 10.26 7.02 19.47
C LEU C 681 11.22 6.17 20.29
N VAL C 682 12.43 6.69 20.54
CA VAL C 682 13.37 6.01 21.42
C VAL C 682 12.78 5.83 22.81
N ARG C 683 12.25 6.92 23.38
CA ARG C 683 11.68 6.83 24.72
C ARG C 683 10.50 5.87 24.76
N TRP C 684 9.76 5.75 23.65
CA TRP C 684 8.63 4.84 23.63
C TRP C 684 9.08 3.38 23.54
N TYR C 685 10.19 3.11 22.84
CA TYR C 685 10.75 1.77 22.83
C TYR C 685 11.22 1.35 24.21
N GLN C 686 11.87 2.26 24.93
CA GLN C 686 12.31 1.96 26.29
C GLN C 686 11.12 1.71 27.21
N MET C 687 10.08 2.54 27.09
CA MET C 687 8.86 2.34 27.87
C MET C 687 8.20 1.00 27.51
N GLY C 688 8.02 0.75 26.22
CA GLY C 688 7.33 -0.47 25.82
C GLY C 688 8.12 -1.72 26.13
N ALA C 689 9.46 -1.62 26.13
CA ALA C 689 10.30 -2.76 26.42
C ALA C 689 10.07 -3.30 27.83
N TYR C 690 9.49 -2.49 28.72
CA TYR C 690 9.21 -2.91 30.08
C TYR C 690 7.72 -2.96 30.38
N GLN C 691 6.89 -3.04 29.33
CA GLN C 691 5.46 -3.26 29.51
C GLN C 691 5.05 -4.58 28.86
N PRO C 692 3.97 -5.22 29.33
CA PRO C 692 3.68 -6.61 28.95
C PRO C 692 3.56 -6.87 27.45
N PHE C 693 2.67 -6.17 26.76
CA PHE C 693 2.49 -6.34 25.32
C PHE C 693 3.28 -5.25 24.59
N PHE C 694 4.25 -5.66 23.78
CA PHE C 694 5.30 -4.79 23.24
C PHE C 694 5.20 -4.79 21.71
N ARG C 695 4.40 -3.87 21.16
CA ARG C 695 4.14 -3.82 19.72
C ARG C 695 4.25 -2.39 19.22
N ALA C 696 5.11 -2.17 18.22
CA ALA C 696 5.11 -0.93 17.46
C ALA C 696 4.07 -0.99 16.36
N HIS C 697 3.32 0.11 16.19
CA HIS C 697 2.22 0.15 15.23
C HIS C 697 2.00 1.59 14.80
N ALA C 698 1.35 1.77 13.65
CA ALA C 698 1.31 3.09 13.02
C ALA C 698 0.19 3.18 12.00
N HIS C 699 -0.38 4.37 11.88
CA HIS C 699 -1.48 4.67 10.97
C HIS C 699 -1.04 4.62 9.51
N LEU C 700 -2.03 4.42 8.62
CA LEU C 700 -1.76 4.17 7.21
C LEU C 700 -0.91 5.26 6.56
N ASP C 701 -1.06 6.52 7.00
CA ASP C 701 -0.43 7.63 6.33
C ASP C 701 0.80 8.15 7.06
N THR C 702 1.27 7.44 8.08
CA THR C 702 2.50 7.80 8.76
C THR C 702 3.71 7.35 7.94
N GLY C 703 4.84 8.00 8.17
CA GLY C 703 6.07 7.53 7.58
C GLY C 703 6.52 6.20 8.19
N ARG C 704 7.18 5.38 7.38
CA ARG C 704 7.74 4.14 7.88
C ARG C 704 8.70 4.42 9.02
N ARG C 705 8.57 3.68 10.12
CA ARG C 705 9.45 3.89 11.25
C ARG C 705 9.93 2.56 11.83
N GLU C 706 10.31 1.63 10.95
CA GLU C 706 11.04 0.46 11.42
C GLU C 706 12.33 0.92 12.10
N PRO C 707 12.72 0.30 13.21
CA PRO C 707 13.71 0.95 14.11
C PRO C 707 15.07 1.20 13.47
N TRP C 708 15.43 0.53 12.39
CA TRP C 708 16.71 0.78 11.76
C TRP C 708 16.68 1.96 10.79
N LEU C 709 15.54 2.61 10.61
CA LEU C 709 15.44 3.75 9.71
C LEU C 709 15.89 5.06 10.36
N LEU C 710 16.24 5.04 11.63
CA LEU C 710 16.68 6.23 12.34
C LEU C 710 18.19 6.38 12.27
N ALA C 711 18.66 7.58 12.60
CA ALA C 711 20.10 7.81 12.74
C ALA C 711 20.69 6.85 13.78
N SER C 712 21.99 6.58 13.64
CA SER C 712 22.62 5.51 14.39
C SER C 712 22.48 5.70 15.90
N GLN C 713 22.50 6.95 16.38
CA GLN C 713 22.37 7.21 17.81
C GLN C 713 21.04 6.69 18.34
N TYR C 714 19.96 6.92 17.59
CA TYR C 714 18.66 6.44 18.00
C TYR C 714 18.53 4.93 17.79
N GLN C 715 19.10 4.41 16.71
CA GLN C 715 19.14 2.97 16.49
C GLN C 715 19.75 2.24 17.67
N ASP C 716 20.87 2.74 18.18
CA ASP C 716 21.58 2.06 19.25
C ASP C 716 20.77 2.06 20.54
N ALA C 717 20.14 3.19 20.86
CA ALA C 717 19.30 3.25 22.06
C ALA C 717 18.14 2.28 21.94
N ILE C 718 17.53 2.19 20.75
CA ILE C 718 16.42 1.25 20.55
C ILE C 718 16.92 -0.18 20.62
N ARG C 719 18.06 -0.48 19.97
CA ARG C 719 18.62 -1.83 20.03
C ARG C 719 18.92 -2.25 21.46
N ASP C 720 19.43 -1.32 22.27
N ASP C 720 19.45 -1.32 22.27
CA ASP C 720 19.70 -1.63 23.68
CA ASP C 720 19.70 -1.62 23.67
C ASP C 720 18.43 -1.99 24.42
C ASP C 720 18.42 -2.01 24.38
N ALA C 721 17.34 -1.25 24.18
CA ALA C 721 16.06 -1.56 24.81
C ALA C 721 15.56 -2.93 24.39
N LEU C 722 15.69 -3.26 23.10
CA LEU C 722 15.25 -4.57 22.63
C LEU C 722 16.05 -5.69 23.29
N PHE C 723 17.37 -5.51 23.41
CA PHE C 723 18.19 -6.52 24.07
C PHE C 723 17.79 -6.69 25.53
N GLN C 724 17.51 -5.59 26.22
CA GLN C 724 17.08 -5.69 27.61
C GLN C 724 15.79 -6.50 27.72
N ARG C 725 14.83 -6.24 26.83
CA ARG C 725 13.56 -6.97 26.87
C ARG C 725 13.80 -8.46 26.66
N TYR C 726 14.59 -8.80 25.65
CA TYR C 726 14.80 -10.21 25.32
C TYR C 726 15.60 -10.92 26.42
N SER C 727 16.57 -10.23 27.02
CA SER C 727 17.32 -10.84 28.12
C SER C 727 16.44 -11.16 29.31
N LEU C 728 15.37 -10.39 29.51
CA LEU C 728 14.49 -10.54 30.66
C LEU C 728 13.32 -11.49 30.38
N LEU C 729 13.31 -12.15 29.22
CA LEU C 729 12.22 -13.06 28.89
C LEU C 729 11.97 -14.13 29.95
N PRO C 730 12.99 -14.82 30.51
CA PRO C 730 12.68 -15.79 31.59
C PRO C 730 11.96 -15.15 32.76
N PHE C 731 12.30 -13.91 33.10
CA PHE C 731 11.62 -13.17 34.15
C PHE C 731 10.17 -12.89 33.76
N TRP C 732 9.95 -12.32 32.57
CA TRP C 732 8.60 -12.06 32.09
C TRP C 732 7.76 -13.32 32.06
N TYR C 733 8.36 -14.43 31.62
CA TYR C 733 7.62 -15.68 31.48
C TYR C 733 7.20 -16.21 32.84
N THR C 734 8.08 -16.10 33.84
CA THR C 734 7.76 -16.56 35.18
C THR C 734 6.69 -15.69 35.83
N LEU C 735 6.76 -14.37 35.63
CA LEU C 735 5.70 -13.51 36.15
C LEU C 735 4.35 -13.88 35.55
N PHE C 736 4.32 -14.20 34.26
CA PHE C 736 3.05 -14.57 33.65
C PHE C 736 2.58 -15.94 34.13
N TYR C 737 3.51 -16.86 34.40
CA TYR C 737 3.09 -18.13 34.98
C TYR C 737 2.50 -17.92 36.37
N GLN C 738 3.09 -17.03 37.16
CA GLN C 738 2.50 -16.70 38.46
C GLN C 738 1.16 -16.00 38.31
N ALA C 739 1.04 -15.13 37.31
CA ALA C 739 -0.26 -14.52 37.03
C ALA C 739 -1.28 -15.57 36.62
N HIS C 740 -0.83 -16.60 35.89
CA HIS C 740 -1.74 -17.64 35.41
C HIS C 740 -2.18 -18.56 36.55
N LYS C 741 -1.29 -18.87 37.48
CA LYS C 741 -1.65 -19.78 38.57
C LYS C 741 -2.36 -19.04 39.71
N GLU C 742 -1.90 -17.84 40.06
CA GLU C 742 -2.36 -17.16 41.26
C GLU C 742 -3.30 -15.99 41.02
N GLY C 743 -3.36 -15.46 39.81
CA GLY C 743 -4.15 -14.27 39.56
C GLY C 743 -3.48 -12.98 39.98
N PHE C 744 -2.16 -12.99 40.21
CA PHE C 744 -1.45 -11.78 40.62
C PHE C 744 -0.99 -11.00 39.38
N PRO C 745 -1.19 -9.68 39.34
CA PRO C 745 -0.84 -8.92 38.14
C PRO C 745 0.66 -8.91 37.88
N VAL C 746 1.03 -8.76 36.61
CA VAL C 746 2.43 -8.69 36.21
C VAL C 746 2.98 -7.29 36.47
N MET C 747 2.32 -6.28 35.89
CA MET C 747 2.68 -4.88 36.07
C MET C 747 1.91 -4.33 37.27
N ARG C 748 2.61 -3.68 38.19
CA ARG C 748 1.98 -3.36 39.47
C ARG C 748 2.23 -1.91 39.88
N PRO C 749 1.20 -1.23 40.37
CA PRO C 749 1.42 0.06 41.04
C PRO C 749 2.28 -0.13 42.29
N LEU C 750 3.01 0.91 42.65
CA LEU C 750 3.85 0.83 43.84
C LEU C 750 3.04 0.53 45.10
N TRP C 751 1.80 1.03 45.18
CA TRP C 751 1.02 0.81 46.39
C TRP C 751 0.60 -0.63 46.56
N VAL C 752 0.63 -1.45 45.50
CA VAL C 752 0.36 -2.88 45.65
C VAL C 752 1.48 -3.54 46.44
N GLN C 753 2.72 -3.09 46.22
CA GLN C 753 3.88 -3.64 46.92
C GLN C 753 4.15 -2.94 48.25
N TYR C 754 3.67 -1.71 48.42
CA TYR C 754 3.89 -0.93 49.63
C TYR C 754 2.56 -0.34 50.07
N PRO C 755 1.64 -1.18 50.54
CA PRO C 755 0.29 -0.69 50.86
C PRO C 755 0.22 0.31 52.01
N GLU C 756 1.24 0.41 52.88
CA GLU C 756 1.16 1.39 53.96
C GLU C 756 1.93 2.68 53.67
N ASP C 757 2.53 2.81 52.49
CA ASP C 757 3.23 4.03 52.11
C ASP C 757 2.22 4.94 51.40
N MET C 758 1.64 5.87 52.16
CA MET C 758 0.59 6.74 51.62
C MET C 758 1.05 7.51 50.40
N SER C 759 2.35 7.82 50.30
CA SER C 759 2.87 8.60 49.19
C SER C 759 3.00 7.80 47.89
N THR C 760 2.56 6.55 47.87
CA THR C 760 2.54 5.76 46.64
C THR C 760 1.14 5.54 46.09
N PHE C 761 0.11 6.08 46.74
CA PHE C 761 -1.26 5.73 46.38
C PHE C 761 -1.68 6.29 45.03
N SER C 762 -1.00 7.32 44.52
CA SER C 762 -1.36 7.92 43.24
C SER C 762 -0.21 7.91 42.23
N ILE C 763 0.93 7.32 42.56
CA ILE C 763 2.07 7.31 41.65
C ILE C 763 1.70 6.60 40.36
N GLU C 764 2.00 7.26 39.23
CA GLU C 764 1.71 6.66 37.93
C GLU C 764 2.78 6.96 36.89
N ASP C 765 3.94 7.50 37.28
CA ASP C 765 5.07 7.63 36.38
C ASP C 765 6.16 6.60 36.65
N GLN C 766 5.88 5.61 37.50
CA GLN C 766 6.73 4.44 37.64
C GLN C 766 5.85 3.27 38.05
N PHE C 767 6.40 2.06 37.91
CA PHE C 767 5.63 0.86 38.20
C PHE C 767 6.57 -0.27 38.59
N MET C 768 5.98 -1.37 39.02
CA MET C 768 6.70 -2.56 39.41
C MET C 768 6.43 -3.69 38.42
N LEU C 769 7.44 -4.53 38.21
CA LEU C 769 7.27 -5.81 37.54
C LEU C 769 7.48 -6.89 38.61
N GLY C 770 6.40 -7.58 38.96
CA GLY C 770 6.45 -8.47 40.11
C GLY C 770 6.79 -7.67 41.35
N ASP C 771 7.67 -8.22 42.17
CA ASP C 771 8.20 -7.52 43.34
C ASP C 771 9.69 -7.21 43.18
N ALA C 772 10.23 -7.40 41.99
CA ALA C 772 11.68 -7.42 41.80
C ALA C 772 12.23 -6.20 41.07
N LEU C 773 11.48 -5.61 40.15
CA LEU C 773 11.99 -4.53 39.33
C LEU C 773 11.09 -3.31 39.45
N LEU C 774 11.69 -2.16 39.71
CA LEU C 774 11.01 -0.87 39.73
C LEU C 774 11.50 -0.08 38.52
N ILE C 775 10.57 0.36 37.69
CA ILE C 775 10.88 0.98 36.40
C ILE C 775 10.37 2.42 36.43
N HIS C 776 11.20 3.35 35.99
CA HIS C 776 10.82 4.75 35.85
C HIS C 776 11.35 5.24 34.50
N PRO C 777 10.61 4.98 33.43
CA PRO C 777 11.10 5.39 32.10
C PRO C 777 11.12 6.90 31.95
N VAL C 778 12.09 7.39 31.18
CA VAL C 778 12.14 8.81 30.86
C VAL C 778 11.01 9.12 29.89
N SER C 779 10.16 10.08 30.26
CA SER C 779 9.00 10.43 29.44
C SER C 779 8.93 11.93 29.21
N ASP C 780 10.07 12.56 28.96
CA ASP C 780 10.14 14.00 28.70
C ASP C 780 11.26 14.28 27.72
N ALA C 781 10.97 15.14 26.74
CA ALA C 781 11.96 15.50 25.74
C ALA C 781 13.12 16.28 26.36
N GLY C 782 14.34 15.97 25.93
CA GLY C 782 15.50 16.68 26.41
C GLY C 782 15.79 16.54 27.90
N ALA C 783 15.13 15.61 28.59
CA ALA C 783 15.29 15.50 30.04
C ALA C 783 16.72 15.18 30.41
N HIS C 784 17.20 15.80 31.50
CA HIS C 784 18.55 15.57 31.99
C HIS C 784 18.58 14.64 33.19
N GLY C 785 17.43 14.29 33.75
CA GLY C 785 17.37 13.38 34.87
C GLY C 785 15.94 13.12 35.23
N VAL C 786 15.74 12.17 36.15
CA VAL C 786 14.42 11.82 36.64
C VAL C 786 14.46 11.74 38.16
N GLN C 787 13.27 11.89 38.76
CA GLN C 787 13.09 11.76 40.20
C GLN C 787 12.49 10.39 40.49
N VAL C 788 13.32 9.49 41.00
CA VAL C 788 12.90 8.12 41.27
C VAL C 788 12.56 8.00 42.75
N TYR C 789 11.33 7.60 43.06
CA TYR C 789 10.95 7.33 44.44
C TYR C 789 11.16 5.84 44.73
N LEU C 790 12.19 5.54 45.52
CA LEU C 790 12.48 4.19 45.96
C LEU C 790 11.83 3.95 47.31
N PRO C 791 10.74 3.20 47.37
CA PRO C 791 9.98 3.05 48.61
C PRO C 791 10.57 1.98 49.53
N GLY C 792 9.89 1.77 50.65
CA GLY C 792 10.19 0.68 51.55
C GLY C 792 11.09 1.02 52.73
N GLN C 793 10.60 0.80 53.95
CA GLN C 793 11.44 0.89 55.13
C GLN C 793 12.34 -0.33 55.21
N GLU C 794 13.62 -0.11 55.47
CA GLU C 794 14.61 -1.19 55.54
C GLU C 794 14.68 -1.98 54.23
N GLU C 795 14.52 -1.26 53.12
CA GLU C 795 14.55 -1.83 51.78
C GLU C 795 15.78 -1.30 51.04
N VAL C 796 16.44 -2.16 50.28
CA VAL C 796 17.54 -1.75 49.42
C VAL C 796 17.11 -1.88 47.97
N TRP C 797 17.67 -1.02 47.14
CA TRP C 797 17.44 -1.01 45.70
C TRP C 797 18.78 -0.90 45.00
N TYR C 798 18.96 -1.68 43.94
CA TYR C 798 20.19 -1.69 43.17
C TYR C 798 19.92 -1.13 41.78
N ASP C 799 20.64 -0.07 41.43
CA ASP C 799 20.66 0.45 40.06
C ASP C 799 21.27 -0.59 39.15
N ILE C 800 20.47 -1.21 38.28
CA ILE C 800 20.98 -2.32 37.47
C ILE C 800 21.96 -1.88 36.40
N GLN C 801 22.07 -0.58 36.13
CA GLN C 801 23.08 -0.11 35.19
C GLN C 801 24.44 0.11 35.87
N SER C 802 24.44 0.65 37.09
CA SER C 802 25.67 0.98 37.80
C SER C 802 25.96 0.07 38.98
N TYR C 803 25.00 -0.76 39.40
CA TYR C 803 25.08 -1.61 40.57
C TYR C 803 25.19 -0.82 41.87
N GLN C 804 24.97 0.49 41.82
CA GLN C 804 25.00 1.29 43.04
C GLN C 804 23.79 0.97 43.90
N LYS C 805 24.04 0.69 45.18
CA LYS C 805 22.95 0.43 46.11
C LYS C 805 22.29 1.73 46.53
N HIS C 806 21.00 1.66 46.82
CA HIS C 806 20.25 2.82 47.29
C HIS C 806 19.29 2.40 48.38
N HIS C 807 19.14 3.28 49.36
CA HIS C 807 18.44 3.00 50.60
C HIS C 807 17.02 3.55 50.52
N GLY C 808 16.06 2.78 51.00
CA GLY C 808 14.68 3.23 51.03
C GLY C 808 14.25 3.62 52.43
N PRO C 809 13.28 4.53 52.53
CA PRO C 809 12.64 5.25 51.42
C PRO C 809 13.34 6.57 51.10
N GLN C 810 13.35 6.95 49.83
CA GLN C 810 13.97 8.21 49.40
C GLN C 810 13.51 8.52 47.99
N THR C 811 13.67 9.79 47.61
CA THR C 811 13.46 10.24 46.24
C THR C 811 14.82 10.59 45.67
N LEU C 812 15.28 9.79 44.70
CA LEU C 812 16.62 9.89 44.16
C LEU C 812 16.59 10.66 42.85
N TYR C 813 17.51 11.61 42.71
CA TYR C 813 17.72 12.28 41.42
C TYR C 813 18.72 11.46 40.62
N LEU C 814 18.30 11.00 39.45
CA LEU C 814 19.11 10.12 38.62
C LEU C 814 19.38 10.78 37.28
N PRO C 815 20.62 11.13 36.96
CA PRO C 815 20.92 11.67 35.63
C PRO C 815 20.67 10.61 34.56
N VAL C 816 20.16 11.07 33.41
CA VAL C 816 19.84 10.18 32.31
C VAL C 816 20.43 10.74 31.03
N THR C 817 20.71 9.85 30.10
CA THR C 817 21.04 10.19 28.72
C THR C 817 20.00 9.53 27.81
N LEU C 818 20.26 9.57 26.50
CA LEU C 818 19.31 8.99 25.55
C LEU C 818 19.18 7.49 25.75
N SER C 819 20.23 6.82 26.21
CA SER C 819 20.24 5.38 26.37
C SER C 819 19.73 4.92 27.73
N SER C 820 19.40 5.83 28.63
CA SER C 820 19.07 5.47 30.00
C SER C 820 17.65 4.92 30.10
N ILE C 821 17.52 3.76 30.73
CA ILE C 821 16.24 3.23 31.19
C ILE C 821 16.33 2.99 32.69
N PRO C 822 15.88 3.93 33.51
CA PRO C 822 15.99 3.77 34.97
C PRO C 822 15.27 2.53 35.49
N VAL C 823 16.05 1.50 35.82
CA VAL C 823 15.54 0.24 36.33
C VAL C 823 16.30 -0.09 37.60
N PHE C 824 15.57 -0.48 38.65
CA PHE C 824 16.17 -0.86 39.92
C PHE C 824 15.67 -2.24 40.32
N GLN C 825 16.59 -3.08 40.78
CA GLN C 825 16.23 -4.40 41.30
C GLN C 825 16.15 -4.32 42.82
N ARG C 826 15.08 -4.88 43.38
CA ARG C 826 14.85 -4.84 44.81
C ARG C 826 15.73 -5.84 45.54
N GLY C 827 16.29 -5.41 46.67
CA GLY C 827 17.06 -6.33 47.50
C GLY C 827 16.17 -7.46 48.01
N GLY C 828 16.71 -8.67 48.00
CA GLY C 828 15.94 -9.84 48.36
C GLY C 828 15.33 -10.61 47.20
N THR C 829 15.68 -10.27 45.96
CA THR C 829 15.10 -10.92 44.79
C THR C 829 16.18 -11.54 43.93
N ILE C 830 15.77 -12.49 43.10
CA ILE C 830 16.65 -13.18 42.16
C ILE C 830 15.98 -13.15 40.80
N VAL C 831 16.64 -12.55 39.82
CA VAL C 831 16.05 -12.29 38.51
C VAL C 831 16.81 -13.11 37.45
N PRO C 832 16.13 -14.01 36.74
CA PRO C 832 16.81 -14.82 35.72
C PRO C 832 16.83 -14.15 34.35
N ARG C 833 17.99 -14.23 33.68
CA ARG C 833 18.15 -13.61 32.38
C ARG C 833 18.79 -14.57 31.39
N TRP C 834 18.41 -14.40 30.12
CA TRP C 834 19.12 -14.97 28.98
C TRP C 834 20.05 -13.89 28.44
N MET C 835 21.34 -14.00 28.72
CA MET C 835 22.26 -12.96 28.29
C MET C 835 22.76 -13.15 26.86
N ARG C 836 22.37 -14.22 26.19
CA ARG C 836 22.73 -14.45 24.79
C ARG C 836 21.52 -14.04 23.97
N VAL C 837 21.44 -12.76 23.64
CA VAL C 837 20.33 -12.27 22.83
C VAL C 837 20.51 -12.76 21.40
N ARG C 838 19.48 -13.42 20.88
CA ARG C 838 19.44 -13.89 19.51
C ARG C 838 18.33 -13.17 18.76
N ARG C 839 18.03 -13.62 17.55
CA ARG C 839 17.14 -12.88 16.67
C ARG C 839 15.67 -13.01 17.03
N SER C 840 15.29 -14.04 17.80
CA SER C 840 13.92 -14.24 18.22
C SER C 840 13.91 -15.17 19.43
N SER C 841 12.78 -15.19 20.14
CA SER C 841 12.72 -15.97 21.38
C SER C 841 12.84 -17.47 21.13
N ASP C 842 12.37 -17.96 19.98
CA ASP C 842 12.51 -19.39 19.67
C ASP C 842 13.97 -19.79 19.62
N CYS C 843 14.83 -18.91 19.10
CA CYS C 843 16.25 -19.24 19.03
C CYS C 843 16.89 -19.34 20.41
N MET C 844 16.31 -18.69 21.41
CA MET C 844 16.91 -18.57 22.72
C MET C 844 16.41 -19.59 23.73
N LYS C 845 15.38 -20.36 23.40
CA LYS C 845 14.65 -21.05 24.46
C LYS C 845 15.35 -22.28 25.01
N ASP C 846 16.51 -22.66 24.47
CA ASP C 846 17.33 -23.71 25.04
C ASP C 846 18.64 -23.18 25.63
N ASP C 847 18.80 -21.86 25.71
CA ASP C 847 20.06 -21.24 26.08
C ASP C 847 20.24 -21.18 27.59
N PRO C 848 21.48 -21.00 28.07
CA PRO C 848 21.71 -20.96 29.52
C PRO C 848 21.25 -19.66 30.17
N ILE C 849 21.06 -19.74 31.49
CA ILE C 849 20.49 -18.68 32.32
C ILE C 849 21.60 -18.03 33.14
N THR C 850 21.55 -16.71 33.26
CA THR C 850 22.34 -15.97 34.24
C THR C 850 21.41 -15.53 35.36
N LEU C 851 21.82 -15.76 36.60
CA LEU C 851 21.02 -15.38 37.77
C LEU C 851 21.59 -14.09 38.37
N PHE C 852 20.72 -13.10 38.56
CA PHE C 852 21.09 -11.83 39.17
C PHE C 852 20.49 -11.80 40.58
N VAL C 853 21.37 -11.95 41.57
CA VAL C 853 20.97 -12.02 42.97
C VAL C 853 21.23 -10.66 43.61
N ALA C 854 20.17 -10.02 44.09
CA ALA C 854 20.28 -8.76 44.82
C ALA C 854 20.01 -9.03 46.31
N LEU C 855 21.04 -8.85 47.13
CA LEU C 855 20.96 -9.24 48.54
C LEU C 855 20.15 -8.25 49.36
N SER C 856 19.32 -8.79 50.26
CA SER C 856 18.58 -7.98 51.23
C SER C 856 19.56 -7.41 52.26
N PRO C 857 19.09 -6.54 53.17
CA PRO C 857 19.96 -6.13 54.28
C PRO C 857 20.36 -7.28 55.17
N GLN C 858 19.58 -8.36 55.22
CA GLN C 858 19.89 -9.57 55.96
C GLN C 858 20.75 -10.55 55.16
N GLY C 859 21.24 -10.15 53.99
CA GLY C 859 22.03 -11.05 53.16
C GLY C 859 21.26 -12.20 52.56
N THR C 860 19.99 -12.00 52.25
CA THR C 860 19.12 -13.04 51.72
C THR C 860 18.49 -12.58 50.40
N ALA C 861 18.01 -13.56 49.63
CA ALA C 861 17.32 -13.30 48.38
C ALA C 861 16.62 -14.57 47.92
N GLN C 862 15.52 -14.40 47.19
CA GLN C 862 14.81 -15.54 46.62
C GLN C 862 14.16 -15.12 45.30
N GLY C 863 13.91 -16.12 44.46
CA GLY C 863 13.26 -15.92 43.17
C GLY C 863 12.79 -17.26 42.63
N GLU C 864 11.98 -17.18 41.57
CA GLU C 864 11.46 -18.36 40.91
C GLU C 864 11.78 -18.30 39.42
N LEU C 865 11.70 -19.46 38.78
CA LEU C 865 11.86 -19.56 37.32
C LEU C 865 10.93 -20.64 36.79
N PHE C 866 10.13 -20.30 35.79
CA PHE C 866 9.25 -21.26 35.12
C PHE C 866 9.79 -21.54 33.72
N LEU C 867 9.77 -22.81 33.33
CA LEU C 867 10.24 -23.25 32.03
C LEU C 867 9.31 -24.34 31.50
N ASP C 868 9.08 -24.34 30.19
CA ASP C 868 8.32 -25.40 29.52
C ASP C 868 8.73 -25.38 28.04
N ASP C 869 7.93 -26.04 27.19
CA ASP C 869 8.33 -26.08 25.78
C ASP C 869 8.11 -24.75 25.07
N GLY C 870 7.40 -23.82 25.69
CA GLY C 870 7.26 -22.47 25.17
C GLY C 870 5.98 -22.18 24.41
N HIS C 871 5.16 -23.19 24.10
CA HIS C 871 4.01 -22.92 23.23
C HIS C 871 2.82 -23.85 23.38
N THR C 872 2.93 -24.96 24.12
CA THR C 872 1.83 -25.93 24.20
C THR C 872 1.20 -25.94 25.59
N PHE C 873 0.13 -26.73 25.72
CA PHE C 873 -0.52 -26.97 27.00
C PHE C 873 0.06 -28.17 27.74
N ASN C 874 1.20 -28.70 27.29
CA ASN C 874 1.80 -29.87 27.94
C ASN C 874 2.14 -29.60 29.40
N TYR C 875 2.46 -28.35 29.76
CA TYR C 875 2.70 -28.03 31.16
C TYR C 875 1.52 -28.41 32.04
N GLN C 876 0.32 -28.36 31.49
CA GLN C 876 -0.91 -28.63 32.22
C GLN C 876 -1.43 -30.05 32.00
N THR C 877 -1.37 -30.56 30.76
CA THR C 877 -1.91 -31.88 30.47
C THR C 877 -0.93 -33.01 30.80
N ARG C 878 0.37 -32.71 30.85
CA ARG C 878 1.38 -33.74 31.07
C ARG C 878 2.39 -33.36 32.14
N HIS C 879 2.17 -32.25 32.85
CA HIS C 879 3.08 -31.77 33.89
C HIS C 879 4.51 -31.69 33.38
N GLU C 880 4.65 -31.31 32.11
CA GLU C 880 5.94 -31.16 31.47
C GLU C 880 6.34 -29.70 31.58
N PHE C 881 7.04 -29.38 32.66
CA PHE C 881 7.50 -28.02 32.95
C PHE C 881 8.50 -28.11 34.10
N LEU C 882 9.14 -26.99 34.38
CA LEU C 882 9.97 -26.81 35.56
C LEU C 882 9.58 -25.53 36.26
N LEU C 883 9.46 -25.59 37.59
CA LEU C 883 9.33 -24.40 38.42
C LEU C 883 10.40 -24.49 39.50
N ARG C 884 11.40 -23.63 39.42
CA ARG C 884 12.54 -23.69 40.31
C ARG C 884 12.45 -22.59 41.34
N ARG C 885 12.88 -22.91 42.56
CA ARG C 885 13.08 -21.91 43.60
C ARG C 885 14.59 -21.67 43.74
N PHE C 886 14.99 -20.42 43.60
CA PHE C 886 16.34 -20.00 43.90
C PHE C 886 16.31 -19.20 45.19
N SER C 887 17.21 -19.53 46.12
CA SER C 887 17.20 -18.89 47.43
C SER C 887 18.63 -18.71 47.91
N PHE C 888 18.89 -17.55 48.51
CA PHE C 888 20.20 -17.21 49.02
C PHE C 888 20.07 -16.81 50.48
N SER C 889 21.00 -17.31 51.31
CA SER C 889 21.08 -16.90 52.70
C SER C 889 22.48 -17.23 53.21
N GLY C 890 23.03 -16.31 54.01
CA GLY C 890 24.38 -16.47 54.49
C GLY C 890 25.38 -16.32 53.36
N SER C 891 25.92 -17.43 52.90
CA SER C 891 26.81 -17.42 51.75
C SER C 891 26.53 -18.58 50.82
N THR C 892 25.27 -19.00 50.73
CA THR C 892 24.87 -20.18 49.97
C THR C 892 23.70 -19.82 49.07
N LEU C 893 23.86 -20.06 47.78
CA LEU C 893 22.79 -19.99 46.80
C LEU C 893 22.32 -21.41 46.52
N VAL C 894 21.02 -21.66 46.66
CA VAL C 894 20.47 -23.00 46.52
C VAL C 894 19.40 -22.99 45.44
N SER C 895 19.42 -24.01 44.60
CA SER C 895 18.32 -24.28 43.66
C SER C 895 17.57 -25.51 44.14
N SER C 896 16.26 -25.37 44.34
CA SER C 896 15.41 -26.48 44.68
C SER C 896 14.13 -26.39 43.85
N SER C 897 13.36 -27.47 43.86
CA SER C 897 12.11 -27.48 43.12
C SER C 897 11.02 -26.76 43.91
N ALA C 898 10.33 -25.84 43.23
CA ALA C 898 9.15 -25.20 43.80
C ALA C 898 7.87 -25.95 43.46
N ASP C 899 7.96 -27.03 42.68
CA ASP C 899 6.82 -27.89 42.37
C ASP C 899 7.36 -29.22 41.87
N PRO C 900 7.25 -30.29 42.66
CA PRO C 900 7.88 -31.56 42.28
C PRO C 900 7.14 -32.32 41.19
N LYS C 901 5.89 -31.95 40.88
CA LYS C 901 5.15 -32.67 39.84
C LYS C 901 5.62 -32.30 38.44
N GLY C 902 6.36 -31.21 38.29
CA GLY C 902 6.84 -30.81 36.98
C GLY C 902 8.23 -31.31 36.65
N HIS C 903 8.34 -32.04 35.54
CA HIS C 903 9.61 -32.45 34.97
C HIS C 903 9.66 -32.01 33.51
N LEU C 904 10.87 -31.87 32.98
CA LEU C 904 11.01 -31.35 31.62
C LEU C 904 12.39 -31.70 31.09
N GLU C 905 12.42 -32.17 29.84
CA GLU C 905 13.68 -32.39 29.13
C GLU C 905 14.11 -31.06 28.51
N THR C 906 15.28 -30.57 28.94
CA THR C 906 15.77 -29.27 28.49
C THR C 906 17.28 -29.24 28.63
N PRO C 907 18.00 -28.64 27.69
CA PRO C 907 19.44 -28.42 27.87
C PRO C 907 19.79 -27.14 28.62
N ILE C 908 18.81 -26.41 29.14
CA ILE C 908 19.09 -25.15 29.81
C ILE C 908 19.95 -25.40 31.04
N TRP C 909 21.01 -24.59 31.19
CA TRP C 909 21.92 -24.72 32.31
C TRP C 909 22.22 -23.34 32.87
N ILE C 910 22.96 -23.30 33.98
CA ILE C 910 23.31 -22.05 34.65
C ILE C 910 24.73 -21.69 34.25
N GLU C 911 24.87 -20.68 33.39
CA GLU C 911 26.19 -20.29 32.92
C GLU C 911 26.82 -19.19 33.77
N ARG C 912 26.06 -18.52 34.63
CA ARG C 912 26.63 -17.38 35.34
C ARG C 912 25.75 -17.02 36.51
N VAL C 913 26.37 -16.47 37.55
CA VAL C 913 25.68 -15.93 38.71
C VAL C 913 26.28 -14.58 39.04
N VAL C 914 25.43 -13.55 39.14
CA VAL C 914 25.85 -12.20 39.48
C VAL C 914 25.17 -11.83 40.80
N ILE C 915 25.97 -11.52 41.81
CA ILE C 915 25.46 -11.21 43.15
C ILE C 915 25.82 -9.77 43.49
N MET C 916 24.80 -8.97 43.80
CA MET C 916 24.96 -7.56 44.15
C MET C 916 24.92 -7.40 45.66
N GLY C 917 25.87 -6.65 46.19
CA GLY C 917 25.95 -6.44 47.62
C GLY C 917 26.68 -7.52 48.38
N ALA C 918 27.64 -8.21 47.76
CA ALA C 918 28.33 -9.33 48.37
C ALA C 918 29.81 -8.99 48.53
N GLY C 919 30.42 -9.55 49.57
CA GLY C 919 31.85 -9.41 49.77
C GLY C 919 32.64 -10.41 48.94
N LYS C 920 33.95 -10.18 48.90
CA LYS C 920 34.86 -11.05 48.18
C LYS C 920 35.09 -12.33 48.98
N PRO C 921 34.74 -13.50 48.44
CA PRO C 921 35.03 -14.75 49.15
C PRO C 921 36.46 -15.18 48.92
N ALA C 922 36.89 -16.18 49.68
CA ALA C 922 38.20 -16.79 49.48
C ALA C 922 38.13 -17.94 48.49
N ALA C 923 36.99 -18.59 48.35
CA ALA C 923 36.79 -19.68 47.41
C ALA C 923 35.30 -19.89 47.22
N VAL C 924 34.95 -20.46 46.07
CA VAL C 924 33.57 -20.74 45.71
C VAL C 924 33.48 -22.21 45.29
N VAL C 925 32.53 -22.93 45.88
CA VAL C 925 32.38 -24.37 45.64
C VAL C 925 30.95 -24.65 45.22
N LEU C 926 30.80 -25.56 44.26
CA LEU C 926 29.51 -25.95 43.72
C LEU C 926 29.21 -27.40 44.09
N GLN C 927 28.02 -27.64 44.61
CA GLN C 927 27.55 -28.98 44.97
C GLN C 927 26.29 -29.28 44.19
N THR C 928 26.33 -30.33 43.37
CA THR C 928 25.18 -30.76 42.59
C THR C 928 24.83 -32.20 42.96
N LYS C 929 23.54 -32.47 43.12
CA LYS C 929 23.06 -33.84 43.25
C LYS C 929 23.58 -34.69 42.11
N GLY C 930 24.30 -35.76 42.45
CA GLY C 930 24.86 -36.65 41.45
C GLY C 930 26.22 -36.28 40.91
N SER C 931 26.86 -35.24 41.46
CA SER C 931 28.14 -34.78 40.98
C SER C 931 29.08 -34.51 42.15
N PRO C 932 30.39 -34.62 41.92
CA PRO C 932 31.34 -34.26 42.97
C PRO C 932 31.40 -32.75 43.16
N GLU C 933 31.88 -32.35 44.33
CA GLU C 933 32.08 -30.93 44.61
C GLU C 933 33.18 -30.38 43.70
N SER C 934 32.90 -29.24 43.07
CA SER C 934 33.85 -28.59 42.17
C SER C 934 34.06 -27.15 42.59
N ARG C 935 35.17 -26.59 42.13
CA ARG C 935 35.55 -25.22 42.41
C ARG C 935 35.21 -24.33 41.23
N LEU C 936 34.68 -23.14 41.52
CA LEU C 936 34.34 -22.15 40.51
C LEU C 936 35.26 -20.95 40.65
N SER C 937 35.63 -20.35 39.54
CA SER C 937 36.36 -19.09 39.59
C SER C 937 35.36 -17.94 39.62
N PHE C 938 35.86 -16.77 40.00
CA PHE C 938 34.97 -15.64 40.24
C PHE C 938 35.76 -14.35 40.09
N GLN C 939 35.01 -13.26 39.98
CA GLN C 939 35.56 -11.92 39.90
C GLN C 939 34.78 -11.04 40.86
N HIS C 940 35.48 -10.18 41.59
CA HIS C 940 34.84 -9.29 42.54
C HIS C 940 35.23 -7.85 42.27
N ASP C 941 34.24 -6.97 42.30
CA ASP C 941 34.41 -5.54 42.15
C ASP C 941 34.29 -4.90 43.53
N PRO C 942 35.39 -4.48 44.15
CA PRO C 942 35.29 -3.91 45.51
C PRO C 942 34.53 -2.60 45.56
N GLU C 943 34.53 -1.83 44.48
CA GLU C 943 33.82 -0.55 44.48
C GLU C 943 32.31 -0.74 44.56
N THR C 944 31.78 -1.74 43.84
CA THR C 944 30.33 -1.94 43.74
C THR C 944 29.82 -3.12 44.56
N SER C 945 30.69 -3.90 45.19
CA SER C 945 30.30 -5.10 45.93
C SER C 945 29.52 -6.07 45.03
N VAL C 946 30.06 -6.33 43.85
CA VAL C 946 29.45 -7.21 42.86
C VAL C 946 30.33 -8.43 42.67
N LEU C 947 29.74 -9.61 42.77
CA LEU C 947 30.44 -10.88 42.68
C LEU C 947 29.90 -11.65 41.48
N ILE C 948 30.78 -12.03 40.57
CA ILE C 948 30.40 -12.77 39.36
C ILE C 948 30.99 -14.17 39.45
N LEU C 949 30.11 -15.17 39.51
CA LEU C 949 30.54 -16.57 39.55
C LEU C 949 30.56 -17.13 38.14
N ARG C 950 31.69 -17.71 37.75
CA ARG C 950 31.91 -18.17 36.38
C ARG C 950 31.40 -19.58 36.17
N LYS C 951 30.58 -19.74 35.12
CA LYS C 951 30.18 -21.02 34.53
C LYS C 951 29.90 -22.11 35.55
N PRO C 952 28.83 -22.01 36.34
CA PRO C 952 28.46 -23.16 37.18
C PRO C 952 28.28 -24.45 36.38
N GLY C 953 27.74 -24.35 35.17
CA GLY C 953 27.64 -25.51 34.31
C GLY C 953 26.63 -26.55 34.72
N VAL C 954 25.71 -26.22 35.61
CA VAL C 954 24.78 -27.19 36.15
C VAL C 954 23.44 -27.09 35.42
N SER C 955 22.81 -28.24 35.20
CA SER C 955 21.50 -28.26 34.56
C SER C 955 20.47 -27.57 35.43
N VAL C 956 19.56 -26.83 34.79
CA VAL C 956 18.51 -26.12 35.51
C VAL C 956 17.48 -27.06 36.11
N ALA C 957 17.49 -28.33 35.71
CA ALA C 957 16.56 -29.31 36.27
C ALA C 957 17.11 -29.99 37.52
N SER C 958 18.35 -29.71 37.88
CA SER C 958 19.03 -30.36 39.00
C SER C 958 19.01 -29.48 40.25
N ASP C 959 18.92 -30.13 41.41
CA ASP C 959 19.19 -29.44 42.65
C ASP C 959 20.68 -29.17 42.77
N TRP C 960 21.02 -27.99 43.27
CA TRP C 960 22.42 -27.64 43.47
C TRP C 960 22.53 -26.56 44.54
N SER C 961 23.74 -26.36 45.02
CA SER C 961 24.04 -25.29 45.95
C SER C 961 25.44 -24.77 45.67
N ILE C 962 25.61 -23.46 45.82
CA ILE C 962 26.89 -22.78 45.65
C ILE C 962 27.24 -22.12 46.98
N HIS C 963 28.41 -22.42 47.51
CA HIS C 963 28.84 -21.91 48.80
CA HIS C 963 28.85 -21.92 48.82
C HIS C 963 30.03 -20.98 48.63
N LEU C 964 29.92 -19.78 49.17
CA LEU C 964 31.02 -18.82 49.19
C LEU C 964 31.78 -19.00 50.50
N ARG C 965 33.06 -19.35 50.40
CA ARG C 965 33.85 -19.64 51.60
C ARG C 965 34.81 -18.51 51.93
N LYS D 52 50.80 -23.24 25.48
CA LYS D 52 50.30 -23.98 26.64
C LYS D 52 49.12 -23.26 27.31
N PRO D 53 49.14 -21.91 27.36
CA PRO D 53 47.90 -21.18 27.64
C PRO D 53 47.44 -20.34 26.45
N PHE D 54 46.16 -19.94 26.44
CA PHE D 54 45.63 -19.10 25.39
C PHE D 54 45.56 -17.65 25.87
N THR D 55 45.86 -16.71 24.97
CA THR D 55 45.83 -15.29 25.28
C THR D 55 44.85 -14.59 24.34
N CYS D 56 43.96 -13.77 24.92
CA CYS D 56 42.98 -13.06 24.13
C CYS D 56 43.67 -12.14 23.13
N LEU D 57 43.09 -12.04 21.92
CA LEU D 57 43.72 -11.28 20.85
C LEU D 57 43.89 -9.82 21.22
N ASP D 58 42.97 -9.26 21.99
CA ASP D 58 43.15 -7.89 22.48
C ASP D 58 44.26 -7.79 23.51
N GLY D 59 44.66 -8.91 24.10
CA GLY D 59 45.65 -8.91 25.16
C GLY D 59 45.09 -8.63 26.55
N THR D 60 43.77 -8.60 26.69
CA THR D 60 43.16 -8.24 27.97
C THR D 60 43.46 -9.27 29.04
N ALA D 61 43.44 -10.56 28.69
CA ALA D 61 43.61 -11.62 29.67
C ALA D 61 44.36 -12.78 29.05
N THR D 62 44.66 -13.77 29.90
CA THR D 62 45.26 -15.03 29.50
C THR D 62 44.53 -16.13 30.25
N ILE D 63 44.01 -17.10 29.51
CA ILE D 63 43.13 -18.12 30.09
C ILE D 63 43.72 -19.49 29.73
N PRO D 64 43.39 -20.53 30.51
CA PRO D 64 43.83 -21.87 30.14
C PRO D 64 43.22 -22.28 28.80
N PHE D 65 43.92 -23.18 28.09
CA PHE D 65 43.43 -23.56 26.78
C PHE D 65 42.19 -24.43 26.82
N ASP D 66 41.80 -24.94 27.99
CA ASP D 66 40.54 -25.67 28.08
C ASP D 66 39.35 -24.74 28.28
N GLN D 67 39.58 -23.42 28.33
CA GLN D 67 38.52 -22.44 28.28
C GLN D 67 38.38 -21.81 26.90
N VAL D 68 38.96 -22.44 25.88
CA VAL D 68 38.72 -22.06 24.49
C VAL D 68 37.62 -22.97 23.95
N ASN D 69 36.55 -22.36 23.42
CA ASN D 69 35.38 -23.10 22.94
C ASN D 69 34.76 -23.96 24.04
N ASP D 70 34.73 -23.43 25.27
CA ASP D 70 34.07 -24.12 26.37
C ASP D 70 32.68 -23.56 26.66
N ASP D 71 32.11 -22.82 25.70
CA ASP D 71 30.74 -22.31 25.77
C ASP D 71 30.54 -21.33 26.93
N TYR D 72 31.59 -20.59 27.29
CA TYR D 72 31.48 -19.50 28.24
C TYR D 72 32.44 -18.40 27.78
N CYS D 73 31.96 -17.16 27.80
CA CYS D 73 32.74 -16.04 27.27
C CYS D 73 33.75 -15.58 28.31
N ASP D 74 35.04 -15.75 28.01
CA ASP D 74 36.11 -15.35 28.91
C ASP D 74 36.92 -14.14 28.43
N CYS D 75 36.91 -13.85 27.14
CA CYS D 75 37.67 -12.73 26.58
C CYS D 75 36.75 -11.57 26.27
N LYS D 76 37.22 -10.35 26.57
CA LYS D 76 36.41 -9.16 26.34
C LYS D 76 36.14 -8.94 24.86
N ASP D 77 37.05 -9.39 23.99
CA ASP D 77 36.86 -9.30 22.55
C ASP D 77 36.15 -10.51 21.97
N GLY D 78 35.81 -11.50 22.80
CA GLY D 78 35.13 -12.68 22.32
C GLY D 78 36.00 -13.68 21.58
N SER D 79 37.32 -13.50 21.62
CA SER D 79 38.20 -14.33 20.80
C SER D 79 38.42 -15.73 21.36
N ASP D 80 37.93 -16.03 22.55
CA ASP D 80 38.11 -17.36 23.11
C ASP D 80 37.00 -18.33 22.71
N GLU D 81 35.97 -17.87 22.00
CA GLU D 81 34.83 -18.71 21.61
C GLU D 81 34.52 -18.56 20.12
N PRO D 82 35.48 -18.87 19.25
CA PRO D 82 35.21 -18.73 17.81
C PRO D 82 34.19 -19.73 17.28
N GLY D 83 33.93 -20.81 18.00
CA GLY D 83 33.04 -21.85 17.51
C GLY D 83 31.72 -22.01 18.22
N THR D 84 31.35 -21.10 19.13
CA THR D 84 30.15 -21.22 19.94
C THR D 84 29.38 -19.90 19.92
N ALA D 85 28.25 -19.89 20.64
CA ALA D 85 27.43 -18.69 20.78
C ALA D 85 27.66 -17.96 22.09
N ALA D 86 28.79 -18.22 22.77
CA ALA D 86 28.96 -17.76 24.15
C ALA D 86 29.28 -16.28 24.25
N CYS D 87 29.90 -15.70 23.22
CA CYS D 87 30.28 -14.31 23.41
C CYS D 87 29.37 -13.37 22.63
N PRO D 88 29.02 -12.22 23.22
CA PRO D 88 28.09 -11.30 22.54
C PRO D 88 28.69 -10.57 21.35
N ASN D 89 30.01 -10.44 21.28
CA ASN D 89 30.66 -9.70 20.20
C ASN D 89 31.55 -10.61 19.35
N GLY D 90 31.35 -11.92 19.44
CA GLY D 90 32.16 -12.85 18.68
C GLY D 90 31.67 -13.03 17.25
N SER D 91 32.46 -13.79 16.50
CA SER D 91 32.13 -14.08 15.11
C SER D 91 32.46 -15.54 14.82
N PHE D 92 31.67 -16.13 13.94
CA PHE D 92 31.83 -17.52 13.52
C PHE D 92 32.20 -17.52 12.05
N HIS D 93 33.26 -18.24 11.70
CA HIS D 93 33.76 -18.28 10.34
C HIS D 93 33.23 -19.53 9.65
N CYS D 94 32.59 -19.35 8.51
CA CYS D 94 32.12 -20.45 7.69
C CYS D 94 33.06 -20.60 6.50
N THR D 95 33.73 -21.76 6.43
CA THR D 95 34.67 -22.00 5.34
C THR D 95 33.98 -21.80 3.99
N ASN D 96 32.78 -22.35 3.83
CA ASN D 96 32.04 -22.29 2.58
C ASN D 96 32.94 -22.71 1.41
N THR D 97 33.59 -23.87 1.58
CA THR D 97 34.66 -24.33 0.70
C THR D 97 34.31 -24.17 -0.77
N GLY D 98 34.95 -23.22 -1.43
CA GLY D 98 34.81 -23.02 -2.85
C GLY D 98 33.82 -21.97 -3.29
N TYR D 99 33.15 -21.29 -2.37
CA TYR D 99 32.09 -20.37 -2.73
C TYR D 99 32.07 -19.16 -1.79
N LYS D 100 33.23 -18.55 -1.56
CA LYS D 100 33.41 -17.33 -0.78
C LYS D 100 33.03 -17.51 0.69
N PRO D 101 34.00 -17.49 1.59
CA PRO D 101 33.68 -17.64 3.02
C PRO D 101 33.01 -16.39 3.58
N LEU D 102 32.37 -16.56 4.74
CA LEU D 102 31.57 -15.53 5.37
C LEU D 102 31.74 -15.59 6.89
N TYR D 103 31.72 -14.42 7.52
CA TYR D 103 31.68 -14.30 8.97
C TYR D 103 30.26 -13.96 9.41
N ILE D 104 29.77 -14.66 10.44
CA ILE D 104 28.45 -14.39 10.99
C ILE D 104 28.60 -14.12 12.48
N LEU D 105 27.55 -13.52 13.07
CA LEU D 105 27.51 -13.27 14.50
C LEU D 105 27.55 -14.58 15.28
N SER D 106 28.29 -14.56 16.40
CA SER D 106 28.30 -15.72 17.30
C SER D 106 26.91 -16.07 17.78
N SER D 107 26.04 -15.06 17.93
CA SER D 107 24.68 -15.29 18.40
C SER D 107 23.87 -16.13 17.43
N ARG D 108 24.35 -16.29 16.20
CA ARG D 108 23.66 -17.09 15.21
C ARG D 108 24.25 -18.48 15.05
N VAL D 109 25.13 -18.89 15.97
CA VAL D 109 25.63 -20.26 16.02
C VAL D 109 24.63 -21.10 16.80
N ASN D 110 24.14 -22.16 16.17
CA ASN D 110 23.17 -23.06 16.79
C ASN D 110 21.93 -22.32 17.30
N ASP D 111 21.46 -21.34 16.51
CA ASP D 111 20.19 -20.68 16.78
C ASP D 111 19.02 -21.35 16.09
N GLY D 112 19.26 -22.46 15.38
CA GLY D 112 18.21 -23.12 14.63
C GLY D 112 17.95 -22.55 13.25
N VAL D 113 18.73 -21.55 12.81
CA VAL D 113 18.54 -20.89 11.53
C VAL D 113 19.78 -21.12 10.69
N CYS D 114 19.60 -21.48 9.42
CA CYS D 114 20.71 -21.71 8.52
C CYS D 114 21.26 -20.38 8.04
N ASP D 115 22.44 -20.00 8.53
CA ASP D 115 23.07 -18.73 8.17
C ASP D 115 24.19 -18.89 7.15
N CYS D 116 24.83 -20.06 7.12
CA CYS D 116 25.92 -20.30 6.18
C CYS D 116 25.48 -21.33 5.14
N CYS D 117 25.88 -21.11 3.90
CA CYS D 117 25.48 -22.03 2.84
C CYS D 117 26.01 -23.43 3.07
N ASP D 118 27.15 -23.56 3.77
CA ASP D 118 27.65 -24.90 4.06
C ASP D 118 27.02 -25.50 5.31
N GLY D 119 26.21 -24.74 6.05
CA GLY D 119 25.46 -25.25 7.18
C GLY D 119 26.24 -25.53 8.44
N THR D 120 27.53 -25.15 8.49
CA THR D 120 28.34 -25.49 9.66
C THR D 120 27.99 -24.67 10.90
N ASP D 121 27.22 -23.58 10.76
CA ASP D 121 26.81 -22.83 11.94
C ASP D 121 25.79 -23.58 12.77
N GLU D 122 25.16 -24.62 12.22
CA GLU D 122 24.18 -25.44 12.93
C GLU D 122 24.75 -26.84 13.05
N TYR D 123 25.43 -27.11 14.17
CA TYR D 123 26.00 -28.43 14.42
C TYR D 123 25.44 -29.11 15.66
N ASN D 124 24.59 -28.44 16.45
CA ASN D 124 24.04 -29.03 17.65
C ASN D 124 22.75 -28.32 18.06
N SER D 125 21.79 -28.20 17.14
CA SER D 125 20.59 -27.42 17.38
C SER D 125 19.30 -28.10 16.96
N GLY D 126 19.36 -29.27 16.33
CA GLY D 126 18.17 -29.90 15.80
C GLY D 126 17.77 -29.46 14.41
N THR D 127 18.38 -28.39 13.89
CA THR D 127 18.16 -27.94 12.52
C THR D 127 19.30 -28.48 11.66
N VAL D 128 18.96 -29.28 10.66
CA VAL D 128 19.93 -29.81 9.71
C VAL D 128 19.91 -28.91 8.48
N CYS D 129 21.01 -28.20 8.24
CA CYS D 129 21.15 -27.34 7.08
C CYS D 129 21.87 -28.10 5.97
N GLU D 130 21.29 -28.08 4.78
CA GLU D 130 21.93 -28.65 3.60
C GLU D 130 22.86 -27.64 2.96
N ASN D 131 23.86 -28.14 2.23
CA ASN D 131 24.79 -27.26 1.56
C ASN D 131 24.13 -26.63 0.33
N THR D 132 24.15 -25.30 0.27
CA THR D 132 23.55 -24.57 -0.84
C THR D 132 24.54 -23.60 -1.47
N CYS D 133 25.84 -23.83 -1.29
CA CYS D 133 26.83 -22.88 -1.77
C CYS D 133 26.91 -22.84 -3.30
N ARG D 134 26.45 -23.88 -3.98
CA ARG D 134 26.43 -23.88 -5.44
C ARG D 134 25.11 -23.31 -5.96
C1 PGE E . -14.06 -13.57 -42.72
O1 PGE E . -14.29 -13.64 -44.12
C2 PGE E . -14.17 -12.13 -42.27
O2 PGE E . -14.02 -12.06 -40.86
C3 PGE E . -14.97 -11.25 -40.23
C4 PGE E . -14.78 -11.36 -38.73
O4 PGE E . -18.97 -13.39 -37.90
C6 PGE E . -18.08 -12.37 -37.48
C5 PGE E . -16.96 -12.25 -38.48
O3 PGE E . -16.03 -11.28 -38.07
C1 EDO F . -9.64 -14.05 -53.09
O1 EDO F . -10.97 -14.19 -52.56
C2 EDO F . -8.87 -13.07 -52.21
O2 EDO F . -9.68 -11.90 -52.00
C1 EDO G . -0.02 10.07 -52.71
O1 EDO G . 0.83 8.93 -52.91
C2 EDO G . 0.15 10.53 -51.27
O2 EDO G . 1.53 10.83 -51.02
C1 EDO H . -15.57 11.92 -33.60
O1 EDO H . -14.94 10.69 -33.17
C2 EDO H . -16.75 12.23 -32.69
O2 EDO H . -17.47 13.35 -33.21
C1 EDO I . -1.57 21.32 -40.99
O1 EDO I . -0.18 21.58 -41.23
C2 EDO I . -1.97 20.06 -41.73
O2 EDO I . -3.39 20.01 -41.85
C1 EDO J . -14.85 -21.16 -38.25
O1 EDO J . -13.45 -21.45 -38.41
C2 EDO J . -15.21 -19.96 -39.13
O2 EDO J . -16.49 -19.45 -38.73
C1 PGE K . 23.98 1.30 -34.12
O1 PGE K . 24.28 2.25 -35.13
C2 PGE K . 23.39 2.00 -32.92
O2 PGE K . 24.39 2.77 -32.27
C3 PGE K . 23.95 3.41 -31.10
C4 PGE K . 25.11 4.14 -30.45
O4 PGE K . 27.66 5.83 -33.22
C6 PGE K . 27.45 6.49 -31.98
C5 PGE K . 27.00 5.49 -30.94
O3 PGE K . 25.92 4.72 -31.45
C1 PEG L . 26.94 7.98 -37.42
O1 PEG L . 27.57 7.17 -36.49
C2 PEG L . 27.70 9.30 -37.56
O2 PEG L . 27.24 9.98 -38.69
C3 PEG L . 28.13 10.95 -39.17
C4 PEG L . 29.30 10.27 -39.86
O4 PEG L . 30.25 11.23 -40.25
C1 EDO M . 25.87 10.08 -34.15
O1 EDO M . 24.52 9.87 -33.72
C2 EDO M . 26.65 10.81 -33.07
O2 EDO M . 26.57 10.09 -31.82
C1 PGE N . 9.58 27.01 -2.94
O1 PGE N . 8.57 27.54 -3.77
C2 PGE N . 10.18 25.79 -3.62
O2 PGE N . 10.66 26.17 -4.89
C3 PGE N . 11.57 25.24 -5.44
C4 PGE N . 12.52 25.99 -6.36
O4 PGE N . 10.86 28.56 -9.30
C6 PGE N . 11.80 27.53 -9.62
C5 PGE N . 12.62 27.20 -8.38
O3 PGE N . 11.79 26.61 -7.40
C1 EDO O . 13.33 25.85 -13.93
O1 EDO O . 14.48 26.40 -14.57
C2 EDO O . 12.58 26.96 -13.20
O2 EDO O . 13.51 27.70 -12.41
C1 PEG P . 13.77 26.35 -18.22
O1 PEG P . 14.95 25.73 -18.65
C2 PEG P . 13.22 27.22 -19.35
O2 PEG P . 11.84 27.37 -19.21
C3 PEG P . 11.17 27.62 -20.41
C4 PEG P . 11.72 26.71 -21.53
O4 PEG P . 12.39 27.49 -22.49
C1 EDO Q . 3.70 -8.12 -6.18
O1 EDO Q . 4.04 -8.90 -7.33
C2 EDO Q . 4.92 -7.31 -5.74
O2 EDO Q . 5.92 -8.17 -5.18
C1 PEG R . 1.74 -11.40 -8.01
O1 PEG R . 3.14 -11.33 -8.06
C2 PEG R . 1.30 -12.84 -8.30
O2 PEG R . -0.03 -12.84 -8.74
C3 PEG R . -0.51 -14.10 -9.10
C4 PEG R . -1.97 -13.96 -9.52
O4 PEG R . -2.58 -12.99 -8.72
C1 PEG S . -0.70 39.54 -43.10
O1 PEG S . -1.10 38.76 -44.19
C2 PEG S . -0.58 41.00 -43.55
O2 PEG S . -0.42 41.82 -42.44
C3 PEG S . -1.60 42.41 -41.97
C4 PEG S . -1.80 43.76 -42.66
O4 PEG S . -0.69 44.57 -42.43
C1 EDO T . -7.32 35.47 -40.64
O1 EDO T . -6.03 35.06 -41.11
C2 EDO T . -7.13 36.66 -39.71
O2 EDO T . -8.39 37.30 -39.49
C1 PEG U . -21.67 13.64 -13.37
O1 PEG U . -21.14 14.53 -14.30
C2 PEG U . -20.57 13.07 -12.49
O2 PEG U . -19.56 14.03 -12.32
C3 PEG U . -19.60 14.71 -11.09
C4 PEG U . -18.34 15.56 -10.93
O4 PEG U . -18.24 16.50 -11.97
C1 EDO V . 16.02 -16.18 -43.67
O1 EDO V . 17.16 -16.77 -43.02
C2 EDO V . 16.13 -16.37 -45.17
O2 EDO V . 14.95 -15.86 -45.81
C1 EDO W . 16.89 -11.29 -35.71
O1 EDO W . 17.29 -12.66 -35.68
C2 EDO W . 18.02 -10.41 -35.19
O2 EDO W . 18.32 -10.81 -33.86
C1 PEG X . -12.63 26.16 -8.02
O1 PEG X . -12.73 24.96 -7.29
C2 PEG X . -11.49 26.05 -9.03
O2 PEG X . -11.81 25.12 -10.03
C3 PEG X . -11.07 25.29 -11.22
C4 PEG X . -11.95 24.97 -12.42
O4 PEG X . -11.52 25.69 -13.54
C1 PGE Y . 5.75 -12.34 -77.91
O1 PGE Y . 6.55 -11.69 -78.91
C2 PGE Y . 4.48 -12.82 -78.60
O2 PGE Y . 3.41 -12.76 -77.68
C3 PGE Y . 2.51 -11.73 -78.00
C4 PGE Y . 1.20 -11.88 -77.25
O4 PGE Y . -0.84 -15.34 -75.09
C6 PGE Y . -0.75 -14.68 -76.34
C5 PGE Y . 0.59 -14.00 -76.44
O3 PGE Y . 0.61 -13.13 -77.55
C1 EDO Z . -2.49 36.92 -21.08
O1 EDO Z . -2.10 37.80 -20.02
C2 EDO Z . -3.99 36.66 -21.04
O2 EDO Z . -4.33 35.88 -22.19
C1 PGE AA . -2.03 45.97 -21.18
O1 PGE AA . -1.34 47.13 -21.61
C2 PGE AA . -1.35 44.74 -21.75
O2 PGE AA . -2.12 44.22 -22.82
C3 PGE AA . -1.42 43.26 -23.60
C4 PGE AA . -2.40 42.17 -24.02
O4 PGE AA . -4.55 42.23 -27.94
C6 PGE AA . -4.93 42.19 -26.58
C5 PGE AA . -3.83 41.52 -25.78
O3 PGE AA . -2.93 42.50 -25.29
C1 EDO BA . 31.40 23.02 -40.59
O1 EDO BA . 32.21 22.74 -39.44
C2 EDO BA . 31.24 21.74 -41.41
O2 EDO BA . 30.66 22.07 -42.69
C1 EDO CA . -5.40 25.75 -25.98
O1 EDO CA . -6.40 25.12 -25.18
C2 EDO CA . -4.84 24.72 -26.97
O2 EDO CA . -4.50 25.41 -28.17
C1 EDO DA . -12.32 -23.14 -18.17
O1 EDO DA . -13.64 -23.14 -18.73
C2 EDO DA . -11.44 -22.14 -18.91
O2 EDO DA . -11.84 -20.79 -18.61
C1 EDO EA . -12.09 2.97 -36.08
O1 EDO EA . -13.07 3.84 -35.52
C2 EDO EA . -10.76 3.72 -36.24
O2 EDO EA . -11.05 5.08 -35.89
C1 PEG FA . 15.52 -4.02 -6.85
O1 PEG FA . 16.66 -3.63 -6.12
C2 PEG FA . 14.26 -3.77 -6.00
O2 PEG FA . 13.14 -4.21 -6.70
C3 PEG FA . 12.22 -3.20 -6.99
C4 PEG FA . 11.25 -3.67 -8.07
O4 PEG FA . 11.94 -4.30 -9.11
C1 EDO GA . 19.58 -2.95 -29.35
O1 EDO GA . 20.64 -3.28 -28.45
C2 EDO GA . 19.92 -1.65 -30.08
O2 EDO GA . 19.68 -0.54 -29.21
C1 EDO HA . -2.67 -20.76 -68.88
O1 EDO HA . -1.55 -20.62 -67.99
C2 EDO HA . -3.44 -22.03 -68.52
O2 EDO HA . -4.63 -21.68 -67.80
C1 EDO IA . 5.26 23.54 -35.43
O1 EDO IA . 4.71 24.15 -34.25
C2 EDO IA . 6.43 24.38 -35.91
O2 EDO IA . 6.29 24.58 -37.32
C1 EDO JA . 18.98 -5.35 -43.42
O1 EDO JA . 19.98 -5.02 -42.45
C2 EDO JA . 18.04 -4.17 -43.57
O2 EDO JA . 17.84 -3.53 -42.29
C1 EDO KA . 23.51 32.55 -39.94
O1 EDO KA . 23.25 32.02 -41.24
C2 EDO KA . 22.94 33.97 -39.85
O2 EDO KA . 21.66 34.01 -40.49
C1 EDO LA . -16.22 28.58 -37.54
O1 EDO LA . -14.88 28.96 -37.88
C2 EDO LA . -16.37 28.65 -36.02
O2 EDO LA . -16.00 29.97 -35.58
C1 EDO MA . -7.79 7.21 6.18
O1 EDO MA . -8.51 5.97 6.15
C2 EDO MA . -6.66 7.16 5.15
O2 EDO MA . -6.13 8.46 4.95
C1 EDO NA . 21.46 1.30 -12.31
O1 EDO NA . 22.73 1.87 -12.66
C2 EDO NA . 20.80 2.16 -11.25
O2 EDO NA . 20.90 3.53 -11.66
N1 XOD OA . 3.21 -4.91 -14.96
N3 XOD OA . 2.50 -17.72 -12.89
C4 XOD OA . 2.03 -3.20 -16.09
C5 XOD OA . 1.87 -4.57 -15.44
C6 XOD OA . 0.90 -4.48 -14.25
C7 XOD OA . 0.23 -3.15 -12.21
C8 XOD OA . 3.16 -6.24 -14.41
C10 XOD OA . 4.96 -7.10 -12.82
C13 XOD OA . 4.14 -10.55 -12.01
C15 XOD OA . 4.82 -14.12 -12.09
C17 XOD OA . 2.85 -15.46 -11.90
C20 XOD OA . 2.10 -16.79 -12.04
C21 XOD OA . 1.85 -18.86 -13.03
C22 XOD OA . 0.71 -19.09 -12.27
C1 XOD OA . 1.32 -3.38 -13.26
C11 XOD OA . 5.50 -8.53 -12.69
C12 XOD OA . 4.81 -9.27 -11.53
C14 XOD OA . 4.14 -13.01 -11.62
C16 XOD OA . 4.19 -15.35 -12.23
C18 XOD OA . 2.17 -14.34 -11.42
C19 XOD OA . 2.82 -13.12 -11.28
C2 XOD OA . 1.59 -2.03 -13.93
C23 XOD OA . 0.32 -18.08 -11.40
C3 XOD OA . 2.60 -2.21 -15.06
C9 XOD OA . 4.58 -6.79 -14.26
N2 XOD OA . 4.83 -11.72 -11.48
N4 XOD OA . 1.02 -16.96 -11.31
N5 XOD OA . 6.21 -13.97 -12.43
O1 XOD OA . 2.51 -3.78 -12.64
O2 XOD OA . -1.01 -2.97 -12.86
O3 XOD OA . 2.74 -0.97 -15.70
O4 XOD OA . 2.95 -3.31 -17.16
O5 XOD OA . 2.16 -1.18 -12.97
O6 XOD OA . 6.70 -14.48 -13.65
O7 XOD OA . 7.06 -13.33 -11.52
S SO4 PA . -10.67 21.38 -43.35
O1 SO4 PA . -11.82 20.51 -43.12
O2 SO4 PA . -10.71 22.50 -42.41
O3 SO4 PA . -9.44 20.61 -43.16
O4 SO4 PA . -10.71 21.88 -44.73
S SO4 QA . -10.58 19.59 -39.25
O1 SO4 QA . -11.04 18.25 -38.91
O2 SO4 QA . -11.59 20.58 -38.88
O3 SO4 QA . -9.34 19.88 -38.54
O4 SO4 QA . -10.35 19.67 -40.70
S SO4 RA . -5.88 -14.44 -79.00
O1 SO4 RA . -5.93 -13.52 -77.86
O2 SO4 RA . -6.59 -15.68 -78.66
O3 SO4 RA . -4.49 -14.75 -79.33
O4 SO4 RA . -6.53 -13.81 -80.14
S SO4 SA . -18.63 4.91 -4.88
O1 SO4 SA . -20.00 4.40 -4.95
O2 SO4 SA . -18.56 6.03 -3.93
O3 SO4 SA . -18.21 5.39 -6.19
O4 SO4 SA . -17.72 3.84 -4.45
CA CA TA . 6.22 45.38 -17.67
CA CA UA . -4.30 31.38 -8.67
O1 PG4 VA . 14.38 34.11 -23.88
C1 PG4 VA . 13.06 34.53 -23.61
C2 PG4 VA . 12.88 34.73 -22.10
O2 PG4 VA . 11.53 34.89 -21.81
C3 PG4 VA . 11.22 35.06 -20.45
C4 PG4 VA . 11.80 36.38 -19.95
O3 PG4 VA . 11.15 36.80 -18.78
C5 PG4 VA . 11.99 37.39 -17.83
C6 PG4 VA . 12.91 38.42 -18.50
O4 PG4 VA . 13.32 39.39 -17.59
C7 PG4 VA . 13.42 40.67 -18.15
C8 PG4 VA . 14.30 40.62 -19.41
O5 PG4 VA . 14.28 41.86 -20.06
C1 PEG WA . 10.37 33.37 -6.45
O1 PEG WA . 11.64 33.49 -7.04
C2 PEG WA . 10.05 34.62 -5.64
O2 PEG WA . 8.70 34.60 -5.26
C3 PEG WA . 8.35 33.53 -4.44
C4 PEG WA . 6.99 33.79 -3.78
O4 PEG WA . 6.77 32.86 -2.76
C1 EDO XA . 0.57 42.72 -5.83
O1 EDO XA . 1.64 41.81 -5.56
C2 EDO XA . -0.74 42.17 -5.26
O2 EDO XA . -1.83 42.99 -5.68
S SO4 YA . -12.64 36.00 -12.68
O1 SO4 YA . -13.37 34.74 -12.61
O2 SO4 YA . -13.20 36.94 -11.71
O3 SO4 YA . -11.23 35.76 -12.35
O4 SO4 YA . -12.77 36.55 -14.03
C1 EDO ZA . 23.85 -4.75 21.66
O1 EDO ZA . 24.93 -3.82 21.60
C2 EDO ZA . 22.61 -4.01 22.10
O2 EDO ZA . 22.99 -3.14 23.17
C1 PEG AB . 22.73 -30.31 46.65
O1 PEG AB . 24.08 -30.23 47.03
C2 PEG AB . 21.99 -29.10 47.20
O2 PEG AB . 20.61 -29.37 47.20
C3 PEG AB . 19.80 -28.24 47.24
C4 PEG AB . 18.33 -28.62 47.04
O4 PEG AB . 17.97 -29.59 47.99
C1 EDO BB . 11.66 -21.85 27.07
O1 EDO BB . 10.54 -22.24 26.26
C2 EDO BB . 11.12 -21.20 28.33
O2 EDO BB . 10.16 -22.09 28.90
C1 EDO CB . 4.54 -21.43 16.86
O1 EDO CB . 4.63 -21.95 15.53
C2 EDO CB . 4.45 -22.57 17.87
O2 EDO CB . 5.70 -23.27 17.90
C1 PGE DB . 24.14 -29.81 31.82
O1 PGE DB . 23.81 -31.03 32.49
C2 PGE DB . 25.63 -29.79 31.55
O2 PGE DB . 25.91 -28.81 30.58
C3 PGE DB . 26.98 -27.94 30.93
C4 PGE DB . 27.26 -27.02 29.76
O4 PGE DB . 31.52 -27.17 27.76
C6 PGE DB . 30.68 -27.33 28.90
C5 PGE DB . 29.32 -26.75 28.61
O3 PGE DB . 28.61 -26.62 29.84
C1 PEG EB . 17.72 -34.67 36.14
O1 PEG EB . 17.42 -34.60 37.50
C2 PEG EB . 18.55 -33.46 35.73
O2 PEG EB . 19.90 -33.81 35.69
C3 PEG EB . 20.46 -33.82 34.41
C4 PEG EB . 21.87 -34.40 34.46
O4 PEG EB . 22.61 -33.77 35.48
C1 EDO FB . 15.33 -32.80 40.59
O1 EDO FB . 16.49 -33.37 41.21
C2 EDO FB . 15.11 -31.38 41.12
O2 EDO FB . 14.14 -31.39 42.17
C1 PGE GB . 16.46 -33.36 32.74
O1 PGE GB . 15.06 -33.17 32.91
C2 PGE GB . 17.03 -32.25 31.87
O2 PGE GB . 16.79 -32.56 30.51
C3 PGE GB . 17.73 -33.45 29.94
C4 PGE GB . 18.95 -32.71 29.39
O4 PGE GB . 19.38 -31.51 25.44
C6 PGE GB . 20.09 -32.68 25.85
C5 PGE GB . 20.22 -32.72 27.37
O3 PGE GB . 18.94 -32.76 27.98
C1 EDO HB . -8.88 -20.37 34.03
O1 EDO HB . -9.85 -20.31 35.07
C2 EDO HB . -8.41 -18.97 33.71
O2 EDO HB . -7.30 -18.98 32.79
C1 EDO IB . 2.61 -20.10 41.11
O1 EDO IB . 1.71 -21.05 41.68
C2 EDO IB . 4.01 -20.33 41.66
O2 EDO IB . 4.83 -19.22 41.31
C1 PEG JB . 22.52 -10.75 18.21
O1 PEG JB . 23.37 -10.62 19.32
C2 PEG JB . 21.06 -10.52 18.59
O2 PEG JB . 20.48 -9.61 17.70
C3 PEG JB . 19.47 -10.15 16.90
C4 PEG JB . 20.09 -11.00 15.79
O4 PEG JB . 20.97 -10.20 15.05
C1 PEG KB . -0.33 -28.64 9.39
O1 PEG KB . 0.98 -28.17 9.59
C2 PEG KB . -1.15 -27.57 8.66
O2 PEG KB . -0.41 -27.07 7.58
C3 PEG KB . -0.78 -25.77 7.19
C4 PEG KB . 0.02 -25.35 5.96
O4 PEG KB . 1.36 -25.11 6.30
C1 EDO LB . 13.48 -24.25 12.27
O1 EDO LB . 12.31 -24.82 12.86
C2 EDO LB . 13.25 -24.01 10.79
O2 EDO LB . 14.49 -23.60 10.19
C1 EDO MB . -31.64 -13.66 42.08
O1 EDO MB . -32.09 -12.61 42.96
C2 EDO MB . -32.76 -14.68 41.91
O2 EDO MB . -33.95 -14.01 41.46
C1 EDO NB . -31.36 -12.56 68.84
O1 EDO NB . -32.41 -13.50 68.59
C2 EDO NB . -31.92 -11.14 68.88
O2 EDO NB . -30.85 -10.21 69.02
C1 EDO OB . -7.10 -26.14 26.47
O1 EDO OB . -7.42 -24.99 27.27
C2 EDO OB . -6.55 -27.26 27.35
O2 EDO OB . -6.41 -28.45 26.58
C1 PEG PB . -13.90 -16.38 -0.04
O1 PEG PB . -15.00 -16.39 -0.91
C2 PEG PB . -14.37 -16.66 1.40
O2 PEG PB . -13.34 -17.21 2.16
C3 PEG PB . -13.42 -18.60 2.30
C4 PEG PB . -12.03 -19.20 2.39
O4 PEG PB . -11.35 -18.63 3.48
C1 EDO QB . 8.60 -15.49 45.28
O1 EDO QB . 9.86 -16.14 45.39
C2 EDO QB . 7.50 -16.53 45.05
O2 EDO QB . 6.25 -15.87 44.81
C1 PEG RB . 25.25 -3.32 16.68
O1 PEG RB . 25.29 -4.36 17.63
C2 PEG RB . 25.21 -3.90 15.27
O2 PEG RB . 24.85 -2.89 14.38
C3 PEG RB . 25.35 -3.07 13.08
C4 PEG RB . 24.66 -4.24 12.40
O4 PEG RB . 25.51 -4.83 11.46
C1 PGE SB . 5.20 13.19 40.73
O1 PGE SB . 5.48 13.73 42.01
C2 PGE SB . 5.69 14.14 39.65
O2 PGE SB . 5.28 13.69 38.39
C3 PGE SB . 3.89 13.80 38.18
C4 PGE SB . 3.39 12.59 37.42
O4 PGE SB . -0.42 11.88 40.14
C6 PGE SB . 0.03 12.04 38.79
C5 PGE SB . 1.47 12.49 38.81
O3 PGE SB . 1.98 12.53 37.49
C1 EDO TB . -16.96 -23.04 8.08
O1 EDO TB . -17.03 -24.46 8.02
C2 EDO TB . -16.54 -22.62 9.48
O2 EDO TB . -17.33 -23.34 10.44
C1 EDO UB . 10.83 -13.32 39.99
O1 EDO UB . 11.58 -14.14 40.89
C2 EDO UB . 10.26 -14.18 38.87
O2 EDO UB . 11.30 -14.62 37.99
C1 EDO VB . 10.65 8.27 12.67
O1 EDO VB . 10.78 9.24 13.72
C2 EDO VB . 11.49 8.69 11.47
O2 EDO VB . 11.80 7.54 10.67
C1 EDO WB . 18.03 12.74 27.13
O1 EDO WB . 16.88 12.60 27.97
C2 EDO WB . 17.64 13.46 25.86
O2 EDO WB . 18.74 13.45 24.95
C1 EDO XB . -14.35 13.93 35.44
O1 EDO XB . -13.52 12.83 35.79
C2 EDO XB . -15.54 13.96 36.39
O2 EDO XB . -16.05 12.63 36.51
C1 EDO YB . -28.41 -15.70 15.57
O1 EDO YB . -28.09 -15.39 16.93
C2 EDO YB . -29.71 -15.01 15.18
O2 EDO YB . -29.63 -13.63 15.53
C1 EDO ZB . 4.78 -0.86 53.14
O1 EDO ZB . 4.91 0.54 52.89
C2 EDO ZB . 3.32 -1.24 53.31
O2 EDO ZB . 2.40 -0.14 53.05
C1 EDO AC . -34.95 -1.74 14.51
O1 EDO AC . -35.35 -2.64 13.46
C2 EDO AC . -33.54 -2.10 14.96
O2 EDO AC . -33.45 -3.53 15.12
N1 XOD BC . -8.01 1.87 14.06
N3 XOD BC . -17.50 6.46 7.11
C4 XOD BC . -7.17 -0.19 14.82
C5 XOD BC . -8.29 0.45 14.00
C6 XOD BC . -8.27 0.01 12.53
C7 XOD BC . -6.80 -0.71 10.61
C8 XOD BC . -8.69 2.54 12.97
C10 XOD BC . -9.37 4.87 12.41
C13 XOD BC . -11.14 6.50 10.89
C15 XOD BC . -13.94 8.35 9.63
C17 XOD BC . -15.77 7.14 8.69
C20 XOD BC . -17.23 7.07 8.25
C21 XOD BC . -18.73 6.35 6.66
C22 XOD BC . -19.77 6.91 7.41
C1 XOD BC . -6.86 0.04 11.93
C11 XOD BC . -8.86 5.49 11.11
C12 XOD BC . -9.64 6.77 10.87
C14 XOD BC . -13.12 7.25 9.49
C16 XOD BC . -15.27 8.31 9.24
C18 XOD BC . -14.95 6.04 8.54
C19 XOD BC . -13.61 6.09 8.94
C2 XOD BC . -5.79 -0.57 12.84
C23 XOD BC . -19.43 7.54 8.60
C3 XOD BC . -5.82 0.12 14.19
C9 XOD BC . -8.28 4.00 13.04
N2 XOD BC . -11.73 7.37 9.90
N4 XOD BC . -18.17 7.61 8.99
N5 XOD BC . -13.40 9.56 10.19
O1 XOD BC . -6.46 1.37 11.71
O2 XOD BC . -7.22 -2.02 10.85
O3 XOD BC . -4.83 -0.49 14.97
O4 XOD BC . -7.14 0.37 16.11
O5 XOD BC . -4.53 -0.28 12.32
O6 XOD BC . -12.22 10.08 9.64
O7 XOD BC . -14.03 10.19 11.28
O1 PG4 CC . 34.04 -10.40 31.13
C1 PG4 CC . 34.35 -11.55 30.40
C2 PG4 CC . 34.50 -11.17 28.92
O2 PG4 CC . 33.35 -10.52 28.47
C3 PG4 CC . 32.23 -11.36 28.41
C4 PG4 CC . 30.94 -10.55 28.58
O3 PG4 CC . 29.84 -11.34 28.24
C5 PG4 CC . 28.60 -10.77 28.58
C6 PG4 CC . 28.05 -11.46 29.82
O4 PG4 CC . 27.26 -10.57 30.56
C7 PG4 CC . 27.69 -10.42 31.89
C8 PG4 CC . 26.68 -9.56 32.66
O5 PG4 CC . 27.19 -9.26 33.92
S SO4 DC . -1.12 -0.73 -0.22
O1 SO4 DC . -0.30 -0.55 0.97
O2 SO4 DC . -2.43 -0.09 -0.02
O3 SO4 DC . -0.46 -0.12 -1.37
O4 SO4 DC . -1.33 -2.15 -0.47
S SO4 EC . 2.64 1.66 0.40
O1 SO4 EC . 1.74 1.22 1.47
O2 SO4 EC . 2.67 3.13 0.36
O3 SO4 EC . 3.98 1.15 0.66
O4 SO4 EC . 2.19 1.13 -0.88
S SO4 FC . 21.57 -7.28 27.49
O1 SO4 FC . 21.17 -7.16 28.89
O2 SO4 FC . 21.59 -5.95 26.88
O3 SO4 FC . 22.89 -7.89 27.40
O4 SO4 FC . 20.61 -8.12 26.77
S SO4 GC . -34.29 -9.42 3.23
O1 SO4 GC . -35.68 -9.86 3.22
O2 SO4 GC . -34.12 -8.39 4.24
O3 SO4 GC . -33.43 -10.57 3.55
O4 SO4 GC . -33.92 -8.89 1.93
S SO4 HC . -4.60 -19.03 -0.84
O1 SO4 HC . -4.07 -19.77 0.31
O2 SO4 HC . -6.04 -18.84 -0.67
O3 SO4 HC . -3.92 -17.74 -0.90
O4 SO4 HC . -4.32 -19.79 -2.06
CA CA IC . 35.66 -19.62 27.23
CA CA JC . 22.53 -20.16 12.55
C1 PGE KC . 29.81 -10.37 11.76
O1 PGE KC . 30.25 -10.36 10.40
C2 PGE KC . 30.99 -10.10 12.65
O2 PGE KC . 30.62 -10.26 14.00
C3 PGE KC . 31.31 -9.39 14.89
C4 PGE KC . 30.46 -8.17 15.17
O4 PGE KC . 27.07 -7.15 18.32
C6 PGE KC . 28.40 -7.64 18.18
C5 PGE KC . 28.86 -7.43 16.75
O3 PGE KC . 30.01 -8.20 16.51
C1 EDO LC . 21.69 -31.05 13.87
O1 EDO LC . 21.47 -31.19 15.28
C2 EDO LC . 22.63 -29.86 13.64
O2 EDO LC . 22.15 -28.74 14.38
#